data_8FDX
# 
_entry.id   8FDX 
# 
_audit_conform.dict_name       mmcif_pdbx.dic 
_audit_conform.dict_version    5.380 
_audit_conform.dict_location   http://mmcif.pdb.org/dictionaries/ascii/mmcif_pdbx.dic 
# 
loop_
_database_2.database_id 
_database_2.database_code 
_database_2.pdbx_database_accession 
_database_2.pdbx_DOI 
PDB   8FDX         pdb_00008fdx 10.2210/pdb8fdx/pdb 
WWPDB D_1000270408 ?            ?                   
# 
_pdbx_database_status.status_code                     REL 
_pdbx_database_status.status_code_sf                  REL 
_pdbx_database_status.status_code_mr                  ? 
_pdbx_database_status.entry_id                        8FDX 
_pdbx_database_status.recvd_initial_deposition_date   2022-12-05 
_pdbx_database_status.SG_entry                        N 
_pdbx_database_status.deposit_site                    RCSB 
_pdbx_database_status.process_site                    RCSB 
_pdbx_database_status.status_code_cs                  ? 
_pdbx_database_status.status_code_nmr_data            ? 
_pdbx_database_status.methods_development_category    ? 
_pdbx_database_status.pdb_format_compatible           Y 
# 
loop_
_audit_author.name 
_audit_author.pdbx_ordinal 
_audit_author.identifier_ORCID 
'Nyman, M.C.'      1 0000-0002-3424-8632 
'Wong-Roushar, J.' 2 0000-0002-3278-3711 
'Dann III, C.E.'   3 0000-0002-0117-9474 
# 
_citation.abstract                  ? 
_citation.abstract_id_CAS           ? 
_citation.book_id_ISBN              ? 
_citation.book_publisher            ? 
_citation.book_publisher_city       ? 
_citation.book_title                ? 
_citation.coordinate_linkage        ? 
_citation.country                   US 
_citation.database_id_Medline       ? 
_citation.details                   ? 
_citation.id                        primary 
_citation.journal_abbrev            'Acs Pharmacol Transl Sci' 
_citation.journal_id_ASTM           ? 
_citation.journal_id_CSD            ? 
_citation.journal_id_ISSN           2575-910 
_citation.journal_full              ? 
_citation.journal_issue             ? 
_citation.journal_volume            6 
_citation.language                  ? 
_citation.page_first                748 
_citation.page_last                 770 
_citation.title                     
;Multitargeted 6-Substituted Thieno[2,3- d ]pyrimidines as Folate Receptor-Selective Anticancer Agents that Inhibit Cytosolic and Mitochondrial One-Carbon Metabolism.
;
_citation.year                      2023 
_citation.database_id_CSD           ? 
_citation.pdbx_database_id_DOI      10.1021/acsptsci.3c00020 
_citation.pdbx_database_id_PubMed   37200803 
_citation.pdbx_database_id_patent   ? 
_citation.unpublished_flag          ? 
# 
loop_
_citation_author.citation_id 
_citation_author.name 
_citation_author.ordinal 
_citation_author.identifier_ORCID 
primary 'Tong, N.'           1  ? 
primary 'Wong-Roushar, J.'   2  ? 
primary 'Wallace-Povirk, A.' 3  ? 
primary 'Shah, Y.'           4  ? 
primary 'Nyman, M.C.'        5  ? 
primary 'Katinas, J.M.'      6  ? 
primary 'Schneider, M.'      7  ? 
primary 
;O'Connor, C.
;
8  ? 
primary 'Bao, X.'            9  ? 
primary 'Kim, S.'            10 ? 
primary 'Li, J.'             11 ? 
primary 'Hou, Z.'            12 ? 
primary 'Matherly, L.H.'     13 ? 
primary 'Dann 3rd, C.E.'     14 ? 
primary 'Gangjee, A.'        15 ? 
# 
_cell.angle_alpha                  90.00 
_cell.angle_alpha_esd              ? 
_cell.angle_beta                   90.00 
_cell.angle_beta_esd               ? 
_cell.angle_gamma                  120.00 
_cell.angle_gamma_esd              ? 
_cell.entry_id                     8FDX 
_cell.details                      ? 
_cell.formula_units_Z              ? 
_cell.length_a                     74.125 
_cell.length_a_esd                 ? 
_cell.length_b                     74.125 
_cell.length_b_esd                 ? 
_cell.length_c                     99.765 
_cell.length_c_esd                 ? 
_cell.volume                       ? 
_cell.volume_esd                   ? 
_cell.Z_PDB                        6 
_cell.reciprocal_angle_alpha       ? 
_cell.reciprocal_angle_beta        ? 
_cell.reciprocal_angle_gamma       ? 
_cell.reciprocal_angle_alpha_esd   ? 
_cell.reciprocal_angle_beta_esd    ? 
_cell.reciprocal_angle_gamma_esd   ? 
_cell.reciprocal_length_a          ? 
_cell.reciprocal_length_b          ? 
_cell.reciprocal_length_c          ? 
_cell.reciprocal_length_a_esd      ? 
_cell.reciprocal_length_b_esd      ? 
_cell.reciprocal_length_c_esd      ? 
_cell.pdbx_unique_axis             ? 
_cell.pdbx_esd_method              ? 
# 
_symmetry.entry_id                         8FDX 
_symmetry.cell_setting                     ? 
_symmetry.Int_Tables_number                154 
_symmetry.space_group_name_Hall            ? 
_symmetry.space_group_name_H-M             'P 32 2 1' 
_symmetry.pdbx_full_space_group_name_H-M   ? 
# 
loop_
_entity.id 
_entity.type 
_entity.src_method 
_entity.pdbx_description 
_entity.formula_weight 
_entity.pdbx_number_of_molecules 
_entity.pdbx_ec 
_entity.pdbx_mutation 
_entity.pdbx_fragment 
_entity.details 
1 polymer     man 'Trifunctional purine biosynthetic protein adenosine-3'                                                      
22810.139 1  6.3.4.13,6.3.3.1,2.1.2.2 ? 'UNP residues 808-1010' ? 
2 non-polymer syn 'GLYCINAMIDE RIBONUCLEOTIDE'                                                                                 
284.160   1  ?                        ? ?                       ? 
3 non-polymer syn 'N-{4-[3-(2-amino-4-oxo-3,4-dihydrothieno[2,3-d]pyrimidin-6-yl)propyl]thiophene-2-carbonyl}-L-glutamic acid' 
464.515   1  ?                        ? ?                       ? 
4 water       nat water                                                                                                        
18.015    91 ?                        ? ?                       ? 
# 
_entity_poly.entity_id                      1 
_entity_poly.type                           'polypeptide(L)' 
_entity_poly.nstd_linkage                   no 
_entity_poly.nstd_monomer                   no 
_entity_poly.pdbx_seq_one_letter_code       
;MARVAVLISGTGSNLQALIDSTREPNSSAQIDIVISNKAAVAGLDKAERAGIPTRVINHKLYKNRVEFDSAIDLVLEEFS
IDIVCLAGFMRILSGPFVQKWNGKMLNIHPSLLPSFKGSNAHEQALETGVTVTGCTVHFVAEDVDAGQIILQEAVPVKRG
DTVATLSERVKLAEHKIFPAALQLVASGTVQLGENGKICWVKEEHHHHHH
;
_entity_poly.pdbx_seq_one_letter_code_can   
;MARVAVLISGTGSNLQALIDSTREPNSSAQIDIVISNKAAVAGLDKAERAGIPTRVINHKLYKNRVEFDSAIDLVLEEFS
IDIVCLAGFMRILSGPFVQKWNGKMLNIHPSLLPSFKGSNAHEQALETGVTVTGCTVHFVAEDVDAGQIILQEAVPVKRG
DTVATLSERVKLAEHKIFPAALQLVASGTVQLGENGKICWVKEEHHHHHH
;
_entity_poly.pdbx_strand_id                 A 
_entity_poly.pdbx_target_identifier         ? 
# 
loop_
_entity_poly_seq.entity_id 
_entity_poly_seq.num 
_entity_poly_seq.mon_id 
_entity_poly_seq.hetero 
1 1   MET n 
1 2   ALA n 
1 3   ARG n 
1 4   VAL n 
1 5   ALA n 
1 6   VAL n 
1 7   LEU n 
1 8   ILE n 
1 9   SER n 
1 10  GLY n 
1 11  THR n 
1 12  GLY n 
1 13  SER n 
1 14  ASN n 
1 15  LEU n 
1 16  GLN n 
1 17  ALA n 
1 18  LEU n 
1 19  ILE n 
1 20  ASP n 
1 21  SER n 
1 22  THR n 
1 23  ARG n 
1 24  GLU n 
1 25  PRO n 
1 26  ASN n 
1 27  SER n 
1 28  SER n 
1 29  ALA n 
1 30  GLN n 
1 31  ILE n 
1 32  ASP n 
1 33  ILE n 
1 34  VAL n 
1 35  ILE n 
1 36  SER n 
1 37  ASN n 
1 38  LYS n 
1 39  ALA n 
1 40  ALA n 
1 41  VAL n 
1 42  ALA n 
1 43  GLY n 
1 44  LEU n 
1 45  ASP n 
1 46  LYS n 
1 47  ALA n 
1 48  GLU n 
1 49  ARG n 
1 50  ALA n 
1 51  GLY n 
1 52  ILE n 
1 53  PRO n 
1 54  THR n 
1 55  ARG n 
1 56  VAL n 
1 57  ILE n 
1 58  ASN n 
1 59  HIS n 
1 60  LYS n 
1 61  LEU n 
1 62  TYR n 
1 63  LYS n 
1 64  ASN n 
1 65  ARG n 
1 66  VAL n 
1 67  GLU n 
1 68  PHE n 
1 69  ASP n 
1 70  SER n 
1 71  ALA n 
1 72  ILE n 
1 73  ASP n 
1 74  LEU n 
1 75  VAL n 
1 76  LEU n 
1 77  GLU n 
1 78  GLU n 
1 79  PHE n 
1 80  SER n 
1 81  ILE n 
1 82  ASP n 
1 83  ILE n 
1 84  VAL n 
1 85  CYS n 
1 86  LEU n 
1 87  ALA n 
1 88  GLY n 
1 89  PHE n 
1 90  MET n 
1 91  ARG n 
1 92  ILE n 
1 93  LEU n 
1 94  SER n 
1 95  GLY n 
1 96  PRO n 
1 97  PHE n 
1 98  VAL n 
1 99  GLN n 
1 100 LYS n 
1 101 TRP n 
1 102 ASN n 
1 103 GLY n 
1 104 LYS n 
1 105 MET n 
1 106 LEU n 
1 107 ASN n 
1 108 ILE n 
1 109 HIS n 
1 110 PRO n 
1 111 SER n 
1 112 LEU n 
1 113 LEU n 
1 114 PRO n 
1 115 SER n 
1 116 PHE n 
1 117 LYS n 
1 118 GLY n 
1 119 SER n 
1 120 ASN n 
1 121 ALA n 
1 122 HIS n 
1 123 GLU n 
1 124 GLN n 
1 125 ALA n 
1 126 LEU n 
1 127 GLU n 
1 128 THR n 
1 129 GLY n 
1 130 VAL n 
1 131 THR n 
1 132 VAL n 
1 133 THR n 
1 134 GLY n 
1 135 CYS n 
1 136 THR n 
1 137 VAL n 
1 138 HIS n 
1 139 PHE n 
1 140 VAL n 
1 141 ALA n 
1 142 GLU n 
1 143 ASP n 
1 144 VAL n 
1 145 ASP n 
1 146 ALA n 
1 147 GLY n 
1 148 GLN n 
1 149 ILE n 
1 150 ILE n 
1 151 LEU n 
1 152 GLN n 
1 153 GLU n 
1 154 ALA n 
1 155 VAL n 
1 156 PRO n 
1 157 VAL n 
1 158 LYS n 
1 159 ARG n 
1 160 GLY n 
1 161 ASP n 
1 162 THR n 
1 163 VAL n 
1 164 ALA n 
1 165 THR n 
1 166 LEU n 
1 167 SER n 
1 168 GLU n 
1 169 ARG n 
1 170 VAL n 
1 171 LYS n 
1 172 LEU n 
1 173 ALA n 
1 174 GLU n 
1 175 HIS n 
1 176 LYS n 
1 177 ILE n 
1 178 PHE n 
1 179 PRO n 
1 180 ALA n 
1 181 ALA n 
1 182 LEU n 
1 183 GLN n 
1 184 LEU n 
1 185 VAL n 
1 186 ALA n 
1 187 SER n 
1 188 GLY n 
1 189 THR n 
1 190 VAL n 
1 191 GLN n 
1 192 LEU n 
1 193 GLY n 
1 194 GLU n 
1 195 ASN n 
1 196 GLY n 
1 197 LYS n 
1 198 ILE n 
1 199 CYS n 
1 200 TRP n 
1 201 VAL n 
1 202 LYS n 
1 203 GLU n 
1 204 GLU n 
1 205 HIS n 
1 206 HIS n 
1 207 HIS n 
1 208 HIS n 
1 209 HIS n 
1 210 HIS n 
# 
_entity_src_gen.entity_id                          1 
_entity_src_gen.pdbx_src_id                        1 
_entity_src_gen.pdbx_alt_source_flag               sample 
_entity_src_gen.pdbx_seq_type                      'Biological sequence' 
_entity_src_gen.pdbx_beg_seq_num                   1 
_entity_src_gen.pdbx_end_seq_num                   210 
_entity_src_gen.gene_src_common_name               human 
_entity_src_gen.gene_src_genus                     ? 
_entity_src_gen.pdbx_gene_src_gene                 'GART, PGFT, PRGS' 
_entity_src_gen.gene_src_species                   ? 
_entity_src_gen.gene_src_strain                    ? 
_entity_src_gen.gene_src_tissue                    ? 
_entity_src_gen.gene_src_tissue_fraction           ? 
_entity_src_gen.gene_src_details                   ? 
_entity_src_gen.pdbx_gene_src_fragment             ? 
_entity_src_gen.pdbx_gene_src_scientific_name      'Homo sapiens' 
_entity_src_gen.pdbx_gene_src_ncbi_taxonomy_id     9606 
_entity_src_gen.pdbx_gene_src_variant              ? 
_entity_src_gen.pdbx_gene_src_cell_line            ? 
_entity_src_gen.pdbx_gene_src_atcc                 ? 
_entity_src_gen.pdbx_gene_src_organ                ? 
_entity_src_gen.pdbx_gene_src_organelle            ? 
_entity_src_gen.pdbx_gene_src_cell                 ? 
_entity_src_gen.pdbx_gene_src_cellular_location    ? 
_entity_src_gen.host_org_common_name               ? 
_entity_src_gen.pdbx_host_org_scientific_name      
;Escherichia coli 'BL21-Gold(DE3)pLysS AG'
;
_entity_src_gen.pdbx_host_org_ncbi_taxonomy_id     866768 
_entity_src_gen.host_org_genus                     ? 
_entity_src_gen.pdbx_host_org_gene                 ? 
_entity_src_gen.pdbx_host_org_organ                ? 
_entity_src_gen.host_org_species                   ? 
_entity_src_gen.pdbx_host_org_tissue               ? 
_entity_src_gen.pdbx_host_org_tissue_fraction      ? 
_entity_src_gen.pdbx_host_org_strain               ? 
_entity_src_gen.pdbx_host_org_variant              ? 
_entity_src_gen.pdbx_host_org_cell_line            ? 
_entity_src_gen.pdbx_host_org_atcc                 ? 
_entity_src_gen.pdbx_host_org_culture_collection   ? 
_entity_src_gen.pdbx_host_org_cell                 ? 
_entity_src_gen.pdbx_host_org_organelle            ? 
_entity_src_gen.pdbx_host_org_cellular_location    ? 
_entity_src_gen.pdbx_host_org_vector_type          ? 
_entity_src_gen.pdbx_host_org_vector               ? 
_entity_src_gen.host_org_details                   ? 
_entity_src_gen.expression_system_id               ? 
_entity_src_gen.plasmid_name                       ? 
_entity_src_gen.plasmid_details                    ? 
_entity_src_gen.pdbx_description                   ? 
# 
_struct_ref.id                         1 
_struct_ref.db_name                    UNP 
_struct_ref.db_code                    PUR2_HUMAN 
_struct_ref.pdbx_db_accession          P22102 
_struct_ref.pdbx_db_isoform            ? 
_struct_ref.entity_id                  1 
_struct_ref.pdbx_seq_one_letter_code   
;ARVAVLISGTGSNLQALIDSTREPNSSAQIDIVISNKAAVAGLDKAERAGIPTRVINHKLYKNRVEFDSAIDLVLEEFSI
DIVCLAGFMRILSGPFVQKWNGKMLNIHPSLLPSFKGSNAHEQALETGVTVTGCTVHFVAEDVDAGQIILQEAVPVKRGD
TVATLSERVKLAEHKIFPAALQLVASGTVQLGENGKICWVKEE
;
_struct_ref.pdbx_align_begin           808 
# 
_struct_ref_seq.align_id                      1 
_struct_ref_seq.ref_id                        1 
_struct_ref_seq.pdbx_PDB_id_code              8FDX 
_struct_ref_seq.pdbx_strand_id                A 
_struct_ref_seq.seq_align_beg                 2 
_struct_ref_seq.pdbx_seq_align_beg_ins_code   ? 
_struct_ref_seq.seq_align_end                 204 
_struct_ref_seq.pdbx_seq_align_end_ins_code   ? 
_struct_ref_seq.pdbx_db_accession             P22102 
_struct_ref_seq.db_align_beg                  808 
_struct_ref_seq.pdbx_db_align_beg_ins_code    ? 
_struct_ref_seq.db_align_end                  1010 
_struct_ref_seq.pdbx_db_align_end_ins_code    ? 
_struct_ref_seq.pdbx_auth_seq_align_beg       808 
_struct_ref_seq.pdbx_auth_seq_align_end       1010 
# 
loop_
_struct_ref_seq_dif.align_id 
_struct_ref_seq_dif.pdbx_pdb_id_code 
_struct_ref_seq_dif.mon_id 
_struct_ref_seq_dif.pdbx_pdb_strand_id 
_struct_ref_seq_dif.seq_num 
_struct_ref_seq_dif.pdbx_pdb_ins_code 
_struct_ref_seq_dif.pdbx_seq_db_name 
_struct_ref_seq_dif.pdbx_seq_db_accession_code 
_struct_ref_seq_dif.db_mon_id 
_struct_ref_seq_dif.pdbx_seq_db_seq_num 
_struct_ref_seq_dif.details 
_struct_ref_seq_dif.pdbx_auth_seq_num 
_struct_ref_seq_dif.pdbx_ordinal 
1 8FDX MET A 1   ? UNP P22102 ? ? 'initiating methionine' 807  1 
1 8FDX HIS A 205 ? UNP P22102 ? ? 'expression tag'        1011 2 
1 8FDX HIS A 206 ? UNP P22102 ? ? 'expression tag'        1012 3 
1 8FDX HIS A 207 ? UNP P22102 ? ? 'expression tag'        1013 4 
1 8FDX HIS A 208 ? UNP P22102 ? ? 'expression tag'        1014 5 
1 8FDX HIS A 209 ? UNP P22102 ? ? 'expression tag'        1015 6 
1 8FDX HIS A 210 ? UNP P22102 ? ? 'expression tag'        1016 7 
# 
loop_
_chem_comp.id 
_chem_comp.type 
_chem_comp.mon_nstd_flag 
_chem_comp.name 
_chem_comp.pdbx_synonyms 
_chem_comp.formula 
_chem_comp.formula_weight 
ALA 'L-peptide linking' y ALANINE ? 'C3 H7 N O2'        89.093  
ARG 'L-peptide linking' y ARGININE ? 'C6 H15 N4 O2 1'    175.209 
ASN 'L-peptide linking' y ASPARAGINE ? 'C4 H8 N2 O3'       132.118 
ASP 'L-peptide linking' y 'ASPARTIC ACID' ? 'C4 H7 N O4'        133.103 
CYS 'L-peptide linking' y CYSTEINE ? 'C3 H7 N O2 S'      121.158 
GAR non-polymer         . 'GLYCINAMIDE RIBONUCLEOTIDE' ? 'C7 H13 N2 O8 P -2' 284.160 
GLN 'L-peptide linking' y GLUTAMINE ? 'C5 H10 N2 O3'      146.144 
GLU 'L-peptide linking' y 'GLUTAMIC ACID' ? 'C5 H9 N O4'        147.129 
GLY 'peptide linking'   y GLYCINE ? 'C2 H5 N O2'        75.067  
HIS 'L-peptide linking' y HISTIDINE ? 'C6 H10 N3 O2 1'    156.162 
HOH non-polymer         . WATER ? 'H2 O'              18.015  
ILE 'L-peptide linking' y ISOLEUCINE ? 'C6 H13 N O2'       131.173 
LEU 'L-peptide linking' y LEUCINE ? 'C6 H13 N O2'       131.173 
LYS 'L-peptide linking' y LYSINE ? 'C6 H15 N2 O2 1'    147.195 
MET 'L-peptide linking' y METHIONINE ? 'C5 H11 N O2 S'     149.211 
PHE 'L-peptide linking' y PHENYLALANINE ? 'C9 H11 N O2'       165.189 
PRO 'L-peptide linking' y PROLINE ? 'C5 H9 N O2'        115.130 
SER 'L-peptide linking' y SERINE ? 'C3 H7 N O3'        105.093 
THR 'L-peptide linking' y THREONINE ? 'C4 H9 N O3'        119.119 
TRP 'L-peptide linking' y TRYPTOPHAN ? 'C11 H12 N2 O2'     204.225 
TYR 'L-peptide linking' y TYROSINE ? 'C9 H11 N O3'       181.189 
VAL 'L-peptide linking' y VALINE ? 'C5 H11 N O2'       117.146 
XRR non-polymer         . 
'N-{4-[3-(2-amino-4-oxo-3,4-dihydrothieno[2,3-d]pyrimidin-6-yl)propyl]thiophene-2-carbonyl}-L-glutamic acid' ? 'C19 H20 N4 O6 S2'  
464.515 
# 
_exptl.absorpt_coefficient_mu     ? 
_exptl.absorpt_correction_T_max   ? 
_exptl.absorpt_correction_T_min   ? 
_exptl.absorpt_correction_type    ? 
_exptl.absorpt_process_details    ? 
_exptl.entry_id                   8FDX 
_exptl.crystals_number            1 
_exptl.details                    ? 
_exptl.method                     'X-RAY DIFFRACTION' 
_exptl.method_details             ? 
# 
_exptl_crystal.colour                       ? 
_exptl_crystal.density_diffrn               ? 
_exptl_crystal.density_Matthews             3.47 
_exptl_crystal.density_method               ? 
_exptl_crystal.density_percent_sol          64.54 
_exptl_crystal.description                  ? 
_exptl_crystal.F_000                        ? 
_exptl_crystal.id                           1 
_exptl_crystal.preparation                  ? 
_exptl_crystal.size_max                     ? 
_exptl_crystal.size_mid                     ? 
_exptl_crystal.size_min                     ? 
_exptl_crystal.size_rad                     ? 
_exptl_crystal.colour_lustre                ? 
_exptl_crystal.colour_modifier              ? 
_exptl_crystal.colour_primary               ? 
_exptl_crystal.density_meas                 ? 
_exptl_crystal.density_meas_esd             ? 
_exptl_crystal.density_meas_gt              ? 
_exptl_crystal.density_meas_lt              ? 
_exptl_crystal.density_meas_temp            ? 
_exptl_crystal.density_meas_temp_esd        ? 
_exptl_crystal.density_meas_temp_gt         ? 
_exptl_crystal.density_meas_temp_lt         ? 
_exptl_crystal.pdbx_crystal_image_url       ? 
_exptl_crystal.pdbx_crystal_image_format    ? 
_exptl_crystal.pdbx_mosaicity               ? 
_exptl_crystal.pdbx_mosaicity_esd           ? 
_exptl_crystal.pdbx_mosaic_method           ? 
_exptl_crystal.pdbx_mosaic_block_size       ? 
_exptl_crystal.pdbx_mosaic_block_size_esd   ? 
# 
_exptl_crystal_grow.apparatus       ? 
_exptl_crystal_grow.atmosphere      ? 
_exptl_crystal_grow.crystal_id      1 
_exptl_crystal_grow.details         ? 
_exptl_crystal_grow.method          'VAPOR DIFFUSION, HANGING DROP' 
_exptl_crystal_grow.method_ref      ? 
_exptl_crystal_grow.pH              7.5 
_exptl_crystal_grow.pressure        ? 
_exptl_crystal_grow.pressure_esd    ? 
_exptl_crystal_grow.seeding         ? 
_exptl_crystal_grow.seeding_ref     ? 
_exptl_crystal_grow.temp_details    ? 
_exptl_crystal_grow.temp_esd        ? 
_exptl_crystal_grow.time            ? 
_exptl_crystal_grow.pdbx_details    '0.1 M Tris-HCl, pH 7.5, 0.33 M sodium chloride, 16-21% PEG4000, 2% PEG400' 
_exptl_crystal_grow.pdbx_pH_range   ? 
_exptl_crystal_grow.temp            277 
# 
_diffrn.ambient_environment              ? 
_diffrn.ambient_temp                     100 
_diffrn.ambient_temp_details             ? 
_diffrn.ambient_temp_esd                 ? 
_diffrn.crystal_id                       1 
_diffrn.crystal_support                  ? 
_diffrn.crystal_treatment                ? 
_diffrn.details                          ? 
_diffrn.id                               1 
_diffrn.ambient_pressure                 ? 
_diffrn.ambient_pressure_esd             ? 
_diffrn.ambient_pressure_gt              ? 
_diffrn.ambient_pressure_lt              ? 
_diffrn.ambient_temp_gt                  ? 
_diffrn.ambient_temp_lt                  ? 
_diffrn.pdbx_serial_crystal_experiment   N 
# 
_diffrn_detector.details                      ? 
_diffrn_detector.detector                     CMOS 
_diffrn_detector.diffrn_id                    1 
_diffrn_detector.type                         'RDI CMOS_8M' 
_diffrn_detector.area_resol_mean              ? 
_diffrn_detector.dtime                        ? 
_diffrn_detector.pdbx_frames_total            ? 
_diffrn_detector.pdbx_collection_time_total   ? 
_diffrn_detector.pdbx_collection_date         2020-12-11 
_diffrn_detector.pdbx_frequency               ? 
# 
_diffrn_radiation.collimation                      ? 
_diffrn_radiation.diffrn_id                        1 
_diffrn_radiation.filter_edge                      ? 
_diffrn_radiation.inhomogeneity                    ? 
_diffrn_radiation.monochromator                    ? 
_diffrn_radiation.polarisn_norm                    ? 
_diffrn_radiation.polarisn_ratio                   ? 
_diffrn_radiation.probe                            ? 
_diffrn_radiation.type                             ? 
_diffrn_radiation.xray_symbol                      ? 
_diffrn_radiation.wavelength_id                    1 
_diffrn_radiation.pdbx_monochromatic_or_laue_m_l   M 
_diffrn_radiation.pdbx_wavelength_list             ? 
_diffrn_radiation.pdbx_wavelength                  ? 
_diffrn_radiation.pdbx_diffrn_protocol             'SINGLE WAVELENGTH' 
_diffrn_radiation.pdbx_analyzer                    ? 
_diffrn_radiation.pdbx_scattering_type             x-ray 
# 
_diffrn_radiation_wavelength.id           1 
_diffrn_radiation_wavelength.wavelength   1.000 
_diffrn_radiation_wavelength.wt           1.0 
# 
_diffrn_source.current                     ? 
_diffrn_source.details                     ? 
_diffrn_source.diffrn_id                   1 
_diffrn_source.power                       ? 
_diffrn_source.size                        ? 
_diffrn_source.source                      SYNCHROTRON 
_diffrn_source.target                      ? 
_diffrn_source.type                        'ALS BEAMLINE 4.2.2' 
_diffrn_source.voltage                     ? 
_diffrn_source.take-off_angle              ? 
_diffrn_source.pdbx_wavelength_list        1.000 
_diffrn_source.pdbx_wavelength             ? 
_diffrn_source.pdbx_synchrotron_beamline   4.2.2 
_diffrn_source.pdbx_synchrotron_site       ALS 
# 
_reflns.B_iso_Wilson_estimate                          ? 
_reflns.entry_id                                       8FDX 
_reflns.data_reduction_details                         ? 
_reflns.data_reduction_method                          ? 
_reflns.d_resolution_high                              2.07 
_reflns.d_resolution_low                               39.39 
_reflns.details                                        ? 
_reflns.limit_h_max                                    ? 
_reflns.limit_h_min                                    ? 
_reflns.limit_k_max                                    ? 
_reflns.limit_k_min                                    ? 
_reflns.limit_l_max                                    ? 
_reflns.limit_l_min                                    ? 
_reflns.number_all                                     ? 
_reflns.number_obs                                     19666 
_reflns.observed_criterion                             ? 
_reflns.observed_criterion_F_max                       ? 
_reflns.observed_criterion_F_min                       ? 
_reflns.observed_criterion_I_max                       ? 
_reflns.observed_criterion_I_min                       ? 
_reflns.observed_criterion_sigma_F                     ? 
_reflns.observed_criterion_sigma_I                     ? 
_reflns.percent_possible_obs                           99 
_reflns.R_free_details                                 ? 
_reflns.Rmerge_F_all                                   ? 
_reflns.Rmerge_F_obs                                   ? 
_reflns.Friedel_coverage                               ? 
_reflns.number_gt                                      ? 
_reflns.threshold_expression                           ? 
_reflns.pdbx_redundancy                                10.3 
_reflns.pdbx_netI_over_av_sigmaI                       ? 
_reflns.pdbx_netI_over_sigmaI                          10.3 
_reflns.pdbx_res_netI_over_av_sigmaI_2                 ? 
_reflns.pdbx_res_netI_over_sigmaI_2                    ? 
_reflns.pdbx_chi_squared                               ? 
_reflns.pdbx_scaling_rejects                           ? 
_reflns.pdbx_d_res_high_opt                            ? 
_reflns.pdbx_d_res_low_opt                             ? 
_reflns.pdbx_d_res_opt_method                          ? 
_reflns.phase_calculation_details                      ? 
_reflns.pdbx_Rrim_I_all                                0.161 
_reflns.pdbx_Rpim_I_all                                0.054 
_reflns.pdbx_d_opt                                     ? 
_reflns.pdbx_number_measured_all                       ? 
_reflns.pdbx_diffrn_id                                 1 
_reflns.pdbx_ordinal                                   1 
_reflns.pdbx_CC_half                                   0.997 
_reflns.pdbx_CC_star                                   ? 
_reflns.pdbx_R_split                                   ? 
_reflns.pdbx_Rmerge_I_obs                              ? 
_reflns.pdbx_Rmerge_I_all                              ? 
_reflns.pdbx_Rsym_value                                ? 
_reflns.pdbx_CC_split_method                           ? 
_reflns.pdbx_aniso_diffraction_limit_axis_1_ortho[1]   ? 
_reflns.pdbx_aniso_diffraction_limit_axis_1_ortho[2]   ? 
_reflns.pdbx_aniso_diffraction_limit_axis_1_ortho[3]   ? 
_reflns.pdbx_aniso_diffraction_limit_axis_2_ortho[1]   ? 
_reflns.pdbx_aniso_diffraction_limit_axis_2_ortho[2]   ? 
_reflns.pdbx_aniso_diffraction_limit_axis_2_ortho[3]   ? 
_reflns.pdbx_aniso_diffraction_limit_axis_3_ortho[1]   ? 
_reflns.pdbx_aniso_diffraction_limit_axis_3_ortho[2]   ? 
_reflns.pdbx_aniso_diffraction_limit_axis_3_ortho[3]   ? 
_reflns.pdbx_aniso_diffraction_limit_1                 ? 
_reflns.pdbx_aniso_diffraction_limit_2                 ? 
_reflns.pdbx_aniso_diffraction_limit_3                 ? 
_reflns.pdbx_aniso_B_tensor_eigenvector_1_ortho[1]     ? 
_reflns.pdbx_aniso_B_tensor_eigenvector_1_ortho[2]     ? 
_reflns.pdbx_aniso_B_tensor_eigenvector_1_ortho[3]     ? 
_reflns.pdbx_aniso_B_tensor_eigenvector_2_ortho[1]     ? 
_reflns.pdbx_aniso_B_tensor_eigenvector_2_ortho[2]     ? 
_reflns.pdbx_aniso_B_tensor_eigenvector_2_ortho[3]     ? 
_reflns.pdbx_aniso_B_tensor_eigenvector_3_ortho[1]     ? 
_reflns.pdbx_aniso_B_tensor_eigenvector_3_ortho[2]     ? 
_reflns.pdbx_aniso_B_tensor_eigenvector_3_ortho[3]     ? 
_reflns.pdbx_aniso_B_tensor_eigenvalue_1               ? 
_reflns.pdbx_aniso_B_tensor_eigenvalue_2               ? 
_reflns.pdbx_aniso_B_tensor_eigenvalue_3               ? 
_reflns.pdbx_orthogonalization_convention              ? 
_reflns.pdbx_percent_possible_ellipsoidal              ? 
_reflns.pdbx_percent_possible_spherical                ? 
_reflns.pdbx_percent_possible_ellipsoidal_anomalous    ? 
_reflns.pdbx_percent_possible_spherical_anomalous      ? 
_reflns.pdbx_redundancy_anomalous                      ? 
_reflns.pdbx_CC_half_anomalous                         ? 
_reflns.pdbx_absDiff_over_sigma_anomalous              ? 
_reflns.pdbx_percent_possible_anomalous                ? 
_reflns.pdbx_observed_signal_threshold                 ? 
_reflns.pdbx_signal_type                               ? 
_reflns.pdbx_signal_details                            ? 
_reflns.pdbx_signal_software_id                        ? 
# 
_reflns_shell.d_res_high                                    2.07 
_reflns_shell.d_res_low                                     2.13 
_reflns_shell.meanI_over_sigI_all                           ? 
_reflns_shell.meanI_over_sigI_obs                           ? 
_reflns_shell.number_measured_all                           ? 
_reflns_shell.number_measured_obs                           ? 
_reflns_shell.number_possible                               ? 
_reflns_shell.number_unique_all                             ? 
_reflns_shell.number_unique_obs                             1365 
_reflns_shell.percent_possible_obs                          ? 
_reflns_shell.Rmerge_F_all                                  ? 
_reflns_shell.Rmerge_F_obs                                  ? 
_reflns_shell.meanI_over_sigI_gt                            ? 
_reflns_shell.meanI_over_uI_all                             ? 
_reflns_shell.meanI_over_uI_gt                              ? 
_reflns_shell.number_measured_gt                            ? 
_reflns_shell.number_unique_gt                              ? 
_reflns_shell.percent_possible_gt                           ? 
_reflns_shell.Rmerge_F_gt                                   ? 
_reflns_shell.Rmerge_I_gt                                   ? 
_reflns_shell.pdbx_redundancy                               ? 
_reflns_shell.pdbx_chi_squared                              ? 
_reflns_shell.pdbx_netI_over_sigmaI_all                     ? 
_reflns_shell.pdbx_netI_over_sigmaI_obs                     ? 
_reflns_shell.pdbx_Rrim_I_all                               1.871 
_reflns_shell.pdbx_Rpim_I_all                               0.971 
_reflns_shell.pdbx_rejects                                  ? 
_reflns_shell.pdbx_ordinal                                  1 
_reflns_shell.pdbx_diffrn_id                                1 
_reflns_shell.pdbx_CC_half                                  0.412 
_reflns_shell.pdbx_CC_star                                  ? 
_reflns_shell.pdbx_R_split                                  ? 
_reflns_shell.percent_possible_all                          ? 
_reflns_shell.Rmerge_I_all                                  ? 
_reflns_shell.Rmerge_I_obs                                  ? 
_reflns_shell.pdbx_Rsym_value                               ? 
_reflns_shell.pdbx_percent_possible_ellipsoidal             ? 
_reflns_shell.pdbx_percent_possible_spherical               ? 
_reflns_shell.pdbx_percent_possible_ellipsoidal_anomalous   ? 
_reflns_shell.pdbx_percent_possible_spherical_anomalous     ? 
_reflns_shell.pdbx_redundancy_anomalous                     ? 
_reflns_shell.pdbx_CC_half_anomalous                        ? 
_reflns_shell.pdbx_absDiff_over_sigma_anomalous             ? 
_reflns_shell.pdbx_percent_possible_anomalous               ? 
# 
_refine.aniso_B[1][1]                            ? 
_refine.aniso_B[1][2]                            ? 
_refine.aniso_B[1][3]                            ? 
_refine.aniso_B[2][2]                            ? 
_refine.aniso_B[2][3]                            ? 
_refine.aniso_B[3][3]                            ? 
_refine.B_iso_max                                ? 
_refine.B_iso_mean                               ? 
_refine.B_iso_min                                ? 
_refine.correlation_coeff_Fo_to_Fc               ? 
_refine.correlation_coeff_Fo_to_Fc_free          ? 
_refine.details                                  ? 
_refine.diff_density_max                         ? 
_refine.diff_density_max_esd                     ? 
_refine.diff_density_min                         ? 
_refine.diff_density_min_esd                     ? 
_refine.diff_density_rms                         ? 
_refine.diff_density_rms_esd                     ? 
_refine.entry_id                                 8FDX 
_refine.pdbx_refine_id                           'X-RAY DIFFRACTION' 
_refine.ls_abs_structure_details                 ? 
_refine.ls_abs_structure_Flack                   ? 
_refine.ls_abs_structure_Flack_esd               ? 
_refine.ls_abs_structure_Rogers                  ? 
_refine.ls_abs_structure_Rogers_esd              ? 
_refine.ls_d_res_high                            2.07 
_refine.ls_d_res_low                             39.39 
_refine.ls_extinction_coef                       ? 
_refine.ls_extinction_coef_esd                   ? 
_refine.ls_extinction_expression                 ? 
_refine.ls_extinction_method                     ? 
_refine.ls_goodness_of_fit_all                   ? 
_refine.ls_goodness_of_fit_all_esd               ? 
_refine.ls_goodness_of_fit_obs                   ? 
_refine.ls_goodness_of_fit_obs_esd               ? 
_refine.ls_hydrogen_treatment                    ? 
_refine.ls_matrix_type                           ? 
_refine.ls_number_constraints                    ? 
_refine.ls_number_parameters                     ? 
_refine.ls_number_reflns_all                     ? 
_refine.ls_number_reflns_obs                     19430 
_refine.ls_number_reflns_R_free                  953 
_refine.ls_number_reflns_R_work                  ? 
_refine.ls_number_restraints                     ? 
_refine.ls_percent_reflns_obs                    97.96 
_refine.ls_percent_reflns_R_free                 4.90 
_refine.ls_R_factor_all                          ? 
_refine.ls_R_factor_obs                          0.2036 
_refine.ls_R_factor_R_free                       0.2404 
_refine.ls_R_factor_R_free_error                 ? 
_refine.ls_R_factor_R_free_error_details         ? 
_refine.ls_R_factor_R_work                       0.2016 
_refine.ls_R_Fsqd_factor_obs                     ? 
_refine.ls_R_I_factor_obs                        ? 
_refine.ls_redundancy_reflns_all                 ? 
_refine.ls_redundancy_reflns_obs                 ? 
_refine.ls_restrained_S_all                      ? 
_refine.ls_restrained_S_obs                      ? 
_refine.ls_shift_over_esd_max                    ? 
_refine.ls_shift_over_esd_mean                   ? 
_refine.ls_structure_factor_coef                 ? 
_refine.ls_weighting_details                     ? 
_refine.ls_weighting_scheme                      ? 
_refine.ls_wR_factor_all                         ? 
_refine.ls_wR_factor_obs                         ? 
_refine.ls_wR_factor_R_free                      ? 
_refine.ls_wR_factor_R_work                      ? 
_refine.occupancy_max                            ? 
_refine.occupancy_min                            ? 
_refine.solvent_model_details                    'FLAT BULK SOLVENT MODEL' 
_refine.solvent_model_param_bsol                 ? 
_refine.solvent_model_param_ksol                 ? 
_refine.pdbx_R_complete                          ? 
_refine.ls_R_factor_gt                           ? 
_refine.ls_goodness_of_fit_gt                    ? 
_refine.ls_goodness_of_fit_ref                   ? 
_refine.ls_shift_over_su_max                     ? 
_refine.ls_shift_over_su_max_lt                  ? 
_refine.ls_shift_over_su_mean                    ? 
_refine.ls_shift_over_su_mean_lt                 ? 
_refine.pdbx_ls_sigma_I                          ? 
_refine.pdbx_ls_sigma_F                          1.34 
_refine.pdbx_ls_sigma_Fsqd                       ? 
_refine.pdbx_data_cutoff_high_absF               ? 
_refine.pdbx_data_cutoff_high_rms_absF           ? 
_refine.pdbx_data_cutoff_low_absF                ? 
_refine.pdbx_isotropic_thermal_model             ? 
_refine.pdbx_ls_cross_valid_method               THROUGHOUT 
_refine.pdbx_method_to_determine_struct          'MOLECULAR REPLACEMENT' 
_refine.pdbx_starting_model                      'PDB entry 5J9F' 
_refine.pdbx_stereochemistry_target_values       ML 
_refine.pdbx_R_Free_selection_details            ? 
_refine.pdbx_stereochem_target_val_spec_case     ? 
_refine.pdbx_overall_ESU_R                       ? 
_refine.pdbx_overall_ESU_R_Free                  ? 
_refine.pdbx_solvent_vdw_probe_radii             1.11 
_refine.pdbx_solvent_ion_probe_radii             ? 
_refine.pdbx_solvent_shrinkage_radii             0.90 
_refine.pdbx_real_space_R                        ? 
_refine.pdbx_density_correlation                 ? 
_refine.pdbx_pd_number_of_powder_patterns        ? 
_refine.pdbx_pd_number_of_points                 ? 
_refine.pdbx_pd_meas_number_of_points            ? 
_refine.pdbx_pd_proc_ls_prof_R_factor            ? 
_refine.pdbx_pd_proc_ls_prof_wR_factor           ? 
_refine.pdbx_pd_Marquardt_correlation_coeff      ? 
_refine.pdbx_pd_Fsqrd_R_factor                   ? 
_refine.pdbx_pd_ls_matrix_band_width             ? 
_refine.pdbx_overall_phase_error                 30.79 
_refine.pdbx_overall_SU_R_free_Cruickshank_DPI   ? 
_refine.pdbx_overall_SU_R_free_Blow_DPI          ? 
_refine.pdbx_overall_SU_R_Blow_DPI               ? 
_refine.pdbx_TLS_residual_ADP_flag               ? 
_refine.pdbx_diffrn_id                           1 
_refine.overall_SU_B                             ? 
_refine.overall_SU_ML                            0.26 
_refine.overall_SU_R_Cruickshank_DPI             ? 
_refine.overall_SU_R_free                        ? 
_refine.overall_FOM_free_R_set                   ? 
_refine.overall_FOM_work_R_set                   ? 
_refine.pdbx_average_fsc_overall                 ? 
_refine.pdbx_average_fsc_work                    ? 
_refine.pdbx_average_fsc_free                    ? 
# 
_refine_hist.pdbx_refine_id                   'X-RAY DIFFRACTION' 
_refine_hist.cycle_id                         LAST 
_refine_hist.details                          ? 
_refine_hist.d_res_high                       2.07 
_refine_hist.d_res_low                        39.39 
_refine_hist.number_atoms_solvent             91 
_refine_hist.number_atoms_total               1635 
_refine_hist.number_reflns_all                ? 
_refine_hist.number_reflns_obs                ? 
_refine_hist.number_reflns_R_free             ? 
_refine_hist.number_reflns_R_work             ? 
_refine_hist.R_factor_all                     ? 
_refine_hist.R_factor_obs                     ? 
_refine_hist.R_factor_R_free                  ? 
_refine_hist.R_factor_R_work                  ? 
_refine_hist.pdbx_number_residues_total       ? 
_refine_hist.pdbx_B_iso_mean_ligand           ? 
_refine_hist.pdbx_B_iso_mean_solvent          ? 
_refine_hist.pdbx_number_atoms_protein        1495 
_refine_hist.pdbx_number_atoms_nucleic_acid   0 
_refine_hist.pdbx_number_atoms_ligand         49 
_refine_hist.pdbx_number_atoms_lipid          ? 
_refine_hist.pdbx_number_atoms_carb           ? 
_refine_hist.pdbx_pseudo_atom_details         ? 
# 
loop_
_refine_ls_restr.pdbx_refine_id 
_refine_ls_restr.criterion 
_refine_ls_restr.dev_ideal 
_refine_ls_restr.dev_ideal_target 
_refine_ls_restr.number 
_refine_ls_restr.rejects 
_refine_ls_restr.type 
_refine_ls_restr.weight 
_refine_ls_restr.pdbx_restraint_function 
'X-RAY DIFFRACTION' ? 0.007  ? 1590 ? f_bond_d           ? ? 
'X-RAY DIFFRACTION' ? 1.030  ? 2165 ? f_angle_d          ? ? 
'X-RAY DIFFRACTION' ? 22.243 ? 232  ? f_dihedral_angle_d ? ? 
'X-RAY DIFFRACTION' ? 0.058  ? 257  ? f_chiral_restr     ? ? 
'X-RAY DIFFRACTION' ? 0.006  ? 277  ? f_plane_restr      ? ? 
# 
loop_
_refine_ls_shell.pdbx_refine_id 
_refine_ls_shell.d_res_high 
_refine_ls_shell.d_res_low 
_refine_ls_shell.number_reflns_all 
_refine_ls_shell.number_reflns_obs 
_refine_ls_shell.number_reflns_R_free 
_refine_ls_shell.number_reflns_R_work 
_refine_ls_shell.percent_reflns_obs 
_refine_ls_shell.percent_reflns_R_free 
_refine_ls_shell.R_factor_all 
_refine_ls_shell.R_factor_obs 
_refine_ls_shell.R_factor_R_free_error 
_refine_ls_shell.R_factor_R_work 
_refine_ls_shell.redundancy_reflns_all 
_refine_ls_shell.redundancy_reflns_obs 
_refine_ls_shell.wR_factor_all 
_refine_ls_shell.wR_factor_obs 
_refine_ls_shell.wR_factor_R_free 
_refine_ls_shell.wR_factor_R_work 
_refine_ls_shell.pdbx_R_complete 
_refine_ls_shell.pdbx_total_number_of_bins_used 
_refine_ls_shell.pdbx_phase_error 
_refine_ls_shell.pdbx_fsc_work 
_refine_ls_shell.pdbx_fsc_free 
_refine_ls_shell.R_factor_R_free 
'X-RAY DIFFRACTION' 2.07 2.18  . . 121 2336 88.00  . . . . 0.3379 . . . . . . . . . . . 0.3547 
'X-RAY DIFFRACTION' 2.18 2.32  . . 111 2626 99.00  . . . . 0.2889 . . . . . . . . . . . 0.3159 
'X-RAY DIFFRACTION' 2.32 2.49  . . 129 2643 100.00 . . . . 0.2585 . . . . . . . . . . . 0.3139 
'X-RAY DIFFRACTION' 2.49 2.75  . . 131 2676 100.00 . . . . 0.2322 . . . . . . . . . . . 0.2627 
'X-RAY DIFFRACTION' 2.75 3.14  . . 153 2674 100.00 . . . . 0.2222 . . . . . . . . . . . 0.2603 
'X-RAY DIFFRACTION' 3.14 3.96  . . 151 2692 100.00 . . . . 0.1877 . . . . . . . . . . . 0.2547 
'X-RAY DIFFRACTION' 3.96 39.39 . . 157 2830 100.00 . . . . 0.1472 . . . . . . . . . . . 0.1776 
# 
_struct.entry_id                     8FDX 
_struct.title                        
;AGF271 and GAR in complex with human recombinant GARFTase, ligase, purine biosynthesis, transfers formyl group from 10-formyl tetrahydrofolate to glycinamide ribonucleotide (GAR) to form tetrahydrofolate and formyl GAR
;
_struct.pdbx_model_details           ? 
_struct.pdbx_formula_weight          ? 
_struct.pdbx_formula_weight_method   ? 
_struct.pdbx_model_type_details      ? 
_struct.pdbx_CASP_flag               N 
# 
_struct_keywords.entry_id        8FDX 
_struct_keywords.text            'GARFTase, ligase, purine biosynthesis, monomer' 
_struct_keywords.pdbx_keywords   LIGASE 
# 
loop_
_struct_asym.id 
_struct_asym.pdbx_blank_PDB_chainid_flag 
_struct_asym.pdbx_modified 
_struct_asym.entity_id 
_struct_asym.details 
A N N 1 ? 
B N N 2 ? 
C N N 3 ? 
D N N 4 ? 
# 
loop_
_struct_conf.conf_type_id 
_struct_conf.id 
_struct_conf.pdbx_PDB_helix_id 
_struct_conf.beg_label_comp_id 
_struct_conf.beg_label_asym_id 
_struct_conf.beg_label_seq_id 
_struct_conf.pdbx_beg_PDB_ins_code 
_struct_conf.end_label_comp_id 
_struct_conf.end_label_asym_id 
_struct_conf.end_label_seq_id 
_struct_conf.pdbx_end_PDB_ins_code 
_struct_conf.beg_auth_comp_id 
_struct_conf.beg_auth_asym_id 
_struct_conf.beg_auth_seq_id 
_struct_conf.end_auth_comp_id 
_struct_conf.end_auth_asym_id 
_struct_conf.end_auth_seq_id 
_struct_conf.pdbx_PDB_helix_class 
_struct_conf.details 
_struct_conf.pdbx_PDB_helix_length 
HELX_P HELX_P1 AA1 GLY A 12  ? ARG A 23  ? GLY A 818 ARG A 829 1 ? 12 
HELX_P HELX_P2 AA2 VAL A 41  ? ALA A 50  ? VAL A 847 ALA A 856 1 ? 10 
HELX_P HELX_P3 AA3 ASN A 58  ? TYR A 62  ? ASN A 864 TYR A 868 5 ? 5  
HELX_P HELX_P4 AA4 ASN A 64  ? PHE A 79  ? ASN A 870 PHE A 885 1 ? 16 
HELX_P HELX_P5 AA5 SER A 94  ? TRP A 101 ? SER A 900 TRP A 907 1 ? 8  
HELX_P HELX_P6 AA6 ASN A 120 ? GLY A 129 ? ASN A 926 GLY A 935 1 ? 10 
HELX_P HELX_P7 AA7 THR A 162 ? SER A 187 ? THR A 968 SER A 993 1 ? 26 
# 
_struct_conf_type.id          HELX_P 
_struct_conf_type.criteria    ? 
_struct_conf_type.reference   ? 
# 
_struct_mon_prot_cis.pdbx_id                1 
_struct_mon_prot_cis.label_comp_id          LEU 
_struct_mon_prot_cis.label_seq_id           113 
_struct_mon_prot_cis.label_asym_id          A 
_struct_mon_prot_cis.label_alt_id           . 
_struct_mon_prot_cis.pdbx_PDB_ins_code      ? 
_struct_mon_prot_cis.auth_comp_id           LEU 
_struct_mon_prot_cis.auth_seq_id            919 
_struct_mon_prot_cis.auth_asym_id           A 
_struct_mon_prot_cis.pdbx_label_comp_id_2   PRO 
_struct_mon_prot_cis.pdbx_label_seq_id_2    114 
_struct_mon_prot_cis.pdbx_label_asym_id_2   A 
_struct_mon_prot_cis.pdbx_PDB_ins_code_2    ? 
_struct_mon_prot_cis.pdbx_auth_comp_id_2    PRO 
_struct_mon_prot_cis.pdbx_auth_seq_id_2     920 
_struct_mon_prot_cis.pdbx_auth_asym_id_2    A 
_struct_mon_prot_cis.pdbx_PDB_model_num     1 
_struct_mon_prot_cis.pdbx_omega_angle       8.16 
# 
loop_
_struct_sheet.id 
_struct_sheet.type 
_struct_sheet.number_strands 
_struct_sheet.details 
AA1 ? 7 ? 
AA2 ? 2 ? 
# 
loop_
_struct_sheet_order.sheet_id 
_struct_sheet_order.range_id_1 
_struct_sheet_order.range_id_2 
_struct_sheet_order.offset 
_struct_sheet_order.sense 
AA1 1 2 ? parallel      
AA1 2 3 ? parallel      
AA1 3 4 ? parallel      
AA1 4 5 ? parallel      
AA1 5 6 ? anti-parallel 
AA1 6 7 ? anti-parallel 
AA2 1 2 ? anti-parallel 
# 
loop_
_struct_sheet_range.sheet_id 
_struct_sheet_range.id 
_struct_sheet_range.beg_label_comp_id 
_struct_sheet_range.beg_label_asym_id 
_struct_sheet_range.beg_label_seq_id 
_struct_sheet_range.pdbx_beg_PDB_ins_code 
_struct_sheet_range.end_label_comp_id 
_struct_sheet_range.end_label_asym_id 
_struct_sheet_range.end_label_seq_id 
_struct_sheet_range.pdbx_end_PDB_ins_code 
_struct_sheet_range.beg_auth_comp_id 
_struct_sheet_range.beg_auth_asym_id 
_struct_sheet_range.beg_auth_seq_id 
_struct_sheet_range.end_auth_comp_id 
_struct_sheet_range.end_auth_asym_id 
_struct_sheet_range.end_auth_seq_id 
AA1 1 THR A 54  ? VAL A 56  ? THR A 860  VAL A 862  
AA1 2 GLN A 30  ? SER A 36  ? GLN A 836  SER A 842  
AA1 3 ARG A 3   ? ILE A 8   ? ARG A 809  ILE A 814  
AA1 4 ILE A 83  ? LEU A 86  ? ILE A 889  LEU A 892  
AA1 5 MET A 105 ? HIS A 109 ? MET A 911  HIS A 915  
AA1 6 VAL A 132 ? PHE A 139 ? VAL A 938  PHE A 945  
AA1 7 ILE A 149 ? PRO A 156 ? ILE A 955  PRO A 962  
AA2 1 VAL A 190 ? LEU A 192 ? VAL A 996  LEU A 998  
AA2 2 ILE A 198 ? TRP A 200 ? ILE A 1004 TRP A 1006 
# 
loop_
_pdbx_struct_sheet_hbond.sheet_id 
_pdbx_struct_sheet_hbond.range_id_1 
_pdbx_struct_sheet_hbond.range_id_2 
_pdbx_struct_sheet_hbond.range_1_label_atom_id 
_pdbx_struct_sheet_hbond.range_1_label_comp_id 
_pdbx_struct_sheet_hbond.range_1_label_asym_id 
_pdbx_struct_sheet_hbond.range_1_label_seq_id 
_pdbx_struct_sheet_hbond.range_1_PDB_ins_code 
_pdbx_struct_sheet_hbond.range_1_auth_atom_id 
_pdbx_struct_sheet_hbond.range_1_auth_comp_id 
_pdbx_struct_sheet_hbond.range_1_auth_asym_id 
_pdbx_struct_sheet_hbond.range_1_auth_seq_id 
_pdbx_struct_sheet_hbond.range_2_label_atom_id 
_pdbx_struct_sheet_hbond.range_2_label_comp_id 
_pdbx_struct_sheet_hbond.range_2_label_asym_id 
_pdbx_struct_sheet_hbond.range_2_label_seq_id 
_pdbx_struct_sheet_hbond.range_2_PDB_ins_code 
_pdbx_struct_sheet_hbond.range_2_auth_atom_id 
_pdbx_struct_sheet_hbond.range_2_auth_comp_id 
_pdbx_struct_sheet_hbond.range_2_auth_asym_id 
_pdbx_struct_sheet_hbond.range_2_auth_seq_id 
AA1 1 2 O ARG A 55  ? O ARG A 861 N SER A 36  ? N SER A 842  
AA1 2 3 O GLN A 30  ? O GLN A 836 N VAL A 4   ? N VAL A 810  
AA1 3 4 N ALA A 5   ? N ALA A 811 O CYS A 85  ? O CYS A 891  
AA1 4 5 N LEU A 86  ? N LEU A 892 O LEU A 106 ? O LEU A 912  
AA1 5 6 N HIS A 109 ? N HIS A 915 O THR A 136 ? O THR A 942  
AA1 6 7 N THR A 133 ? N THR A 939 O VAL A 155 ? O VAL A 961  
AA2 1 2 N GLN A 191 ? N GLN A 997 O CYS A 199 ? O CYS A 1005 
# 
_atom_sites.entry_id                    8FDX 
_atom_sites.Cartn_transf_matrix[1][1]   ? 
_atom_sites.Cartn_transf_matrix[1][2]   ? 
_atom_sites.Cartn_transf_matrix[1][3]   ? 
_atom_sites.Cartn_transf_matrix[2][1]   ? 
_atom_sites.Cartn_transf_matrix[2][2]   ? 
_atom_sites.Cartn_transf_matrix[2][3]   ? 
_atom_sites.Cartn_transf_matrix[3][1]   ? 
_atom_sites.Cartn_transf_matrix[3][2]   ? 
_atom_sites.Cartn_transf_matrix[3][3]   ? 
_atom_sites.Cartn_transf_vector[1]      ? 
_atom_sites.Cartn_transf_vector[2]      ? 
_atom_sites.Cartn_transf_vector[3]      ? 
_atom_sites.fract_transf_matrix[1][1]   -0.00763390 
_atom_sites.fract_transf_matrix[1][2]   -0.00529256 
_atom_sites.fract_transf_matrix[1][3]   0.01250552 
_atom_sites.fract_transf_matrix[2][1]   -0.01466877 
_atom_sites.fract_transf_matrix[2][2]   0.00451903 
_atom_sites.fract_transf_matrix[2][3]   0.00266077 
_atom_sites.fract_transf_matrix[3][1]   -0.00336713 
_atom_sites.fract_transf_matrix[3][2]   -0.00778063 
_atom_sites.fract_transf_matrix[3][3]   -0.00534834 
_atom_sites.fract_transf_vector[1]      -0.280544 
_atom_sites.fract_transf_vector[2]      0.291662 
_atom_sites.fract_transf_vector[3]      0.274063 
_atom_sites.solution_primary            ? 
_atom_sites.solution_secondary          ? 
_atom_sites.solution_hydrogens          ? 
_atom_sites.special_details             ? 
# 
loop_
_atom_type.symbol 
C 
N 
O 
P 
S 
# 
loop_
_atom_site.group_PDB 
_atom_site.id 
_atom_site.type_symbol 
_atom_site.label_atom_id 
_atom_site.label_alt_id 
_atom_site.label_comp_id 
_atom_site.label_asym_id 
_atom_site.label_entity_id 
_atom_site.label_seq_id 
_atom_site.pdbx_PDB_ins_code 
_atom_site.Cartn_x 
_atom_site.Cartn_y 
_atom_site.Cartn_z 
_atom_site.occupancy 
_atom_site.B_iso_or_equiv 
_atom_site.pdbx_formal_charge 
_atom_site.auth_seq_id 
_atom_site.auth_comp_id 
_atom_site.auth_asym_id 
_atom_site.auth_atom_id 
_atom_site.pdbx_PDB_model_num 
ATOM   1    N N   . ALA A 1 2   ? 1.173   16.762  1.966   1.00 32.76 ? 808  ALA A N   1 
ATOM   2    C CA  . ALA A 1 2   ? 2.187   15.716  2.063   1.00 36.69 ? 808  ALA A CA  1 
ATOM   3    C C   . ALA A 1 2   ? 2.444   15.122  0.699   1.00 35.64 ? 808  ALA A C   1 
ATOM   4    O O   . ALA A 1 2   ? 1.505   14.885  -0.066  1.00 38.71 ? 808  ALA A O   1 
ATOM   5    C CB  . ALA A 1 2   ? 1.756   14.634  3.034   1.00 35.73 ? 808  ALA A CB  1 
ATOM   6    N N   . ARG A 1 3   ? 3.720   14.891  0.396   1.00 28.49 ? 809  ARG A N   1 
ATOM   7    C CA  . ARG A 1 3   ? 4.135   14.348  -0.883  1.00 32.38 ? 809  ARG A CA  1 
ATOM   8    C C   . ARG A 1 3   ? 4.236   12.832  -0.774  1.00 33.80 ? 809  ARG A C   1 
ATOM   9    O O   . ARG A 1 3   ? 4.842   12.304  0.168   1.00 29.62 ? 809  ARG A O   1 
ATOM   10   C CB  . ARG A 1 3   ? 5.465   14.956  -1.319  1.00 32.44 ? 809  ARG A CB  1 
ATOM   11   C CG  . ARG A 1 3   ? 5.394   16.475  -1.414  1.00 38.20 ? 809  ARG A CG  1 
ATOM   12   C CD  . ARG A 1 3   ? 6.762   17.089  -1.650  1.00 39.95 ? 809  ARG A CD  1 
ATOM   13   N NE  . ARG A 1 3   ? 7.357   16.575  -2.877  1.00 31.46 ? 809  ARG A NE  1 
ATOM   14   C CZ  . ARG A 1 3   ? 7.037   16.982  -4.100  1.00 40.11 ? 809  ARG A CZ  1 
ATOM   15   N NH1 . ARG A 1 3   ? 6.116   17.924  -4.269  1.00 41.95 ? 809  ARG A NH1 1 
ATOM   16   N NH2 . ARG A 1 3   ? 7.635   16.434  -5.160  1.00 35.07 ? 809  ARG A NH2 1 
ATOM   17   N N   . VAL A 1 4   ? 3.624   12.133  -1.731  1.00 34.41 ? 810  VAL A N   1 
ATOM   18   C CA  . VAL A 1 4   ? 3.395   10.698  -1.612  1.00 31.76 ? 810  VAL A CA  1 
ATOM   19   C C   . VAL A 1 4   ? 4.018   9.986   -2.798  1.00 29.48 ? 810  VAL A C   1 
ATOM   20   O O   . VAL A 1 4   ? 3.882   10.426  -3.947  1.00 31.85 ? 810  VAL A O   1 
ATOM   21   C CB  . VAL A 1 4   ? 1.898   10.361  -1.498  1.00 35.02 ? 810  VAL A CB  1 
ATOM   22   C CG1 . VAL A 1 4   ? 1.692   8.828   -1.449  1.00 31.83 ? 810  VAL A CG1 1 
ATOM   23   C CG2 . VAL A 1 4   ? 1.302   11.042  -0.269  1.00 32.05 ? 810  VAL A CG2 1 
ATOM   24   N N   . ALA A 1 5   ? 4.732   8.909   -2.497  1.00 31.72 ? 811  ALA A N   1 
ATOM   25   C CA  . ALA A 1 5   ? 5.161   7.920   -3.466  1.00 31.88 ? 811  ALA A CA  1 
ATOM   26   C C   . ALA A 1 5   ? 4.262   6.698   -3.341  1.00 31.55 ? 811  ALA A C   1 
ATOM   27   O O   . ALA A 1 5   ? 3.967   6.247   -2.228  1.00 36.52 ? 811  ALA A O   1 
ATOM   28   C CB  . ALA A 1 5   ? 6.614   7.520   -3.216  1.00 27.50 ? 811  ALA A CB  1 
ATOM   29   N N   . VAL A 1 6   ? 3.827   6.162   -4.477  1.00 35.75 ? 812  VAL A N   1 
ATOM   30   C CA  . VAL A 1 6   ? 3.027   4.945   -4.508  1.00 28.06 ? 812  VAL A CA  1 
ATOM   31   C C   . VAL A 1 6   ? 3.865   3.878   -5.190  1.00 38.51 ? 812  VAL A C   1 
ATOM   32   O O   . VAL A 1 6   ? 4.256   4.035   -6.353  1.00 37.07 ? 812  VAL A O   1 
ATOM   33   C CB  . VAL A 1 6   ? 1.692   5.164   -5.227  1.00 35.36 ? 812  VAL A CB  1 
ATOM   34   C CG1 . VAL A 1 6   ? 0.927   3.824   -5.379  1.00 30.29 ? 812  VAL A CG1 1 
ATOM   35   C CG2 . VAL A 1 6   ? 0.870   6.165   -4.445  1.00 32.83 ? 812  VAL A CG2 1 
ATOM   36   N N   . LEU A 1 7   ? 4.198   2.836   -4.439  1.00 36.14 ? 813  LEU A N   1 
ATOM   37   C CA  . LEU A 1 7   ? 4.955   1.702   -4.938  1.00 28.21 ? 813  LEU A CA  1 
ATOM   38   C C   . LEU A 1 7   ? 3.964   0.628   -5.344  1.00 37.60 ? 813  LEU A C   1 
ATOM   39   O O   . LEU A 1 7   ? 3.108   0.241   -4.538  1.00 32.08 ? 813  LEU A O   1 
ATOM   40   C CB  . LEU A 1 7   ? 5.899   1.151   -3.867  1.00 35.97 ? 813  LEU A CB  1 
ATOM   41   C CG  . LEU A 1 7   ? 7.308   1.718   -3.743  1.00 37.99 ? 813  LEU A CG  1 
ATOM   42   C CD1 . LEU A 1 7   ? 7.230   3.218   -3.648  1.00 35.07 ? 813  LEU A CD1 1 
ATOM   43   C CD2 . LEU A 1 7   ? 8.003   1.135   -2.516  1.00 33.63 ? 813  LEU A CD2 1 
ATOM   44   N N   . ILE A 1 8   ? 4.081   0.162   -6.589  1.00 37.12 ? 814  ILE A N   1 
ATOM   45   C CA  . ILE A 1 8   ? 3.189   -0.826  -7.175  1.00 36.18 ? 814  ILE A CA  1 
ATOM   46   C C   . ILE A 1 8   ? 4.009   -1.988  -7.714  1.00 44.43 ? 814  ILE A C   1 
ATOM   47   O O   . ILE A 1 8   ? 5.214   -1.872  -7.964  1.00 40.78 ? 814  ILE A O   1 
ATOM   48   C CB  . ILE A 1 8   ? 2.335   -0.238  -8.308  1.00 32.54 ? 814  ILE A CB  1 
ATOM   49   C CG1 . ILE A 1 8   ? 3.239   0.263   -9.432  1.00 29.73 ? 814  ILE A CG1 1 
ATOM   50   C CG2 . ILE A 1 8   ? 1.415   0.857   -7.782  1.00 34.32 ? 814  ILE A CG2 1 
ATOM   51   C CD1 . ILE A 1 8   ? 2.480   0.643   -10.691 1.00 35.89 ? 814  ILE A CD1 1 
ATOM   52   N N   . SER A 1 9   ? 3.322   -3.125  -7.906  1.00 44.94 ? 815  SER A N   1 
ATOM   53   C CA  . SER A 1 9   ? 3.900   -4.309  -8.528  1.00 45.23 ? 815  SER A CA  1 
ATOM   54   C C   . SER A 1 9   ? 3.040   -4.888  -9.639  1.00 44.92 ? 815  SER A C   1 
ATOM   55   O O   . SER A 1 9   ? 3.454   -5.875  -10.254 1.00 49.46 ? 815  SER A O   1 
ATOM   56   C CB  . SER A 1 9   ? 4.137   -5.422  -7.497  1.00 44.18 ? 815  SER A CB  1 
ATOM   57   O OG  . SER A 1 9   ? 5.327   -5.233  -6.765  1.00 38.46 ? 815  SER A OG  1 
ATOM   58   N N   . GLY A 1 10  ? 1.861   -4.315  -9.913  1.00 39.71 ? 816  GLY A N   1 
ATOM   59   C CA  . GLY A 1 10  ? 0.931   -4.969  -10.813 1.00 37.28 ? 816  GLY A CA  1 
ATOM   60   C C   . GLY A 1 10  ? -0.173  -4.094  -11.374 1.00 45.58 ? 816  GLY A C   1 
ATOM   61   O O   . GLY A 1 10  ? 0.099   -3.046  -11.969 1.00 45.29 ? 816  GLY A O   1 
ATOM   62   N N   . THR A 1 11  ? -1.428  -4.518  -11.179 1.00 33.86 ? 817  THR A N   1 
ATOM   63   C CA  . THR A 1 11  ? -2.550  -3.900  -11.886 1.00 45.28 ? 817  THR A CA  1 
ATOM   64   C C   . THR A 1 11  ? -2.735  -2.434  -11.504 1.00 43.60 ? 817  THR A C   1 
ATOM   65   O O   . THR A 1 11  ? -3.014  -1.590  -12.366 1.00 39.75 ? 817  THR A O   1 
ATOM   66   C CB  . THR A 1 11  ? -3.841  -4.661  -11.600 1.00 37.43 ? 817  THR A CB  1 
ATOM   67   O OG1 . THR A 1 11  ? -3.735  -6.005  -12.093 1.00 52.74 ? 817  THR A OG1 1 
ATOM   68   C CG2 . THR A 1 11  ? -5.011  -3.951  -12.270 1.00 31.06 ? 817  THR A CG2 1 
ATOM   69   N N   . GLY A 1 12  ? -2.667  -2.125  -10.213 1.00 41.99 ? 818  GLY A N   1 
ATOM   70   C CA  . GLY A 1 12  ? -2.715  -0.740  -9.786  1.00 36.99 ? 818  GLY A CA  1 
ATOM   71   C C   . GLY A 1 12  ? -4.097  -0.175  -9.553  1.00 40.78 ? 818  GLY A C   1 
ATOM   72   O O   . GLY A 1 12  ? -4.279  1.043   -9.667  1.00 41.37 ? 818  GLY A O   1 
ATOM   73   N N   . SER A 1 13  ? -5.085  -1.016  -9.222  1.00 39.87 ? 819  SER A N   1 
ATOM   74   C CA  . SER A 1 13  ? -6.403  -0.482  -8.887  1.00 37.53 ? 819  SER A CA  1 
ATOM   75   C C   . SER A 1 13  ? -6.368  0.328   -7.589  1.00 32.75 ? 819  SER A C   1 
ATOM   76   O O   . SER A 1 13  ? -7.096  1.315   -7.468  1.00 31.67 ? 819  SER A O   1 
ATOM   77   C CB  . SER A 1 13  ? -7.447  -1.609  -8.807  1.00 32.91 ? 819  SER A CB  1 
ATOM   78   O OG  . SER A 1 13  ? -7.166  -2.549  -7.788  1.00 42.74 ? 819  SER A OG  1 
ATOM   79   N N   . ASN A 1 14  ? -5.540  -0.063  -6.614  1.00 26.84 ? 820  ASN A N   1 
ATOM   80   C CA  . ASN A 1 14  ? -5.383  0.772   -5.423  1.00 35.98 ? 820  ASN A CA  1 
ATOM   81   C C   . ASN A 1 14  ? -4.714  2.095   -5.758  1.00 33.08 ? 820  ASN A C   1 
ATOM   82   O O   . ASN A 1 14  ? -5.109  3.141   -5.235  1.00 31.01 ? 820  ASN A O   1 
ATOM   83   C CB  . ASN A 1 14  ? -4.574  0.054   -4.351  1.00 26.93 ? 820  ASN A CB  1 
ATOM   84   C CG  . ASN A 1 14  ? -5.423  -0.846  -3.520  1.00 36.39 ? 820  ASN A CG  1 
ATOM   85   O OD1 . ASN A 1 14  ? -6.206  -0.377  -2.700  1.00 30.36 ? 820  ASN A OD1 1 
ATOM   86   N ND2 . ASN A 1 14  ? -5.305  -2.153  -3.744  1.00 31.05 ? 820  ASN A ND2 1 
ATOM   87   N N   . LEU A 1 15  ? -3.690  2.065   -6.610  1.00 35.46 ? 821  LEU A N   1 
ATOM   88   C CA  . LEU A 1 15  ? -3.116  3.305   -7.115  1.00 29.88 ? 821  LEU A CA  1 
ATOM   89   C C   . LEU A 1 15  ? -4.194  4.204   -7.698  1.00 32.68 ? 821  LEU A C   1 
ATOM   90   O O   . LEU A 1 15  ? -4.265  5.399   -7.380  1.00 34.80 ? 821  LEU A O   1 
ATOM   91   C CB  . LEU A 1 15  ? -2.056  3.008   -8.170  1.00 31.80 ? 821  LEU A CB  1 
ATOM   92   C CG  . LEU A 1 15  ? -1.679  4.257   -8.967  1.00 30.76 ? 821  LEU A CG  1 
ATOM   93   C CD1 . LEU A 1 15  ? -0.982  5.315   -8.059  1.00 34.24 ? 821  LEU A CD1 1 
ATOM   94   C CD2 . LEU A 1 15  ? -0.817  3.909   -10.181 1.00 35.01 ? 821  LEU A CD2 1 
ATOM   95   N N   . GLN A 1 16  ? -5.053  3.638   -8.546  1.00 31.90 ? 822  GLN A N   1 
ATOM   96   C CA  . GLN A 1 16  ? -6.092  4.434   -9.190  1.00 30.40 ? 822  GLN A CA  1 
ATOM   97   C C   . GLN A 1 16  ? -7.022  5.066   -8.164  1.00 37.36 ? 822  GLN A C   1 
ATOM   98   O O   . GLN A 1 16  ? -7.434  6.225   -8.318  1.00 27.77 ? 822  GLN A O   1 
ATOM   99   C CB  . GLN A 1 16  ? -6.899  3.573   -10.165 1.00 28.17 ? 822  GLN A CB  1 
ATOM   100  C CG  . GLN A 1 16  ? -7.880  4.399   -10.988 1.00 30.83 ? 822  GLN A CG  1 
ATOM   101  C CD  . GLN A 1 16  ? -7.177  5.535   -11.729 1.00 49.48 ? 822  GLN A CD  1 
ATOM   102  O OE1 . GLN A 1 16  ? -6.285  5.296   -12.550 1.00 45.14 ? 822  GLN A OE1 1 
ATOM   103  N NE2 . GLN A 1 16  ? -7.560  6.779   -11.426 1.00 48.51 ? 822  GLN A NE2 1 
ATOM   104  N N   . ALA A 1 17  ? -7.378  4.315   -7.115  1.00 25.26 ? 823  ALA A N   1 
ATOM   105  C CA  . ALA A 1 17  ? -8.228  4.892   -6.081  1.00 32.52 ? 823  ALA A CA  1 
ATOM   106  C C   . ALA A 1 17  ? -7.501  6.011   -5.333  1.00 31.78 ? 823  ALA A C   1 
ATOM   107  O O   . ALA A 1 17  ? -8.116  7.017   -4.977  1.00 28.05 ? 823  ALA A O   1 
ATOM   108  C CB  . ALA A 1 17  ? -8.691  3.802   -5.108  1.00 34.69 ? 823  ALA A CB  1 
ATOM   109  N N   . LEU A 1 18  ? -6.194  5.848   -5.089  1.00 30.34 ? 824  LEU A N   1 
ATOM   110  C CA  . LEU A 1 18  ? -5.412  6.889   -4.426  1.00 29.01 ? 824  LEU A CA  1 
ATOM   111  C C   . LEU A 1 18  ? -5.282  8.124   -5.310  1.00 32.14 ? 824  LEU A C   1 
ATOM   112  O O   . LEU A 1 18  ? -5.336  9.257   -4.813  1.00 39.63 ? 824  LEU A O   1 
ATOM   113  C CB  . LEU A 1 18  ? -4.030  6.344   -4.048  1.00 25.82 ? 824  LEU A CB  1 
ATOM   114  C CG  . LEU A 1 18  ? -4.020  5.265   -2.960  1.00 27.20 ? 824  LEU A CG  1 
ATOM   115  C CD1 . LEU A 1 18  ? -2.628  4.690   -2.761  1.00 28.07 ? 824  LEU A CD1 1 
ATOM   116  C CD2 . LEU A 1 18  ? -4.547  5.842   -1.652  1.00 29.79 ? 824  LEU A CD2 1 
ATOM   117  N N   . ILE A 1 19  ? -5.108  7.929   -6.618  1.00 32.39 ? 825  ILE A N   1 
ATOM   118  C CA  . ILE A 1 19  ? -5.085  9.059   -7.544  1.00 30.89 ? 825  ILE A CA  1 
ATOM   119  C C   . ILE A 1 19  ? -6.386  9.844   -7.452  1.00 36.36 ? 825  ILE A C   1 
ATOM   120  O O   . ILE A 1 19  ? -6.382  11.061  -7.245  1.00 40.00 ? 825  ILE A O   1 
ATOM   121  C CB  . ILE A 1 19  ? -4.826  8.575   -8.981  1.00 33.72 ? 825  ILE A CB  1 
ATOM   122  C CG1 . ILE A 1 19  ? -3.403  8.039   -9.123  1.00 37.16 ? 825  ILE A CG1 1 
ATOM   123  C CG2 . ILE A 1 19  ? -5.023  9.712   -9.971  1.00 33.42 ? 825  ILE A CG2 1 
ATOM   124  C CD1 . ILE A 1 19  ? -3.214  7.185   -10.371 1.00 39.32 ? 825  ILE A CD1 1 
ATOM   125  N N   . ASP A 1 20  ? -7.523  9.157   -7.596  1.00 33.61 ? 826  ASP A N   1 
ATOM   126  C CA  . ASP A 1 20  ? -8.818  9.835   -7.578  1.00 29.77 ? 826  ASP A CA  1 
ATOM   127  C C   . ASP A 1 20  ? -9.005  10.623  -6.286  1.00 36.87 ? 826  ASP A C   1 
ATOM   128  O O   . ASP A 1 20  ? -9.399  11.795  -6.309  1.00 37.70 ? 826  ASP A O   1 
ATOM   129  C CB  . ASP A 1 20  ? -9.961  8.824   -7.724  1.00 37.18 ? 826  ASP A CB  1 
ATOM   130  C CG  . ASP A 1 20  ? -9.953  8.090   -9.068  1.00 48.66 ? 826  ASP A CG  1 
ATOM   131  O OD1 . ASP A 1 20  ? -9.085  8.393   -9.925  1.00 45.98 ? 826  ASP A OD1 1 
ATOM   132  O OD2 . ASP A 1 20  ? -10.827 7.201   -9.260  1.00 50.09 ? 826  ASP A OD2 1 
ATOM   133  N N   . SER A 1 21  ? -8.753  9.985   -5.141  1.00 31.10 ? 827  SER A N   1 
ATOM   134  C CA  . SER A 1 21  ? -8.973  10.670  -3.873  1.00 35.72 ? 827  SER A CA  1 
ATOM   135  C C   . SER A 1 21  ? -8.037  11.862  -3.714  1.00 30.36 ? 827  SER A C   1 
ATOM   136  O O   . SER A 1 21  ? -8.477  12.936  -3.296  1.00 32.85 ? 827  SER A O   1 
ATOM   137  C CB  . SER A 1 21  ? -8.820  9.705   -2.698  1.00 31.68 ? 827  SER A CB  1 
ATOM   138  O OG  . SER A 1 21  ? -7.470  9.304   -2.546  1.00 42.17 ? 827  SER A OG  1 
ATOM   139  N N   . THR A 1 22  ? -6.750  11.710  -4.066  1.00 34.31 ? 828  THR A N   1 
ATOM   140  C CA  . THR A 1 22  ? -5.816  12.809  -3.816  1.00 34.84 ? 828  THR A CA  1 
ATOM   141  C C   . THR A 1 22  ? -5.985  13.969  -4.790  1.00 39.77 ? 828  THR A C   1 
ATOM   142  O O   . THR A 1 22  ? -5.311  14.995  -4.634  1.00 38.62 ? 828  THR A O   1 
ATOM   143  C CB  . THR A 1 22  ? -4.339  12.359  -3.857  1.00 33.22 ? 828  THR A CB  1 
ATOM   144  O OG1 . THR A 1 22  ? -3.984  11.896  -5.166  1.00 31.02 ? 828  THR A OG1 1 
ATOM   145  C CG2 . THR A 1 22  ? -4.030  11.311  -2.812  1.00 27.77 ? 828  THR A CG2 1 
ATOM   146  N N   . ARG A 1 23  ? -6.848  13.850  -5.784  1.00 36.67 ? 829  ARG A N   1 
ATOM   147  C CA  . ARG A 1 23  ? -7.172  15.006  -6.605  1.00 38.51 ? 829  ARG A CA  1 
ATOM   148  C C   . ARG A 1 23  ? -8.409  15.729  -6.122  1.00 37.41 ? 829  ARG A C   1 
ATOM   149  O O   . ARG A 1 23  ? -8.777  16.746  -6.715  1.00 41.98 ? 829  ARG A O   1 
ATOM   150  C CB  . ARG A 1 23  ? -7.383  14.604  -8.057  1.00 41.57 ? 829  ARG A CB  1 
ATOM   151  C CG  . ARG A 1 23  ? -6.117  14.474  -8.848  1.00 50.57 ? 829  ARG A CG  1 
ATOM   152  C CD  . ARG A 1 23  ? -6.291  13.356  -9.851  1.00 58.09 ? 829  ARG A CD  1 
ATOM   153  N NE  . ARG A 1 23  ? -5.087  13.135  -10.643 1.00 75.48 ? 829  ARG A NE  1 
ATOM   154  C CZ  . ARG A 1 23  ? -4.725  13.870  -11.689 1.00 71.48 ? 829  ARG A CZ  1 
ATOM   155  N NH1 . ARG A 1 23  ? -5.486  14.888  -12.087 1.00 71.78 ? 829  ARG A NH1 1 
ATOM   156  N NH2 . ARG A 1 23  ? -3.603  13.575  -12.337 1.00 63.02 ? 829  ARG A NH2 1 
ATOM   157  N N   . GLU A 1 24  ? -9.087  15.201  -5.110  1.00 34.69 ? 830  GLU A N   1 
ATOM   158  C CA  . GLU A 1 24  ? -10.182 15.932  -4.501  1.00 31.54 ? 830  GLU A CA  1 
ATOM   159  C C   . GLU A 1 24  ? -9.634  17.227  -3.909  1.00 35.27 ? 830  GLU A C   1 
ATOM   160  O O   . GLU A 1 24  ? -8.522  17.235  -3.376  1.00 29.96 ? 830  GLU A O   1 
ATOM   161  C CB  . GLU A 1 24  ? -10.837 15.099  -3.402  1.00 31.27 ? 830  GLU A CB  1 
ATOM   162  C CG  . GLU A 1 24  ? -11.511 13.817  -3.899  1.00 55.54 ? 830  GLU A CG  1 
ATOM   163  C CD  . GLU A 1 24  ? -12.775 14.090  -4.695  1.00 67.53 ? 830  GLU A CD  1 
ATOM   164  O OE1 . GLU A 1 24  ? -13.875 13.848  -4.149  1.00 86.32 ? 830  GLU A OE1 1 
ATOM   165  O OE2 . GLU A 1 24  ? -12.673 14.544  -5.861  1.00 78.17 ? 830  GLU A OE2 1 
ATOM   166  N N   . PRO A 1 25  ? -10.369 18.333  -4.001  1.00 33.61 ? 831  PRO A N   1 
ATOM   167  C CA  . PRO A 1 25  ? -9.841  19.596  -3.453  1.00 31.21 ? 831  PRO A CA  1 
ATOM   168  C C   . PRO A 1 25  ? -9.355  19.475  -2.021  1.00 32.74 ? 831  PRO A C   1 
ATOM   169  O O   . PRO A 1 25  ? -8.266  19.974  -1.716  1.00 33.73 ? 831  PRO A O   1 
ATOM   170  C CB  . PRO A 1 25  ? -11.029 20.553  -3.574  1.00 33.41 ? 831  PRO A CB  1 
ATOM   171  C CG  . PRO A 1 25  ? -11.813 20.014  -4.782  1.00 33.16 ? 831  PRO A CG  1 
ATOM   172  C CD  . PRO A 1 25  ? -11.639 18.505  -4.737  1.00 29.40 ? 831  PRO A CD  1 
ATOM   173  N N   . ASN A 1 26  ? -10.105 18.799  -1.144  1.00 30.78 ? 832  ASN A N   1 
ATOM   174  C CA  . ASN A 1 26  ? -9.750  18.707  0.271   1.00 31.79 ? 832  ASN A CA  1 
ATOM   175  C C   . ASN A 1 26  ? -8.638  17.710  0.567   1.00 30.21 ? 832  ASN A C   1 
ATOM   176  O O   . ASN A 1 26  ? -8.321  17.501  1.745   1.00 28.17 ? 832  ASN A O   1 
ATOM   177  C CB  . ASN A 1 26  ? -10.973 18.334  1.109   1.00 33.46 ? 832  ASN A CB  1 
ATOM   178  C CG  . ASN A 1 26  ? -11.915 19.494  1.295   1.00 47.00 ? 832  ASN A CG  1 
ATOM   179  O OD1 . ASN A 1 26  ? -11.585 20.630  0.939   1.00 43.18 ? 832  ASN A OD1 1 
ATOM   180  N ND2 . ASN A 1 26  ? -13.095 19.225  1.852   1.00 47.44 ? 832  ASN A ND2 1 
ATOM   181  N N   . SER A 1 27  ? -8.047  17.078  -0.441  1.00 28.80 ? 833  SER A N   1 
ATOM   182  C CA  . SER A 1 27  ? -7.017  16.087  -0.155  1.00 34.59 ? 833  SER A CA  1 
ATOM   183  C C   . SER A 1 27  ? -5.770  16.752  0.435   1.00 35.21 ? 833  SER A C   1 
ATOM   184  O O   . SER A 1 27  ? -5.303  17.774  -0.071  1.00 29.54 ? 833  SER A O   1 
ATOM   185  C CB  . SER A 1 27  ? -6.654  15.322  -1.415  1.00 27.13 ? 833  SER A CB  1 
ATOM   186  O OG  . SER A 1 27  ? -5.433  14.650  -1.214  1.00 29.68 ? 833  SER A OG  1 
ATOM   187  N N   . SER A 1 28  ? -5.224  16.151  1.492   1.00 28.32 ? 834  SER A N   1 
ATOM   188  C CA  . SER A 1 28  ? -3.993  16.591  2.131   1.00 36.90 ? 834  SER A CA  1 
ATOM   189  C C   . SER A 1 28  ? -2.765  15.898  1.575   1.00 39.30 ? 834  SER A C   1 
ATOM   190  O O   . SER A 1 28  ? -1.643  16.212  2.001   1.00 34.76 ? 834  SER A O   1 
ATOM   191  C CB  . SER A 1 28  ? -4.063  16.341  3.634   1.00 30.61 ? 834  SER A CB  1 
ATOM   192  O OG  . SER A 1 28  ? -5.021  17.204  4.215   1.00 42.59 ? 834  SER A OG  1 
ATOM   193  N N   . ALA A 1 29  ? -2.949  14.967  0.647   1.00 34.59 ? 835  ALA A N   1 
ATOM   194  C CA  . ALA A 1 29  ? -1.853  14.230  0.041   1.00 30.11 ? 835  ALA A CA  1 
ATOM   195  C C   . ALA A 1 29  ? -1.794  14.547  -1.440  1.00 32.35 ? 835  ALA A C   1 
ATOM   196  O O   . ALA A 1 29  ? -2.826  14.788  -2.079  1.00 33.56 ? 835  ALA A O   1 
ATOM   197  C CB  . ALA A 1 29  ? -2.013  12.722  0.236   1.00 32.84 ? 835  ALA A CB  1 
ATOM   198  N N   . GLN A 1 30  ? -0.576  14.555  -1.980  1.00 27.35 ? 836  GLN A N   1 
ATOM   199  C CA  . GLN A 1 30  ? -0.370  14.643  -3.419  1.00 33.66 ? 836  GLN A CA  1 
ATOM   200  C C   . GLN A 1 30  ? 0.548   13.507  -3.851  1.00 32.69 ? 836  GLN A C   1 
ATOM   201  O O   . GLN A 1 30  ? 1.535   13.197  -3.175  1.00 33.32 ? 836  GLN A O   1 
ATOM   202  C CB  . GLN A 1 30  ? 0.214   16.004  -3.837  1.00 31.64 ? 836  GLN A CB  1 
ATOM   203  C CG  . GLN A 1 30  ? 1.592   16.318  -3.248  1.00 30.14 ? 836  GLN A CG  1 
ATOM   204  C CD  . GLN A 1 30  ? 2.200   17.574  -3.854  1.00 39.86 ? 836  GLN A CD  1 
ATOM   205  O OE1 . GLN A 1 30  ? 2.378   17.674  -5.071  1.00 35.13 ? 836  GLN A OE1 1 
ATOM   206  N NE2 . GLN A 1 30  ? 2.510   18.543  -3.006  1.00 34.58 ? 836  GLN A NE2 1 
ATOM   207  N N   . ILE A 1 31  ? 0.201   12.858  -4.952  1.00 34.73 ? 837  ILE A N   1 
ATOM   208  C CA  . ILE A 1 31  ? 0.982   11.737  -5.454  1.00 34.16 ? 837  ILE A CA  1 
ATOM   209  C C   . ILE A 1 31  ? 2.009   12.287  -6.433  1.00 32.83 ? 837  ILE A C   1 
ATOM   210  O O   . ILE A 1 31  ? 1.649   12.799  -7.494  1.00 33.69 ? 837  ILE A O   1 
ATOM   211  C CB  . ILE A 1 31  ? 0.087   10.688  -6.133  1.00 30.55 ? 837  ILE A CB  1 
ATOM   212  C CG1 . ILE A 1 31  ? -0.812  10.015  -5.101  1.00 29.69 ? 837  ILE A CG1 1 
ATOM   213  C CG2 . ILE A 1 31  ? 0.948   9.653   -6.863  1.00 29.12 ? 837  ILE A CG2 1 
ATOM   214  C CD1 . ILE A 1 31  ? -1.856  9.130   -5.723  1.00 32.13 ? 837  ILE A CD1 1 
ATOM   215  N N   . ASP A 1 32  ? 3.288   12.169  -6.096  1.00 31.81 ? 838  ASP A N   1 
ATOM   216  C CA  . ASP A 1 32  ? 4.322   12.773  -6.920  1.00 37.94 ? 838  ASP A CA  1 
ATOM   217  C C   . ASP A 1 32  ? 5.173   11.778  -7.692  1.00 42.76 ? 838  ASP A C   1 
ATOM   218  O O   . ASP A 1 32  ? 5.941   12.201  -8.565  1.00 39.94 ? 838  ASP A O   1 
ATOM   219  C CB  . ASP A 1 32  ? 5.204   13.653  -6.039  1.00 35.39 ? 838  ASP A CB  1 
ATOM   220  C CG  . ASP A 1 32  ? 4.405   14.766  -5.410  1.00 40.16 ? 838  ASP A CG  1 
ATOM   221  O OD1 . ASP A 1 32  ? 4.458   14.921  -4.176  1.00 36.97 ? 838  ASP A OD1 1 
ATOM   222  O OD2 . ASP A 1 32  ? 3.715   15.487  -6.170  1.00 39.13 ? 838  ASP A OD2 1 
ATOM   223  N N   . ILE A 1 33  ? 5.042   10.484  -7.419  1.00 38.75 ? 839  ILE A N   1 
ATOM   224  C CA  . ILE A 1 33  ? 5.860   9.484   -8.091  1.00 39.87 ? 839  ILE A CA  1 
ATOM   225  C C   . ILE A 1 33  ? 5.213   8.122   -7.879  1.00 38.63 ? 839  ILE A C   1 
ATOM   226  O O   . ILE A 1 33  ? 4.688   7.819   -6.798  1.00 36.13 ? 839  ILE A O   1 
ATOM   227  C CB  . ILE A 1 33  ? 7.317   9.524   -7.574  1.00 31.71 ? 839  ILE A CB  1 
ATOM   228  C CG1 . ILE A 1 33  ? 8.189   8.510   -8.302  1.00 33.30 ? 839  ILE A CG1 1 
ATOM   229  C CG2 . ILE A 1 33  ? 7.352   9.225   -6.111  1.00 37.07 ? 839  ILE A CG2 1 
ATOM   230  C CD1 . ILE A 1 33  ? 8.168   8.671   -9.809  1.00 42.95 ? 839  ILE A CD1 1 
ATOM   231  N N   . VAL A 1 34  ? 5.254   7.305   -8.924  1.00 35.01 ? 840  VAL A N   1 
ATOM   232  C CA  . VAL A 1 34  ? 4.791   5.925   -8.888  1.00 32.50 ? 840  VAL A CA  1 
ATOM   233  C C   . VAL A 1 34  ? 5.987   5.056   -9.242  1.00 39.13 ? 840  VAL A C   1 
ATOM   234  O O   . VAL A 1 34  ? 6.560   5.196   -10.332 1.00 38.98 ? 840  VAL A O   1 
ATOM   235  C CB  . VAL A 1 34  ? 3.625   5.714   -9.861  1.00 33.44 ? 840  VAL A CB  1 
ATOM   236  C CG1 . VAL A 1 34  ? 3.311   4.219   -10.061 1.00 29.79 ? 840  VAL A CG1 1 
ATOM   237  C CG2 . VAL A 1 34  ? 2.415   6.514   -9.377  1.00 33.47 ? 840  VAL A CG2 1 
ATOM   238  N N   . ILE A 1 35  ? 6.400   4.198   -8.312  1.00 33.23 ? 841  ILE A N   1 
ATOM   239  C CA  . ILE A 1 35  ? 7.541   3.314   -8.525  1.00 35.22 ? 841  ILE A CA  1 
ATOM   240  C C   . ILE A 1 35  ? 7.027   1.883   -8.643  1.00 43.74 ? 841  ILE A C   1 
ATOM   241  O O   . ILE A 1 35  ? 6.356   1.370   -7.736  1.00 39.36 ? 841  ILE A O   1 
ATOM   242  C CB  . ILE A 1 35  ? 8.579   3.434   -7.402  1.00 34.10 ? 841  ILE A CB  1 
ATOM   243  C CG1 . ILE A 1 35  ? 9.137   4.857   -7.344  1.00 35.79 ? 841  ILE A CG1 1 
ATOM   244  C CG2 . ILE A 1 35  ? 9.722   2.456   -7.612  1.00 31.34 ? 841  ILE A CG2 1 
ATOM   245  C CD1 . ILE A 1 35  ? 9.861   5.136   -6.043  1.00 34.82 ? 841  ILE A CD1 1 
ATOM   246  N N   . SER A 1 36  ? 7.331   1.244   -9.766  1.00 37.82 ? 842  SER A N   1 
ATOM   247  C CA  . SER A 1 36  ? 7.032   -0.162  -9.979  1.00 39.65 ? 842  SER A CA  1 
ATOM   248  C C   . SER A 1 36  ? 8.330   -0.950  -9.994  1.00 46.62 ? 842  SER A C   1 
ATOM   249  O O   . SER A 1 36  ? 9.316   -0.527  -10.604 1.00 49.70 ? 842  SER A O   1 
ATOM   250  C CB  . SER A 1 36  ? 6.288   -0.379  -11.294 1.00 43.54 ? 842  SER A CB  1 
ATOM   251  O OG  . SER A 1 36  ? 6.151   -1.767  -11.547 1.00 42.87 ? 842  SER A OG  1 
ATOM   252  N N   . ASN A 1 37  ? 8.340   -2.090  -9.321  1.00 47.93 ? 843  ASN A N   1 
ATOM   253  C CA  . ASN A 1 37  ? 9.483   -2.984  -9.422  1.00 46.30 ? 843  ASN A CA  1 
ATOM   254  C C   . ASN A 1 37  ? 9.398   -3.908  -10.643 1.00 53.52 ? 843  ASN A C   1 
ATOM   255  O O   . ASN A 1 37  ? 10.258  -4.778  -10.803 1.00 50.19 ? 843  ASN A O   1 
ATOM   256  C CB  . ASN A 1 37  ? 9.621   -3.808  -8.140  1.00 40.22 ? 843  ASN A CB  1 
ATOM   257  C CG  . ASN A 1 37  ? 8.590   -4.924  -8.054  1.00 56.85 ? 843  ASN A CG  1 
ATOM   258  O OD1 . ASN A 1 37  ? 7.385   -4.687  -8.178  1.00 47.52 ? 843  ASN A OD1 1 
ATOM   259  N ND2 . ASN A 1 37  ? 9.063   -6.153  -7.867  1.00 52.59 ? 843  ASN A ND2 1 
ATOM   260  N N   . LYS A 1 38  ? 8.399   -3.719  -11.513 1.00 48.71 ? 844  LYS A N   1 
ATOM   261  C CA  . LYS A 1 38  ? 8.165   -4.581  -12.670 1.00 51.68 ? 844  LYS A CA  1 
ATOM   262  C C   . LYS A 1 38  ? 7.693   -3.731  -13.839 1.00 56.45 ? 844  LYS A C   1 
ATOM   263  O O   . LYS A 1 38  ? 6.778   -2.915  -13.682 1.00 57.05 ? 844  LYS A O   1 
ATOM   264  C CB  . LYS A 1 38  ? 7.115   -5.662  -12.355 1.00 49.30 ? 844  LYS A CB  1 
ATOM   265  C CG  . LYS A 1 38  ? 7.510   -6.604  -11.216 1.00 55.02 ? 844  LYS A CG  1 
ATOM   266  C CD  . LYS A 1 38  ? 6.430   -7.640  -10.927 1.00 58.88 ? 844  LYS A CD  1 
ATOM   267  C CE  . LYS A 1 38  ? 6.896   -8.647  -9.880  1.00 59.46 ? 844  LYS A CE  1 
ATOM   268  N NZ  . LYS A 1 38  ? 5.801   -9.586  -9.482  1.00 64.16 ? 844  LYS A NZ  1 
ATOM   269  N N   . ALA A 1 39  ? 8.296   -3.930  -15.009 1.00 52.80 ? 845  ALA A N   1 
ATOM   270  C CA  . ALA A 1 39  ? 7.904   -3.161  -16.180 1.00 51.48 ? 845  ALA A CA  1 
ATOM   271  C C   . ALA A 1 39  ? 6.581   -3.672  -16.744 1.00 55.84 ? 845  ALA A C   1 
ATOM   272  O O   . ALA A 1 39  ? 6.080   -4.744  -16.382 1.00 56.76 ? 845  ALA A O   1 
ATOM   273  C CB  . ALA A 1 39  ? 8.989   -3.221  -17.252 1.00 59.22 ? 845  ALA A CB  1 
ATOM   274  N N   . ALA A 1 40  ? 5.999   -2.864  -17.631 1.00 48.06 ? 846  ALA A N   1 
ATOM   275  C CA  . ALA A 1 40  ? 4.812   -3.238  -18.403 1.00 60.11 ? 846  ALA A CA  1 
ATOM   276  C C   . ALA A 1 40  ? 3.633   -3.682  -17.528 1.00 58.71 ? 846  ALA A C   1 
ATOM   277  O O   . ALA A 1 40  ? 2.700   -4.325  -18.021 1.00 47.47 ? 846  ALA A O   1 
ATOM   278  C CB  . ALA A 1 40  ? 5.144   -4.329  -19.431 1.00 55.51 ? 846  ALA A CB  1 
ATOM   279  N N   . VAL A 1 41  ? 3.635   -3.354  -16.232 1.00 58.35 ? 847  VAL A N   1 
ATOM   280  C CA  . VAL A 1 41  ? 2.462   -3.609  -15.400 1.00 42.68 ? 847  VAL A CA  1 
ATOM   281  C C   . VAL A 1 41  ? 1.479   -2.462  -15.588 1.00 48.70 ? 847  VAL A C   1 
ATOM   282  O O   . VAL A 1 41  ? 1.876   -1.298  -15.754 1.00 48.59 ? 847  VAL A O   1 
ATOM   283  C CB  . VAL A 1 41  ? 2.860   -3.796  -13.923 1.00 52.54 ? 847  VAL A CB  1 
ATOM   284  C CG1 . VAL A 1 41  ? 3.900   -4.901  -13.786 1.00 44.54 ? 847  VAL A CG1 1 
ATOM   285  C CG2 . VAL A 1 41  ? 3.385   -2.494  -13.319 1.00 39.47 ? 847  VAL A CG2 1 
ATOM   286  N N   . ALA A 1 42  ? 0.184   -2.789  -15.575 1.00 47.58 ? 848  ALA A N   1 
ATOM   287  C CA  . ALA A 1 42  ? -0.846  -1.812  -15.918 1.00 44.93 ? 848  ALA A CA  1 
ATOM   288  C C   . ALA A 1 42  ? -0.858  -0.600  -14.989 1.00 48.65 ? 848  ALA A C   1 
ATOM   289  O O   . ALA A 1 42  ? -1.347  0.462   -15.387 1.00 43.73 ? 848  ALA A O   1 
ATOM   290  C CB  . ALA A 1 42  ? -2.222  -2.482  -15.912 1.00 41.97 ? 848  ALA A CB  1 
ATOM   291  N N   . GLY A 1 43  ? -0.342  -0.726  -13.766 1.00 41.28 ? 849  GLY A N   1 
ATOM   292  C CA  . GLY A 1 43  ? -0.305  0.422   -12.877 1.00 43.92 ? 849  GLY A CA  1 
ATOM   293  C C   . GLY A 1 43  ? 0.515   1.575   -13.427 1.00 42.68 ? 849  GLY A C   1 
ATOM   294  O O   . GLY A 1 43  ? 0.202   2.737   -13.172 1.00 39.70 ? 849  GLY A O   1 
ATOM   295  N N   . LEU A 1 44  ? 1.564   1.274   -14.198 1.00 44.29 ? 850  LEU A N   1 
ATOM   296  C CA  . LEU A 1 44  ? 2.346   2.333   -14.827 1.00 42.64 ? 850  LEU A CA  1 
ATOM   297  C C   . LEU A 1 44  ? 1.507   3.124   -15.820 1.00 44.08 ? 850  LEU A C   1 
ATOM   298  O O   . LEU A 1 44  ? 1.652   4.345   -15.927 1.00 48.23 ? 850  LEU A O   1 
ATOM   299  C CB  . LEU A 1 44  ? 3.577   1.743   -15.510 1.00 40.43 ? 850  LEU A CB  1 
ATOM   300  C CG  . LEU A 1 44  ? 4.626   1.143   -14.582 1.00 38.90 ? 850  LEU A CG  1 
ATOM   301  C CD1 . LEU A 1 44  ? 5.691   0.456   -15.393 1.00 39.94 ? 850  LEU A CD1 1 
ATOM   302  C CD2 . LEU A 1 44  ? 5.247   2.216   -13.675 1.00 36.59 ? 850  LEU A CD2 1 
ATOM   303  N N   A ASP A 1 45  ? 0.630   2.442   -16.565 0.51 45.83 ? 851  ASP A N   1 
ATOM   304  N N   B ASP A 1 45  ? 0.616   2.455   -16.549 0.49 45.72 ? 851  ASP A N   1 
ATOM   305  C CA  A ASP A 1 45  ? -0.221  3.137   -17.530 0.51 50.01 ? 851  ASP A CA  1 
ATOM   306  C CA  B ASP A 1 45  ? -0.196  3.176   -17.521 0.49 49.93 ? 851  ASP A CA  1 
ATOM   307  C C   A ASP A 1 45  ? -1.248  4.015   -16.827 0.51 48.82 ? 851  ASP A C   1 
ATOM   308  C C   B ASP A 1 45  ? -1.283  3.999   -16.846 0.49 49.07 ? 851  ASP A C   1 
ATOM   309  O O   A ASP A 1 45  ? -1.610  5.085   -17.331 0.51 50.37 ? 851  ASP A O   1 
ATOM   310  O O   B ASP A 1 45  ? -1.715  5.022   -17.392 0.49 50.31 ? 851  ASP A O   1 
ATOM   311  C CB  A ASP A 1 45  ? -0.942  2.141   -18.447 0.51 51.22 ? 851  ASP A CB  1 
ATOM   312  C CB  B ASP A 1 45  ? -0.825  2.210   -18.521 0.49 51.26 ? 851  ASP A CB  1 
ATOM   313  C CG  A ASP A 1 45  ? -0.024  1.066   -19.002 0.51 52.84 ? 851  ASP A CG  1 
ATOM   314  C CG  B ASP A 1 45  ? -1.342  2.919   -19.749 0.49 54.27 ? 851  ASP A CG  1 
ATOM   315  O OD1 A ASP A 1 45  ? 1.181   1.341   -19.202 0.51 56.42 ? 851  ASP A OD1 1 
ATOM   316  O OD1 B ASP A 1 45  ? -0.502  3.362   -20.566 0.49 55.99 ? 851  ASP A OD1 1 
ATOM   317  O OD2 A ASP A 1 45  ? -0.524  -0.053  -19.253 0.51 48.24 ? 851  ASP A OD2 1 
ATOM   318  O OD2 B ASP A 1 45  ? -2.581  3.056   -19.879 0.49 58.01 ? 851  ASP A OD2 1 
ATOM   319  N N   . LYS A 1 46  ? -1.751  3.563   -15.677 1.00 47.12 ? 852  LYS A N   1 
ATOM   320  C CA  . LYS A 1 46  ? -2.714  4.363   -14.935 1.00 44.57 ? 852  LYS A CA  1 
ATOM   321  C C   . LYS A 1 46  ? -2.064  5.651   -14.445 1.00 49.25 ? 852  LYS A C   1 
ATOM   322  O O   . LYS A 1 46  ? -2.686  6.722   -14.465 1.00 45.72 ? 852  LYS A O   1 
ATOM   323  C CB  . LYS A 1 46  ? -3.269  3.547   -13.765 1.00 48.88 ? 852  LYS A CB  1 
ATOM   324  C CG  . LYS A 1 46  ? -4.449  2.603   -14.117 1.00 48.04 ? 852  LYS A CG  1 
ATOM   325  C CD  . LYS A 1 46  ? -4.728  1.604   -12.985 1.00 38.44 ? 852  LYS A CD  1 
ATOM   326  C CE  . LYS A 1 46  ? -5.560  0.397   -13.451 1.00 45.61 ? 852  LYS A CE  1 
ATOM   327  N NZ  . LYS A 1 46  ? -4.719  -0.663  -14.071 1.00 41.07 ? 852  LYS A NZ  1 
ATOM   328  N N   . ALA A 1 47  ? -0.802  5.562   -14.018 1.00 39.08 ? 853  ALA A N   1 
ATOM   329  C CA  . ALA A 1 47  ? -0.085  6.752   -13.576 1.00 43.59 ? 853  ALA A CA  1 
ATOM   330  C C   . ALA A 1 47  ? 0.223   7.664   -14.756 1.00 47.34 ? 853  ALA A C   1 
ATOM   331  O O   . ALA A 1 47  ? -0.016  8.873   -14.696 1.00 49.77 ? 853  ALA A O   1 
ATOM   332  C CB  . ALA A 1 47  ? 1.196   6.349   -12.847 1.00 42.76 ? 853  ALA A CB  1 
ATOM   333  N N   . GLU A 1 48  ? 0.719   7.089   -15.856 1.00 55.32 ? 854  GLU A N   1 
ATOM   334  C CA  . GLU A 1 48  ? 1.035   7.884   -17.040 1.00 49.14 ? 854  GLU A CA  1 
ATOM   335  C C   . GLU A 1 48  ? -0.206  8.600   -17.575 1.00 51.89 ? 854  GLU A C   1 
ATOM   336  O O   . GLU A 1 48  ? -0.134  9.770   -17.963 1.00 50.15 ? 854  GLU A O   1 
ATOM   337  C CB  . GLU A 1 48  ? 1.675   6.985   -18.102 1.00 56.68 ? 854  GLU A CB  1 
ATOM   338  C CG  . GLU A 1 48  ? 3.155   6.654   -17.785 1.00 61.86 ? 854  GLU A CG  1 
ATOM   339  C CD  . GLU A 1 48  ? 3.705   5.403   -18.505 1.00 79.56 ? 854  GLU A CD  1 
ATOM   340  O OE1 . GLU A 1 48  ? 4.931   5.152   -18.393 1.00 77.09 ? 854  GLU A OE1 1 
ATOM   341  O OE2 . GLU A 1 48  ? 2.928   4.675   -19.180 1.00 79.04 ? 854  GLU A OE2 1 
ATOM   342  N N   A ARG A 1 49  ? -1.354  7.916   -17.589 0.48 51.10 ? 855  ARG A N   1 
ATOM   343  N N   B ARG A 1 49  ? -1.357  7.916   -17.597 0.52 51.10 ? 855  ARG A N   1 
ATOM   344  C CA  A ARG A 1 49  ? -2.601  8.566   -17.982 0.48 51.44 ? 855  ARG A CA  1 
ATOM   345  C CA  B ARG A 1 49  ? -2.600  8.580   -17.988 0.52 51.44 ? 855  ARG A CA  1 
ATOM   346  C C   A ARG A 1 49  ? -3.003  9.668   -17.009 0.48 51.79 ? 855  ARG A C   1 
ATOM   347  C C   B ARG A 1 49  ? -2.997  9.678   -17.010 0.52 51.80 ? 855  ARG A C   1 
ATOM   348  O O   A ARG A 1 49  ? -3.807  10.538  -17.366 0.48 49.93 ? 855  ARG A O   1 
ATOM   349  O O   B ARG A 1 49  ? -3.794  10.555  -17.365 0.52 49.81 ? 855  ARG A O   1 
ATOM   350  C CB  A ARG A 1 49  ? -3.723  7.529   -18.090 0.48 52.28 ? 855  ARG A CB  1 
ATOM   351  C CB  B ARG A 1 49  ? -3.744  7.566   -18.110 0.52 52.28 ? 855  ARG A CB  1 
ATOM   352  C CG  A ARG A 1 49  ? -4.626  7.692   -19.306 0.48 56.40 ? 855  ARG A CG  1 
ATOM   353  C CG  B ARG A 1 49  ? -4.218  7.312   -19.540 0.52 56.33 ? 855  ARG A CG  1 
ATOM   354  C CD  A ARG A 1 49  ? -5.658  6.564   -19.378 0.48 58.33 ? 855  ARG A CD  1 
ATOM   355  C CD  B ARG A 1 49  ? -5.532  6.517   -19.581 0.52 58.27 ? 855  ARG A CD  1 
ATOM   356  N NE  A ARG A 1 49  ? -5.067  5.276   -19.742 0.48 55.25 ? 855  ARG A NE  1 
ATOM   357  N NE  B ARG A 1 49  ? -6.458  6.879   -18.503 0.52 59.27 ? 855  ARG A NE  1 
ATOM   358  C CZ  A ARG A 1 49  ? -4.991  4.227   -18.926 0.48 54.63 ? 855  ARG A CZ  1 
ATOM   359  C CZ  B ARG A 1 49  ? -7.583  7.571   -18.678 0.52 58.73 ? 855  ARG A CZ  1 
ATOM   360  N NH1 A ARG A 1 49  ? -4.441  3.099   -19.349 0.48 50.32 ? 855  ARG A NH1 1 
ATOM   361  N NH1 B ARG A 1 49  ? -8.358  7.850   -17.640 0.52 54.64 ? 855  ARG A NH1 1 
ATOM   362  N NH2 A ARG A 1 49  ? -5.458  4.306   -17.685 0.48 46.90 ? 855  ARG A NH2 1 
ATOM   363  N NH2 B ARG A 1 49  ? -7.936  7.983   -19.888 0.52 57.63 ? 855  ARG A NH2 1 
ATOM   364  N N   . ALA A 1 50  ? -2.465  9.649   -15.790 1.00 48.15 ? 856  ALA A N   1 
ATOM   365  C CA  . ALA A 1 50  ? -2.793  10.630  -14.772 1.00 48.24 ? 856  ALA A CA  1 
ATOM   366  C C   . ALA A 1 50  ? -1.737  11.721  -14.651 1.00 52.67 ? 856  ALA A C   1 
ATOM   367  O O   . ALA A 1 50  ? -1.855  12.589  -13.779 1.00 49.23 ? 856  ALA A O   1 
ATOM   368  C CB  . ALA A 1 50  ? -2.987  9.936   -13.416 1.00 42.21 ? 856  ALA A CB  1 
ATOM   369  N N   . GLY A 1 51  ? -0.708  11.697  -15.497 1.00 49.85 ? 857  GLY A N   1 
ATOM   370  C CA  . GLY A 1 51  ? 0.311   12.722  -15.447 1.00 48.15 ? 857  GLY A CA  1 
ATOM   371  C C   . GLY A 1 51  ? 1.379   12.503  -14.406 1.00 45.74 ? 857  GLY A C   1 
ATOM   372  O O   . GLY A 1 51  ? 2.231   13.376  -14.225 1.00 52.64 ? 857  GLY A O   1 
ATOM   373  N N   . ILE A 1 52  ? 1.381   11.357  -13.737 1.00 46.71 ? 858  ILE A N   1 
ATOM   374  C CA  . ILE A 1 52  ? 2.294   11.119  -12.626 1.00 36.53 ? 858  ILE A CA  1 
ATOM   375  C C   . ILE A 1 52  ? 3.583   10.476  -13.125 1.00 44.54 ? 858  ILE A C   1 
ATOM   376  O O   . ILE A 1 52  ? 3.538   9.477   -13.866 1.00 48.79 ? 858  ILE A O   1 
ATOM   377  C CB  . ILE A 1 52  ? 1.610   10.269  -11.547 1.00 40.20 ? 858  ILE A CB  1 
ATOM   378  C CG1 . ILE A 1 52  ? 0.258   10.898  -11.213 1.00 34.86 ? 858  ILE A CG1 1 
ATOM   379  C CG2 . ILE A 1 52  ? 2.483   10.170  -10.284 1.00 36.31 ? 858  ILE A CG2 1 
ATOM   380  C CD1 . ILE A 1 52  ? -0.544  10.105  -10.236 1.00 36.52 ? 858  ILE A CD1 1 
ATOM   381  N N   . PRO A 1 53  ? 4.742   11.035  -12.766 1.00 45.56 ? 859  PRO A N   1 
ATOM   382  C CA  . PRO A 1 53  ? 6.024   10.390  -13.083 1.00 46.07 ? 859  PRO A CA  1 
ATOM   383  C C   . PRO A 1 53  ? 6.072   8.944   -12.608 1.00 46.31 ? 859  PRO A C   1 
ATOM   384  O O   . PRO A 1 53  ? 5.523   8.589   -11.561 1.00 42.97 ? 859  PRO A O   1 
ATOM   385  C CB  . PRO A 1 53  ? 7.049   11.247  -12.323 1.00 35.81 ? 859  PRO A CB  1 
ATOM   386  C CG  . PRO A 1 53  ? 6.393   12.538  -12.115 1.00 38.24 ? 859  PRO A CG  1 
ATOM   387  C CD  . PRO A 1 53  ? 4.919   12.314  -12.053 1.00 43.74 ? 859  PRO A CD  1 
ATOM   388  N N   . THR A 1 54  ? 6.754   8.105   -13.389 1.00 50.44 ? 860  THR A N   1 
ATOM   389  C CA  . THR A 1 54  ? 6.919   6.697   -13.066 1.00 46.99 ? 860  THR A CA  1 
ATOM   390  C C   . THR A 1 54  ? 8.387   6.316   -13.153 1.00 49.74 ? 860  THR A C   1 
ATOM   391  O O   . THR A 1 54  ? 9.111   6.781   -14.035 1.00 47.85 ? 860  THR A O   1 
ATOM   392  C CB  . THR A 1 54  ? 6.099   5.799   -14.004 1.00 40.61 ? 860  THR A CB  1 
ATOM   393  O OG1 . THR A 1 54  ? 6.484   6.038   -15.361 1.00 49.72 ? 860  THR A OG1 1 
ATOM   394  C CG2 . THR A 1 54  ? 4.610   6.090   -13.867 1.00 46.22 ? 860  THR A CG2 1 
ATOM   395  N N   . ARG A 1 55  ? 8.817   5.469   -12.228 1.00 48.51 ? 861  ARG A N   1 
ATOM   396  C CA  . ARG A 1 55  ? 10.144  4.876   -12.263 1.00 44.31 ? 861  ARG A CA  1 
ATOM   397  C C   . ARG A 1 55  ? 9.977   3.375   -12.102 1.00 51.68 ? 861  ARG A C   1 
ATOM   398  O O   . ARG A 1 55  ? 9.250   2.921   -11.213 1.00 44.13 ? 861  ARG A O   1 
ATOM   399  C CB  . ARG A 1 55  ? 11.043  5.424   -11.156 1.00 46.54 ? 861  ARG A CB  1 
ATOM   400  C CG  . ARG A 1 55  ? 11.440  6.891   -11.336 1.00 58.58 ? 861  ARG A CG  1 
ATOM   401  C CD  . ARG A 1 55  ? 11.932  7.194   -12.768 1.00 66.19 ? 861  ARG A CD  1 
ATOM   402  N NE  . ARG A 1 55  ? 11.735  8.602   -13.126 1.00 59.46 ? 861  ARG A NE  1 
ATOM   403  C CZ  . ARG A 1 55  ? 12.433  9.607   -12.607 1.00 58.67 ? 861  ARG A CZ  1 
ATOM   404  N NH1 . ARG A 1 55  ? 13.388  9.364   -11.717 1.00 54.94 ? 861  ARG A NH1 1 
ATOM   405  N NH2 . ARG A 1 55  ? 12.177  10.858  -12.977 1.00 67.71 ? 861  ARG A NH2 1 
ATOM   406  N N   . VAL A 1 56  ? 10.627  2.605   -12.965 1.00 44.29 ? 862  VAL A N   1 
ATOM   407  C CA  . VAL A 1 56  ? 10.715  1.164   -12.790 1.00 44.74 ? 862  VAL A CA  1 
ATOM   408  C C   . VAL A 1 56  ? 12.061  0.846   -12.164 1.00 46.42 ? 862  VAL A C   1 
ATOM   409  O O   . VAL A 1 56  ? 13.108  1.284   -12.660 1.00 49.65 ? 862  VAL A O   1 
ATOM   410  C CB  . VAL A 1 56  ? 10.525  0.414   -14.115 1.00 39.87 ? 862  VAL A CB  1 
ATOM   411  C CG1 . VAL A 1 56  ? 10.639  -1.080  -13.867 1.00 49.39 ? 862  VAL A CG1 1 
ATOM   412  C CG2 . VAL A 1 56  ? 9.176   0.748   -14.730 1.00 41.80 ? 862  VAL A CG2 1 
ATOM   413  N N   . ILE A 1 57  ? 12.034  0.113   -11.056 1.00 46.19 ? 863  ILE A N   1 
ATOM   414  C CA  . ILE A 1 57  ? 13.242  -0.308  -10.350 1.00 47.13 ? 863  ILE A CA  1 
ATOM   415  C C   . ILE A 1 57  ? 13.163  -1.831  -10.240 1.00 53.37 ? 863  ILE A C   1 
ATOM   416  O O   . ILE A 1 57  ? 12.654  -2.372  -9.254  1.00 54.63 ? 863  ILE A O   1 
ATOM   417  C CB  . ILE A 1 57  ? 13.378  0.342   -8.972  1.00 45.07 ? 863  ILE A CB  1 
ATOM   418  C CG1 . ILE A 1 57  ? 13.400  1.871   -9.100  1.00 52.92 ? 863  ILE A CG1 1 
ATOM   419  C CG2 . ILE A 1 57  ? 14.620  -0.155  -8.255  1.00 43.87 ? 863  ILE A CG2 1 
ATOM   420  C CD1 . ILE A 1 57  ? 13.612  2.583   -7.774  1.00 47.48 ? 863  ILE A CD1 1 
ATOM   421  N N   . ASN A 1 58  ? 13.671  -2.529  -11.259 1.00 55.09 ? 864  ASN A N   1 
ATOM   422  C CA  . ASN A 1 58  ? 13.641  -3.989  -11.322 1.00 44.63 ? 864  ASN A CA  1 
ATOM   423  C C   . ASN A 1 58  ? 14.447  -4.645  -10.208 1.00 54.35 ? 864  ASN A C   1 
ATOM   424  O O   . ASN A 1 58  ? 15.681  -4.628  -10.246 1.00 60.35 ? 864  ASN A O   1 
ATOM   425  C CB  . ASN A 1 58  ? 14.166  -4.449  -12.682 1.00 59.47 ? 864  ASN A CB  1 
ATOM   426  C CG  . ASN A 1 58  ? 13.865  -5.905  -12.960 1.00 60.97 ? 864  ASN A CG  1 
ATOM   427  O OD1 . ASN A 1 58  ? 13.910  -6.750  -12.059 1.00 52.21 ? 864  ASN A OD1 1 
ATOM   428  N ND2 . ASN A 1 58  ? 13.540  -6.205  -14.212 1.00 63.14 ? 864  ASN A ND2 1 
ATOM   429  N N   . HIS A 1 59  ? 13.762  -5.268  -9.236  1.00 53.17 ? 865  HIS A N   1 
ATOM   430  C CA  . HIS A 1 59  ? 14.445  -5.868  -8.088  1.00 51.59 ? 865  HIS A CA  1 
ATOM   431  C C   . HIS A 1 59  ? 15.415  -6.974  -8.491  1.00 60.01 ? 865  HIS A C   1 
ATOM   432  O O   . HIS A 1 59  ? 16.347  -7.270  -7.730  1.00 49.51 ? 865  HIS A O   1 
ATOM   433  C CB  . HIS A 1 59  ? 13.426  -6.440  -7.098  1.00 55.10 ? 865  HIS A CB  1 
ATOM   434  C CG  . HIS A 1 59  ? 12.697  -7.648  -7.608  1.00 56.43 ? 865  HIS A CG  1 
ATOM   435  N ND1 . HIS A 1 59  ? 11.812  -7.596  -8.668  1.00 60.85 ? 865  HIS A ND1 1 
ATOM   436  C CD2 . HIS A 1 59  ? 12.733  -8.945  -7.216  1.00 59.48 ? 865  HIS A CD2 1 
ATOM   437  C CE1 . HIS A 1 59  ? 11.334  -8.806  -8.904  1.00 50.98 ? 865  HIS A CE1 1 
ATOM   438  N NE2 . HIS A 1 59  ? 11.874  -9.643  -8.034  1.00 49.38 ? 865  HIS A NE2 1 
ATOM   439  N N   . LYS A 1 60  ? 15.209  -7.595  -9.661  1.00 57.70 ? 866  LYS A N   1 
ATOM   440  C CA  . LYS A 1 60  ? 16.045  -8.720  -10.082 1.00 68.45 ? 866  LYS A CA  1 
ATOM   441  C C   . LYS A 1 60  ? 17.450  -8.282  -10.478 1.00 71.30 ? 866  LYS A C   1 
ATOM   442  O O   . LYS A 1 60  ? 18.367  -9.113  -10.486 1.00 65.73 ? 866  LYS A O   1 
ATOM   443  C CB  . LYS A 1 60  ? 15.376  -9.470  -11.243 1.00 60.12 ? 866  LYS A CB  1 
ATOM   444  C CG  . LYS A 1 60  ? 13.979  -9.991  -10.905 1.00 49.03 ? 866  LYS A CG  1 
ATOM   445  C CD  . LYS A 1 60  ? 13.444  -10.986 -11.933 1.00 66.01 ? 866  LYS A CD  1 
ATOM   446  C CE  . LYS A 1 60  ? 12.730  -10.287 -13.081 1.00 66.59 ? 866  LYS A CE  1 
ATOM   447  N NZ  . LYS A 1 60  ? 12.022  -11.271 -13.967 1.00 71.35 ? 866  LYS A NZ  1 
ATOM   448  N N   . LEU A 1 61  ? 17.639  -6.995  -10.785 1.00 69.52 ? 867  LEU A N   1 
ATOM   449  C CA  . LEU A 1 61  ? 18.940  -6.460  -11.160 1.00 64.71 ? 867  LEU A CA  1 
ATOM   450  C C   . LEU A 1 61  ? 19.806  -6.102  -9.963  1.00 59.08 ? 867  LEU A C   1 
ATOM   451  O O   . LEU A 1 61  ? 20.929  -5.628  -10.160 1.00 75.55 ? 867  LEU A O   1 
ATOM   452  C CB  . LEU A 1 61  ? 18.769  -5.222  -12.039 1.00 59.06 ? 867  LEU A CB  1 
ATOM   453  C CG  . LEU A 1 61  ? 17.796  -5.377  -13.205 1.00 69.06 ? 867  LEU A CG  1 
ATOM   454  C CD1 . LEU A 1 61  ? 17.833  -4.141  -14.094 1.00 61.17 ? 867  LEU A CD1 1 
ATOM   455  C CD2 . LEU A 1 61  ? 18.114  -6.633  -14.002 1.00 71.97 ? 867  LEU A CD2 1 
ATOM   456  N N   . TYR A 1 62  ? 19.335  -6.311  -8.740  1.00 56.93 ? 868  TYR A N   1 
ATOM   457  C CA  . TYR A 1 62  ? 20.084  -5.886  -7.572  1.00 60.79 ? 868  TYR A CA  1 
ATOM   458  C C   . TYR A 1 62  ? 20.591  -7.090  -6.799  1.00 62.86 ? 868  TYR A C   1 
ATOM   459  O O   . TYR A 1 62  ? 19.986  -8.166  -6.810  1.00 58.99 ? 868  TYR A O   1 
ATOM   460  C CB  . TYR A 1 62  ? 19.245  -4.973  -6.664  1.00 70.66 ? 868  TYR A CB  1 
ATOM   461  C CG  . TYR A 1 62  ? 19.030  -3.613  -7.291  1.00 60.44 ? 868  TYR A CG  1 
ATOM   462  C CD1 . TYR A 1 62  ? 18.013  -3.419  -8.219  1.00 57.17 ? 868  TYR A CD1 1 
ATOM   463  C CD2 . TYR A 1 62  ? 19.863  -2.540  -6.994  1.00 62.96 ? 868  TYR A CD2 1 
ATOM   464  C CE1 . TYR A 1 62  ? 17.810  -2.202  -8.821  1.00 57.46 ? 868  TYR A CE1 1 
ATOM   465  C CE2 . TYR A 1 62  ? 19.665  -1.301  -7.599  1.00 57.62 ? 868  TYR A CE2 1 
ATOM   466  C CZ  . TYR A 1 62  ? 18.634  -1.144  -8.515  1.00 60.09 ? 868  TYR A CZ  1 
ATOM   467  O OH  . TYR A 1 62  ? 18.405  0.065   -9.136  1.00 62.64 ? 868  TYR A OH  1 
ATOM   468  N N   . LYS A 1 63  ? 21.724  -6.878  -6.134  1.00 61.77 ? 869  LYS A N   1 
ATOM   469  C CA  . LYS A 1 63  ? 22.423  -7.966  -5.467  1.00 67.98 ? 869  LYS A CA  1 
ATOM   470  C C   . LYS A 1 63  ? 21.582  -8.538  -4.334  1.00 65.22 ? 869  LYS A C   1 
ATOM   471  O O   . LYS A 1 63  ? 21.380  -9.755  -4.251  1.00 69.72 ? 869  LYS A O   1 
ATOM   472  C CB  . LYS A 1 63  ? 23.770  -7.458  -4.951  1.00 72.38 ? 869  LYS A CB  1 
ATOM   473  C CG  . LYS A 1 63  ? 24.816  -8.529  -4.705  1.00 74.17 ? 869  LYS A CG  1 
ATOM   474  C CD  . LYS A 1 63  ? 26.187  -7.886  -4.471  1.00 73.07 ? 869  LYS A CD  1 
ATOM   475  C CE  . LYS A 1 63  ? 26.152  -6.950  -3.266  1.00 74.41 ? 869  LYS A CE  1 
ATOM   476  N NZ  . LYS A 1 63  ? 25.582  -7.606  -2.043  1.00 73.62 ? 869  LYS A NZ  1 
ATOM   477  N N   . ASN A 1 64  ? 21.079  -7.682  -3.460  1.00 66.91 ? 870  ASN A N   1 
ATOM   478  C CA  . ASN A 1 64  ? 20.280  -8.137  -2.329  1.00 53.97 ? 870  ASN A CA  1 
ATOM   479  C C   . ASN A 1 64  ? 19.145  -7.142  -2.112  1.00 64.64 ? 870  ASN A C   1 
ATOM   480  O O   . ASN A 1 64  ? 18.763  -6.384  -3.013  1.00 63.91 ? 870  ASN A O   1 
ATOM   481  C CB  . ASN A 1 64  ? 21.181  -8.350  -1.103  1.00 54.83 ? 870  ASN A CB  1 
ATOM   482  C CG  . ASN A 1 64  ? 21.812  -7.068  -0.617  1.00 71.21 ? 870  ASN A CG  1 
ATOM   483  O OD1 . ASN A 1 64  ? 21.651  -6.021  -1.233  1.00 70.03 ? 870  ASN A OD1 1 
ATOM   484  N ND2 . ASN A 1 64  ? 22.543  -7.144  0.491   1.00 72.12 ? 870  ASN A ND2 1 
ATOM   485  N N   . ARG A 1 65  ? 18.585  -7.138  -0.903  1.00 62.47 ? 871  ARG A N   1 
ATOM   486  C CA  . ARG A 1 65  ? 17.421  -6.300  -0.650  1.00 61.91 ? 871  ARG A CA  1 
ATOM   487  C C   . ARG A 1 65  ? 17.821  -4.853  -0.387  1.00 63.27 ? 871  ARG A C   1 
ATOM   488  O O   . ARG A 1 65  ? 17.173  -3.931  -0.897  1.00 56.49 ? 871  ARG A O   1 
ATOM   489  C CB  . ARG A 1 65  ? 16.604  -6.866  0.517   1.00 54.24 ? 871  ARG A CB  1 
ATOM   490  C CG  . ARG A 1 65  ? 15.465  -7.782  0.062   1.00 61.27 ? 871  ARG A CG  1 
ATOM   491  C CD  . ARG A 1 65  ? 14.630  -8.341  1.218   1.00 51.46 ? 871  ARG A CD  1 
ATOM   492  N NE  . ARG A 1 65  ? 14.172  -9.706  0.938   1.00 54.13 ? 871  ARG A NE  1 
ATOM   493  C CZ  . ARG A 1 65  ? 13.186  -10.033 0.100   1.00 57.82 ? 871  ARG A CZ  1 
ATOM   494  N NH1 . ARG A 1 65  ? 12.501  -9.100  -0.557  1.00 46.76 ? 871  ARG A NH1 1 
ATOM   495  N NH2 . ARG A 1 65  ? 12.875  -11.311 -0.083  1.00 56.68 ? 871  ARG A NH2 1 
ATOM   496  N N   . VAL A 1 66  ? 18.894  -4.631  0.378   1.00 58.30 ? 872  VAL A N   1 
ATOM   497  C CA  . VAL A 1 66  ? 19.263  -3.263  0.727   1.00 60.35 ? 872  VAL A CA  1 
ATOM   498  C C   . VAL A 1 66  ? 19.700  -2.470  -0.507  1.00 56.20 ? 872  VAL A C   1 
ATOM   499  O O   . VAL A 1 66  ? 19.452  -1.260  -0.585  1.00 59.02 ? 872  VAL A O   1 
ATOM   500  C CB  . VAL A 1 66  ? 20.340  -3.261  1.826   1.00 52.85 ? 872  VAL A CB  1 
ATOM   501  C CG1 . VAL A 1 66  ? 19.787  -3.901  3.091   1.00 44.96 ? 872  VAL A CG1 1 
ATOM   502  C CG2 . VAL A 1 66  ? 21.595  -3.971  1.358   1.00 60.73 ? 872  VAL A CG2 1 
ATOM   503  N N   . GLU A 1 67  ? 20.339  -3.120  -1.489  1.00 58.50 ? 873  GLU A N   1 
ATOM   504  C CA  . GLU A 1 67  ? 20.699  -2.412  -2.718  1.00 59.48 ? 873  GLU A CA  1 
ATOM   505  C C   . GLU A 1 67  ? 19.456  -2.030  -3.505  1.00 62.06 ? 873  GLU A C   1 
ATOM   506  O O   . GLU A 1 67  ? 19.399  -0.949  -4.107  1.00 60.52 ? 873  GLU A O   1 
ATOM   507  C CB  . GLU A 1 67  ? 21.617  -3.255  -3.613  1.00 64.37 ? 873  GLU A CB  1 
ATOM   508  C CG  . GLU A 1 67  ? 22.861  -3.885  -2.979  1.00 67.47 ? 873  GLU A CG  1 
ATOM   509  C CD  . GLU A 1 67  ? 23.701  -2.928  -2.153  1.00 81.23 ? 873  GLU A CD  1 
ATOM   510  O OE1 . GLU A 1 67  ? 23.805  -1.733  -2.523  1.00 83.30 ? 873  GLU A OE1 1 
ATOM   511  O OE2 . GLU A 1 67  ? 24.279  -3.391  -1.141  1.00 74.45 ? 873  GLU A OE2 1 
ATOM   512  N N   . PHE A 1 68  ? 18.463  -2.923  -3.533  1.00 53.93 ? 874  PHE A N   1 
ATOM   513  C CA  . PHE A 1 68  ? 17.195  -2.617  -4.185  1.00 44.70 ? 874  PHE A CA  1 
ATOM   514  C C   . PHE A 1 68  ? 16.466  -1.494  -3.464  1.00 49.96 ? 874  PHE A C   1 
ATOM   515  O O   . PHE A 1 68  ? 15.931  -0.578  -4.103  1.00 48.38 ? 874  PHE A O   1 
ATOM   516  C CB  . PHE A 1 68  ? 16.328  -3.873  -4.226  1.00 56.82 ? 874  PHE A CB  1 
ATOM   517  C CG  . PHE A 1 68  ? 14.899  -3.612  -4.593  1.00 53.98 ? 874  PHE A CG  1 
ATOM   518  C CD1 . PHE A 1 68  ? 14.572  -3.129  -5.854  1.00 48.66 ? 874  PHE A CD1 1 
ATOM   519  C CD2 . PHE A 1 68  ? 13.883  -3.851  -3.680  1.00 49.38 ? 874  PHE A CD2 1 
ATOM   520  C CE1 . PHE A 1 68  ? 13.254  -2.892  -6.202  1.00 52.01 ? 874  PHE A CE1 1 
ATOM   521  C CE2 . PHE A 1 68  ? 12.564  -3.615  -4.016  1.00 44.43 ? 874  PHE A CE2 1 
ATOM   522  C CZ  . PHE A 1 68  ? 12.245  -3.133  -5.277  1.00 47.42 ? 874  PHE A CZ  1 
ATOM   523  N N   . ASP A 1 69  ? 16.445  -1.549  -2.128  1.00 52.57 ? 875  ASP A N   1 
ATOM   524  C CA  . ASP A 1 69  ? 15.752  -0.539  -1.336  1.00 55.74 ? 875  ASP A CA  1 
ATOM   525  C C   . ASP A 1 69  ? 16.450  0.807   -1.444  1.00 56.62 ? 875  ASP A C   1 
ATOM   526  O O   . ASP A 1 69  ? 15.789  1.841   -1.583  1.00 53.19 ? 875  ASP A O   1 
ATOM   527  C CB  . ASP A 1 69  ? 15.674  -0.978  0.130   1.00 55.63 ? 875  ASP A CB  1 
ATOM   528  C CG  . ASP A 1 69  ? 14.787  -2.219  0.338   1.00 67.78 ? 875  ASP A CG  1 
ATOM   529  O OD1 . ASP A 1 69  ? 14.226  -2.758  -0.650  1.00 63.11 ? 875  ASP A OD1 1 
ATOM   530  O OD2 . ASP A 1 69  ? 14.651  -2.657  1.503   1.00 61.51 ? 875  ASP A OD2 1 
ATOM   531  N N   . SER A 1 70  ? 17.789  0.808   -1.381  1.00 49.93 ? 876  SER A N   1 
ATOM   532  C CA  . SER A 1 70  ? 18.541  2.045   -1.568  1.00 54.68 ? 876  SER A CA  1 
ATOM   533  C C   . SER A 1 70  ? 18.218  2.695   -2.905  1.00 51.05 ? 876  SER A C   1 
ATOM   534  O O   . SER A 1 70  ? 18.178  3.927   -3.004  1.00 53.69 ? 876  SER A O   1 
ATOM   535  C CB  . SER A 1 70  ? 20.046  1.779   -1.464  1.00 55.89 ? 876  SER A CB  1 
ATOM   536  O OG  . SER A 1 70  ? 20.456  1.698   -0.112  1.00 59.40 ? 876  SER A OG  1 
ATOM   537  N N   . ALA A 1 71  ? 17.982  1.895   -3.939  1.00 41.82 ? 877  ALA A N   1 
ATOM   538  C CA  . ALA A 1 71  ? 17.606  2.473   -5.219  1.00 45.36 ? 877  ALA A CA  1 
ATOM   539  C C   . ALA A 1 71  ? 16.259  3.170   -5.123  1.00 51.93 ? 877  ALA A C   1 
ATOM   540  O O   . ALA A 1 71  ? 16.067  4.234   -5.722  1.00 45.55 ? 877  ALA A O   1 
ATOM   541  C CB  . ALA A 1 71  ? 17.571  1.396   -6.297  1.00 47.90 ? 877  ALA A CB  1 
ATOM   542  N N   . ILE A 1 72  ? 15.315  2.581   -4.377  1.00 45.77 ? 878  ILE A N   1 
ATOM   543  C CA  . ILE A 1 72  ? 14.014  3.221   -4.182  1.00 43.39 ? 878  ILE A CA  1 
ATOM   544  C C   . ILE A 1 72  ? 14.177  4.509   -3.393  1.00 46.91 ? 878  ILE A C   1 
ATOM   545  O O   . ILE A 1 72  ? 13.670  5.567   -3.784  1.00 48.63 ? 878  ILE A O   1 
ATOM   546  C CB  . ILE A 1 72  ? 13.032  2.262   -3.484  1.00 49.93 ? 878  ILE A CB  1 
ATOM   547  C CG1 . ILE A 1 72  ? 12.444  1.247   -4.468  1.00 46.34 ? 878  ILE A CG1 1 
ATOM   548  C CG2 . ILE A 1 72  ? 11.909  3.034   -2.809  1.00 41.60 ? 878  ILE A CG2 1 
ATOM   549  C CD1 . ILE A 1 72  ? 11.758  0.096   -3.769  1.00 42.77 ? 878  ILE A CD1 1 
ATOM   550  N N   . ASP A 1 73  ? 14.891  4.426   -2.265  1.00 43.42 ? 879  ASP A N   1 
ATOM   551  C CA  . ASP A 1 73  ? 15.127  5.573   -1.402  1.00 49.70 ? 879  ASP A CA  1 
ATOM   552  C C   . ASP A 1 73  ? 15.709  6.750   -2.178  1.00 50.65 ? 879  ASP A C   1 
ATOM   553  O O   . ASP A 1 73  ? 15.404  7.910   -1.879  1.00 52.33 ? 879  ASP A O   1 
ATOM   554  C CB  . ASP A 1 73  ? 16.061  5.153   -0.268  1.00 44.25 ? 879  ASP A CB  1 
ATOM   555  C CG  . ASP A 1 73  ? 16.007  6.093   0.921   1.00 60.42 ? 879  ASP A CG  1 
ATOM   556  O OD1 . ASP A 1 73  ? 14.902  6.285   1.476   1.00 57.48 ? 879  ASP A OD1 1 
ATOM   557  O OD2 . ASP A 1 73  ? 17.072  6.627   1.310   1.00 67.76 ? 879  ASP A OD2 1 
ATOM   558  N N   . LEU A 1 74  ? 16.539  6.474   -3.182  1.00 43.98 ? 880  LEU A N   1 
ATOM   559  C CA  . LEU A 1 74  ? 17.087  7.550   -4.000  1.00 53.14 ? 880  LEU A CA  1 
ATOM   560  C C   . LEU A 1 74  ? 15.985  8.294   -4.747  1.00 50.53 ? 880  LEU A C   1 
ATOM   561  O O   . LEU A 1 74  ? 15.959  9.532   -4.763  1.00 49.13 ? 880  LEU A O   1 
ATOM   562  C CB  . LEU A 1 74  ? 18.114  6.989   -4.980  1.00 58.09 ? 880  LEU A CB  1 
ATOM   563  C CG  . LEU A 1 74  ? 18.579  8.032   -5.998  1.00 63.55 ? 880  LEU A CG  1 
ATOM   564  C CD1 . LEU A 1 74  ? 19.589  8.952   -5.343  1.00 64.50 ? 880  LEU A CD1 1 
ATOM   565  C CD2 . LEU A 1 74  ? 19.144  7.385   -7.262  1.00 58.72 ? 880  LEU A CD2 1 
ATOM   566  N N   . VAL A 1 75  ? 15.068  7.556   -5.385  1.00 49.74 ? 881  VAL A N   1 
ATOM   567  C CA  . VAL A 1 75  ? 13.958  8.209   -6.077  1.00 45.48 ? 881  VAL A CA  1 
ATOM   568  C C   . VAL A 1 75  ? 13.087  8.968   -5.077  1.00 44.14 ? 881  VAL A C   1 
ATOM   569  O O   . VAL A 1 75  ? 12.602  10.073  -5.359  1.00 39.86 ? 881  VAL A O   1 
ATOM   570  C CB  . VAL A 1 75  ? 13.145  7.176   -6.884  1.00 45.93 ? 881  VAL A CB  1 
ATOM   571  C CG1 . VAL A 1 75  ? 11.896  7.817   -7.476  1.00 38.82 ? 881  VAL A CG1 1 
ATOM   572  C CG2 . VAL A 1 75  ? 14.000  6.555   -8.008  1.00 37.53 ? 881  VAL A CG2 1 
ATOM   573  N N   . LEU A 1 76  ? 12.902  8.403   -3.885  1.00 40.05 ? 882  LEU A N   1 
ATOM   574  C CA  . LEU A 1 76  ? 12.058  9.048   -2.888  1.00 40.11 ? 882  LEU A CA  1 
ATOM   575  C C   . LEU A 1 76  ? 12.659  10.377  -2.443  1.00 48.01 ? 882  LEU A C   1 
ATOM   576  O O   . LEU A 1 76  ? 11.947  11.382  -2.331  1.00 43.90 ? 882  LEU A O   1 
ATOM   577  C CB  . LEU A 1 76  ? 11.851  8.120   -1.692  1.00 28.42 ? 882  LEU A CB  1 
ATOM   578  C CG  . LEU A 1 76  ? 11.179  6.776   -1.983  1.00 39.18 ? 882  LEU A CG  1 
ATOM   579  C CD1 . LEU A 1 76  ? 10.800  6.082   -0.692  1.00 34.70 ? 882  LEU A CD1 1 
ATOM   580  C CD2 . LEU A 1 76  ? 9.972   6.978   -2.854  1.00 32.43 ? 882  LEU A CD2 1 
ATOM   581  N N   . GLU A 1 77  ? 13.969  10.398  -2.170  1.00 44.40 ? 883  GLU A N   1 
ATOM   582  C CA  . GLU A 1 77  ? 14.629  11.658  -1.839  1.00 46.37 ? 883  GLU A CA  1 
ATOM   583  C C   . GLU A 1 77  ? 14.564  12.620  -3.014  1.00 44.57 ? 883  GLU A C   1 
ATOM   584  O O   . GLU A 1 77  ? 14.264  13.805  -2.839  1.00 48.48 ? 883  GLU A O   1 
ATOM   585  C CB  . GLU A 1 77  ? 16.084  11.412  -1.436  1.00 40.47 ? 883  GLU A CB  1 
ATOM   586  C CG  . GLU A 1 77  ? 16.254  10.531  -0.217  1.00 46.73 ? 883  GLU A CG  1 
ATOM   587  C CD  . GLU A 1 77  ? 15.679  11.153  1.037   1.00 66.00 ? 883  GLU A CD  1 
ATOM   588  O OE1 . GLU A 1 77  ? 14.969  10.435  1.776   1.00 70.13 ? 883  GLU A OE1 1 
ATOM   589  O OE2 . GLU A 1 77  ? 15.940  12.353  1.290   1.00 70.14 ? 883  GLU A OE2 1 
ATOM   590  N N   . GLU A 1 78  ? 14.811  12.120  -4.222  1.00 39.91 ? 884  GLU A N   1 
ATOM   591  C CA  . GLU A 1 78  ? 14.757  12.967  -5.407  1.00 45.68 ? 884  GLU A CA  1 
ATOM   592  C C   . GLU A 1 78  ? 13.431  13.720  -5.505  1.00 49.11 ? 884  GLU A C   1 
ATOM   593  O O   . GLU A 1 78  ? 13.407  14.918  -5.819  1.00 44.30 ? 884  GLU A O   1 
ATOM   594  C CB  . GLU A 1 78  ? 14.995  12.118  -6.654  1.00 44.55 ? 884  GLU A CB  1 
ATOM   595  C CG  . GLU A 1 78  ? 14.796  12.853  -7.977  1.00 55.06 ? 884  GLU A CG  1 
ATOM   596  C CD  . GLU A 1 78  ? 14.642  11.901  -9.166  1.00 70.01 ? 884  GLU A CD  1 
ATOM   597  O OE1 . GLU A 1 78  ? 14.282  12.373  -10.273 1.00 73.57 ? 884  GLU A OE1 1 
ATOM   598  O OE2 . GLU A 1 78  ? 14.874  10.679  -8.991  1.00 69.04 ? 884  GLU A OE2 1 
ATOM   599  N N   . PHE A 1 79  ? 12.320  13.046  -5.219  1.00 45.14 ? 885  PHE A N   1 
ATOM   600  C CA  . PHE A 1 79  ? 11.007  13.670  -5.312  1.00 38.08 ? 885  PHE A CA  1 
ATOM   601  C C   . PHE A 1 79  ? 10.532  14.247  -3.988  1.00 38.04 ? 885  PHE A C   1 
ATOM   602  O O   . PHE A 1 79  ? 9.375   14.673  -3.895  1.00 41.87 ? 885  PHE A O   1 
ATOM   603  C CB  . PHE A 1 79  ? 9.985   12.670  -5.857  1.00 37.37 ? 885  PHE A CB  1 
ATOM   604  C CG  . PHE A 1 79  ? 10.147  12.399  -7.314  1.00 38.43 ? 885  PHE A CG  1 
ATOM   605  C CD1 . PHE A 1 79  ? 11.029  11.431  -7.753  1.00 37.90 ? 885  PHE A CD1 1 
ATOM   606  C CD2 . PHE A 1 79  ? 9.452   13.145  -8.252  1.00 39.05 ? 885  PHE A CD2 1 
ATOM   607  C CE1 . PHE A 1 79  ? 11.192  11.187  -9.107  1.00 46.22 ? 885  PHE A CE1 1 
ATOM   608  C CE2 . PHE A 1 79  ? 9.614   12.917  -9.605  1.00 46.45 ? 885  PHE A CE2 1 
ATOM   609  C CZ  . PHE A 1 79  ? 10.485  11.934  -10.037 1.00 45.80 ? 885  PHE A CZ  1 
ATOM   610  N N   . SER A 1 80  ? 11.402  14.286  -2.974  1.00 35.88 ? 886  SER A N   1 
ATOM   611  C CA  . SER A 1 80  ? 11.107  14.899  -1.681  1.00 41.33 ? 886  SER A CA  1 
ATOM   612  C C   . SER A 1 80  ? 9.857   14.294  -1.048  1.00 42.82 ? 886  SER A C   1 
ATOM   613  O O   . SER A 1 80  ? 8.988   14.998  -0.528  1.00 42.12 ? 886  SER A O   1 
ATOM   614  C CB  . SER A 1 80  ? 10.967  16.414  -1.824  1.00 37.80 ? 886  SER A CB  1 
ATOM   615  O OG  . SER A 1 80  ? 12.159  16.951  -2.355  1.00 47.94 ? 886  SER A OG  1 
ATOM   616  N N   . ILE A 1 81  ? 9.782   12.966  -1.075  1.00 42.95 ? 887  ILE A N   1 
ATOM   617  C CA  . ILE A 1 81  ? 8.590   12.266  -0.619  1.00 34.23 ? 887  ILE A CA  1 
ATOM   618  C C   . ILE A 1 81  ? 8.473   12.326  0.901   1.00 28.47 ? 887  ILE A C   1 
ATOM   619  O O   . ILE A 1 81  ? 9.453   12.118  1.626   1.00 35.10 ? 887  ILE A O   1 
ATOM   620  C CB  . ILE A 1 81  ? 8.634   10.813  -1.114  1.00 32.32 ? 887  ILE A CB  1 
ATOM   621  C CG1 . ILE A 1 81  ? 8.429   10.763  -2.632  1.00 34.65 ? 887  ILE A CG1 1 
ATOM   622  C CG2 . ILE A 1 81  ? 7.613   9.958   -0.347  1.00 29.63 ? 887  ILE A CG2 1 
ATOM   623  C CD1 . ILE A 1 81  ? 7.312   11.669  -3.147  1.00 34.27 ? 887  ILE A CD1 1 
ATOM   624  N N   . ASP A 1 82  ? 7.255   12.576  1.395   1.00 34.96 ? 888  ASP A N   1 
ATOM   625  C CA  . ASP A 1 82  ? 6.947   12.506  2.824   1.00 29.58 ? 888  ASP A CA  1 
ATOM   626  C C   . ASP A 1 82  ? 6.355   11.163  3.241   1.00 41.95 ? 888  ASP A C   1 
ATOM   627  O O   . ASP A 1 82  ? 6.639   10.665  4.341   1.00 32.82 ? 888  ASP A O   1 
ATOM   628  C CB  . ASP A 1 82  ? 5.954   13.604  3.216   1.00 33.51 ? 888  ASP A CB  1 
ATOM   629  C CG  . ASP A 1 82  ? 6.477   14.998  2.938   1.00 45.93 ? 888  ASP A CG  1 
ATOM   630  O OD1 . ASP A 1 82  ? 5.818   15.757  2.177   1.00 45.87 ? 888  ASP A OD1 1 
ATOM   631  O OD2 . ASP A 1 82  ? 7.564   15.326  3.465   1.00 49.55 ? 888  ASP A OD2 1 
ATOM   632  N N   . ILE A 1 83  ? 5.497   10.585  2.406   1.00 31.65 ? 889  ILE A N   1 
ATOM   633  C CA  . ILE A 1 83  ? 4.760   9.376   2.751   1.00 36.66 ? 889  ILE A CA  1 
ATOM   634  C C   . ILE A 1 83  ? 4.886   8.384   1.608   1.00 32.85 ? 889  ILE A C   1 
ATOM   635  O O   . ILE A 1 83  ? 4.812   8.766   0.436   1.00 31.11 ? 889  ILE A O   1 
ATOM   636  C CB  . ILE A 1 83  ? 3.273   9.669   3.036   1.00 35.71 ? 889  ILE A CB  1 
ATOM   637  C CG1 . ILE A 1 83  ? 3.116   10.504  4.306   1.00 29.66 ? 889  ILE A CG1 1 
ATOM   638  C CG2 . ILE A 1 83  ? 2.480   8.361   3.157   1.00 31.02 ? 889  ILE A CG2 1 
ATOM   639  C CD1 . ILE A 1 83  ? 1.741   11.113  4.404   1.00 33.05 ? 889  ILE A CD1 1 
ATOM   640  N N   . VAL A 1 84  ? 5.036   7.109   1.953   1.00 30.58 ? 890  VAL A N   1 
ATOM   641  C CA  . VAL A 1 84  ? 5.145   6.026   0.983   1.00 36.90 ? 890  VAL A CA  1 
ATOM   642  C C   . VAL A 1 84  ? 3.939   5.104   1.148   1.00 31.13 ? 890  VAL A C   1 
ATOM   643  O O   . VAL A 1 84  ? 3.681   4.601   2.250   1.00 34.23 ? 890  VAL A O   1 
ATOM   644  C CB  . VAL A 1 84  ? 6.460   5.251   1.162   1.00 33.88 ? 890  VAL A CB  1 
ATOM   645  C CG1 . VAL A 1 84  ? 6.504   4.021   0.224   1.00 33.05 ? 890  VAL A CG1 1 
ATOM   646  C CG2 . VAL A 1 84  ? 7.646   6.179   0.924   1.00 38.27 ? 890  VAL A CG2 1 
ATOM   647  N N   . CYS A 1 85  ? 3.205   4.885   0.061   1.00 32.86 ? 891  CYS A N   1 
ATOM   648  C CA  . CYS A 1 85  ? 2.111   3.914   0.028   1.00 36.17 ? 891  CYS A CA  1 
ATOM   649  C C   . CYS A 1 85  ? 2.534   2.688   -0.766  1.00 33.18 ? 891  CYS A C   1 
ATOM   650  O O   . CYS A 1 85  ? 2.899   2.809   -1.943  1.00 34.70 ? 891  CYS A O   1 
ATOM   651  C CB  . CYS A 1 85  ? 0.862   4.521   -0.601  1.00 32.59 ? 891  CYS A CB  1 
ATOM   652  S SG  . CYS A 1 85  ? 0.151   5.792   0.419   1.00 36.38 ? 891  CYS A SG  1 
ATOM   653  N N   . LEU A 1 86  ? 2.462   1.511   -0.133  1.00 33.69 ? 892  LEU A N   1 
ATOM   654  C CA  . LEU A 1 86  ? 2.619   0.233   -0.828  1.00 32.41 ? 892  LEU A CA  1 
ATOM   655  C C   . LEU A 1 86  ? 1.250   -0.234  -1.313  1.00 30.87 ? 892  LEU A C   1 
ATOM   656  O O   . LEU A 1 86  ? 0.414   -0.678  -0.518  1.00 33.86 ? 892  LEU A O   1 
ATOM   657  C CB  . LEU A 1 86  ? 3.258   -0.811  0.083   1.00 30.95 ? 892  LEU A CB  1 
ATOM   658  C CG  . LEU A 1 86  ? 4.512   -0.324  0.811   1.00 36.15 ? 892  LEU A CG  1 
ATOM   659  C CD1 . LEU A 1 86  ? 5.184   -1.477  1.521   1.00 35.22 ? 892  LEU A CD1 1 
ATOM   660  C CD2 . LEU A 1 86  ? 5.459   0.332   -0.166  1.00 38.57 ? 892  LEU A CD2 1 
ATOM   661  N N   . ALA A 1 87  ? 1.017   -0.145  -2.616  1.00 31.68 ? 893  ALA A N   1 
ATOM   662  C CA  . ALA A 1 87  ? -0.288  -0.441  -3.199  1.00 33.07 ? 893  ALA A CA  1 
ATOM   663  C C   . ALA A 1 87  ? -0.113  -1.624  -4.152  1.00 30.93 ? 893  ALA A C   1 
ATOM   664  O O   . ALA A 1 87  ? 0.143   -1.451  -5.349  1.00 29.90 ? 893  ALA A O   1 
ATOM   665  C CB  . ALA A 1 87  ? -0.871  0.789   -3.904  1.00 24.18 ? 893  ALA A CB  1 
ATOM   666  N N   . GLY A 1 88  ? -0.248  -2.832  -3.611  1.00 35.95 ? 894  GLY A N   1 
ATOM   667  C CA  . GLY A 1 88  ? 0.036   -4.012  -4.406  1.00 36.43 ? 894  GLY A CA  1 
ATOM   668  C C   . GLY A 1 88  ? 1.508   -4.236  -4.655  1.00 45.70 ? 894  GLY A C   1 
ATOM   669  O O   . GLY A 1 88  ? 1.862   -5.070  -5.490  1.00 39.03 ? 894  GLY A O   1 
ATOM   670  N N   . PHE A 1 89  ? 2.379   -3.478  -3.986  1.00 39.66 ? 895  PHE A N   1 
ATOM   671  C CA  . PHE A 1 89  ? 3.810   -3.719  -4.073  1.00 37.05 ? 895  PHE A CA  1 
ATOM   672  C C   . PHE A 1 89  ? 4.161   -4.986  -3.298  1.00 43.92 ? 895  PHE A C   1 
ATOM   673  O O   . PHE A 1 89  ? 3.769   -5.140  -2.138  1.00 39.54 ? 895  PHE A O   1 
ATOM   674  C CB  . PHE A 1 89  ? 4.560   -2.515  -3.516  1.00 37.33 ? 895  PHE A CB  1 
ATOM   675  C CG  . PHE A 1 89  ? 6.043   -2.659  -3.522  1.00 29.82 ? 895  PHE A CG  1 
ATOM   676  C CD1 . PHE A 1 89  ? 6.767   -2.425  -4.678  1.00 37.05 ? 895  PHE A CD1 1 
ATOM   677  C CD2 . PHE A 1 89  ? 6.721   -3.004  -2.359  1.00 34.71 ? 895  PHE A CD2 1 
ATOM   678  C CE1 . PHE A 1 89  ? 8.149   -2.538  -4.675  1.00 41.15 ? 895  PHE A CE1 1 
ATOM   679  C CE2 . PHE A 1 89  ? 8.093   -3.120  -2.346  1.00 36.39 ? 895  PHE A CE2 1 
ATOM   680  C CZ  . PHE A 1 89  ? 8.809   -2.887  -3.506  1.00 44.57 ? 895  PHE A CZ  1 
ATOM   681  N N   . MET A 1 90  ? 4.917   -5.886  -3.923  1.00 43.24 ? 896  MET A N   1 
ATOM   682  C CA  . MET A 1 90  ? 5.002   -7.261  -3.442  1.00 45.19 ? 896  MET A CA  1 
ATOM   683  C C   . MET A 1 90  ? 6.366   -7.655  -2.891  1.00 52.73 ? 896  MET A C   1 
ATOM   684  O O   . MET A 1 90  ? 6.545   -8.820  -2.519  1.00 57.01 ? 896  MET A O   1 
ATOM   685  C CB  . MET A 1 90  ? 4.611   -8.235  -4.567  1.00 41.24 ? 896  MET A CB  1 
ATOM   686  C CG  . MET A 1 90  ? 3.099   -8.478  -4.714  1.00 47.51 ? 896  MET A CG  1 
ATOM   687  S SD  . MET A 1 90  ? 2.099   -8.480  -3.188  1.00 58.63 ? 896  MET A SD  1 
ATOM   688  C CE  . MET A 1 90  ? 2.906   -9.757  -2.200  1.00 50.90 ? 896  MET A CE  1 
ATOM   689  N N   . ARG A 1 91  ? 7.333   -6.742  -2.826  1.00 44.70 ? 897  ARG A N   1 
ATOM   690  C CA  . ARG A 1 91  ? 8.668   -7.082  -2.344  1.00 38.28 ? 897  ARG A CA  1 
ATOM   691  C C   . ARG A 1 91  ? 8.789   -6.716  -0.876  1.00 42.24 ? 897  ARG A C   1 
ATOM   692  O O   . ARG A 1 91  ? 8.429   -5.604  -0.478  1.00 52.26 ? 897  ARG A O   1 
ATOM   693  C CB  . ARG A 1 91  ? 9.754   -6.378  -3.154  1.00 43.42 ? 897  ARG A CB  1 
ATOM   694  C CG  . ARG A 1 91  ? 9.603   -6.535  -4.655  1.00 48.07 ? 897  ARG A CG  1 
ATOM   695  C CD  . ARG A 1 91  ? 9.950   -7.953  -5.114  1.00 52.98 ? 897  ARG A CD  1 
ATOM   696  N NE  . ARG A 1 91  ? 11.088  -8.502  -4.385  1.00 50.60 ? 897  ARG A NE  1 
ATOM   697  C CZ  . ARG A 1 91  ? 11.443  -9.783  -4.399  1.00 60.95 ? 897  ARG A CZ  1 
ATOM   698  N NH1 . ARG A 1 91  ? 10.742  -10.661 -5.112  1.00 58.10 ? 897  ARG A NH1 1 
ATOM   699  N NH2 . ARG A 1 91  ? 12.498  -10.184 -3.695  1.00 56.72 ? 897  ARG A NH2 1 
ATOM   700  N N   . ILE A 1 92  ? 9.291   -7.645  -0.070  1.00 36.68 ? 898  ILE A N   1 
ATOM   701  C CA  . ILE A 1 92  ? 9.486   -7.344  1.336   1.00 38.21 ? 898  ILE A CA  1 
ATOM   702  C C   . ILE A 1 92  ? 10.668  -6.398  1.472   1.00 44.56 ? 898  ILE A C   1 
ATOM   703  O O   . ILE A 1 92  ? 11.712  -6.575  0.828   1.00 45.33 ? 898  ILE A O   1 
ATOM   704  C CB  . ILE A 1 92  ? 9.698   -8.632  2.140   1.00 43.47 ? 898  ILE A CB  1 
ATOM   705  C CG1 . ILE A 1 92  ? 8.452   -9.509  2.026   1.00 54.59 ? 898  ILE A CG1 1 
ATOM   706  C CG2 . ILE A 1 92  ? 9.945   -8.294  3.600   1.00 39.66 ? 898  ILE A CG2 1 
ATOM   707  C CD1 . ILE A 1 92  ? 8.642   -10.921 2.531   1.00 50.30 ? 898  ILE A CD1 1 
ATOM   708  N N   . LEU A 1 93  ? 10.504  -5.376  2.296   1.00 42.66 ? 899  LEU A N   1 
ATOM   709  C CA  . LEU A 1 93  ? 11.494  -4.320  2.400   1.00 40.78 ? 899  LEU A CA  1 
ATOM   710  C C   . LEU A 1 93  ? 12.461  -4.598  3.542   1.00 47.52 ? 899  LEU A C   1 
ATOM   711  O O   . LEU A 1 93  ? 12.103  -5.214  4.550   1.00 47.86 ? 899  LEU A O   1 
ATOM   712  C CB  . LEU A 1 93  ? 10.804  -2.971  2.601   1.00 42.31 ? 899  LEU A CB  1 
ATOM   713  C CG  . LEU A 1 93  ? 9.899   -2.615  1.422   1.00 40.20 ? 899  LEU A CG  1 
ATOM   714  C CD1 . LEU A 1 93  ? 8.971   -1.448  1.717   1.00 37.81 ? 899  LEU A CD1 1 
ATOM   715  C CD2 . LEU A 1 93  ? 10.747  -2.325  0.206   1.00 43.36 ? 899  LEU A CD2 1 
ATOM   716  N N   . SER A 1 94  ? 13.696  -4.116  3.376   1.00 53.39 ? 900  SER A N   1 
ATOM   717  C CA  . SER A 1 94  ? 14.760  -4.346  4.341   1.00 50.24 ? 900  SER A CA  1 
ATOM   718  C C   . SER A 1 94  ? 14.582  -3.483  5.583   1.00 54.49 ? 900  SER A C   1 
ATOM   719  O O   . SER A 1 94  ? 14.006  -2.388  5.538   1.00 57.16 ? 900  SER A O   1 
ATOM   720  C CB  . SER A 1 94  ? 16.132  -4.064  3.718   1.00 63.94 ? 900  SER A CB  1 
ATOM   721  O OG  . SER A 1 94  ? 16.430  -2.667  3.705   1.00 67.27 ? 900  SER A OG  1 
ATOM   722  N N   . GLY A 1 95  ? 15.101  -3.991  6.697   1.00 53.32 ? 901  GLY A N   1 
ATOM   723  C CA  . GLY A 1 95  ? 15.078  -3.308  7.968   1.00 47.45 ? 901  GLY A CA  1 
ATOM   724  C C   . GLY A 1 95  ? 15.462  -1.838  7.952   1.00 52.51 ? 901  GLY A C   1 
ATOM   725  O O   . GLY A 1 95  ? 14.709  -0.989  8.443   1.00 51.39 ? 901  GLY A O   1 
ATOM   726  N N   . PRO A 1 96  ? 16.649  -1.501  7.421   1.00 54.75 ? 902  PRO A N   1 
ATOM   727  C CA  . PRO A 1 96  ? 17.073  -0.088  7.461   1.00 59.89 ? 902  PRO A CA  1 
ATOM   728  C C   . PRO A 1 96  ? 16.143  0.835   6.687   1.00 54.19 ? 902  PRO A C   1 
ATOM   729  O O   . PRO A 1 96  ? 15.878  1.962   7.132   1.00 49.78 ? 902  PRO A O   1 
ATOM   730  C CB  . PRO A 1 96  ? 18.490  -0.126  6.859   1.00 49.06 ? 902  PRO A CB  1 
ATOM   731  C CG  . PRO A 1 96  ? 18.509  -1.340  6.008   1.00 60.51 ? 902  PRO A CG  1 
ATOM   732  C CD  . PRO A 1 96  ? 17.661  -2.347  6.757   1.00 59.91 ? 902  PRO A CD  1 
ATOM   733  N N   . PHE A 1 97  ? 15.621  0.372   5.549   1.00 55.30 ? 903  PHE A N   1 
ATOM   734  C CA  . PHE A 1 97  ? 14.635  1.155   4.814   1.00 48.76 ? 903  PHE A CA  1 
ATOM   735  C C   . PHE A 1 97  ? 13.368  1.356   5.639   1.00 49.84 ? 903  PHE A C   1 
ATOM   736  O O   . PHE A 1 97  ? 12.851  2.474   5.738   1.00 49.02 ? 903  PHE A O   1 
ATOM   737  C CB  . PHE A 1 97  ? 14.322  0.476   3.491   1.00 44.86 ? 903  PHE A CB  1 
ATOM   738  C CG  . PHE A 1 97  ? 13.437  1.280   2.601   1.00 49.95 ? 903  PHE A CG  1 
ATOM   739  C CD1 . PHE A 1 97  ? 13.975  2.208   1.729   1.00 46.28 ? 903  PHE A CD1 1 
ATOM   740  C CD2 . PHE A 1 97  ? 12.063  1.102   2.626   1.00 47.49 ? 903  PHE A CD2 1 
ATOM   741  C CE1 . PHE A 1 97  ? 13.163  2.960   0.900   1.00 46.34 ? 903  PHE A CE1 1 
ATOM   742  C CE2 . PHE A 1 97  ? 11.240  1.848   1.802   1.00 42.78 ? 903  PHE A CE2 1 
ATOM   743  C CZ  . PHE A 1 97  ? 11.792  2.779   0.932   1.00 48.23 ? 903  PHE A CZ  1 
ATOM   744  N N   . VAL A 1 98  ? 12.863  0.287   6.260   1.00 44.18 ? 904  VAL A N   1 
ATOM   745  C CA  . VAL A 1 98  ? 11.646  0.409   7.060   1.00 44.10 ? 904  VAL A CA  1 
ATOM   746  C C   . VAL A 1 98  ? 11.872  1.334   8.247   1.00 41.90 ? 904  VAL A C   1 
ATOM   747  O O   . VAL A 1 98  ? 10.995  2.131   8.608   1.00 46.37 ? 904  VAL A O   1 
ATOM   748  C CB  . VAL A 1 98  ? 11.159  -0.980  7.510   1.00 43.19 ? 904  VAL A CB  1 
ATOM   749  C CG1 . VAL A 1 98  ? 10.002  -0.837  8.488   1.00 41.02 ? 904  VAL A CG1 1 
ATOM   750  C CG2 . VAL A 1 98  ? 10.746  -1.809  6.294   1.00 39.42 ? 904  VAL A CG2 1 
ATOM   751  N N   . GLN A 1 99  ? 13.047  1.238   8.881   1.00 46.20 ? 905  GLN A N   1 
ATOM   752  C CA  . GLN A 1 99  ? 13.360  2.111   10.011  1.00 49.43 ? 905  GLN A CA  1 
ATOM   753  C C   . GLN A 1 99  ? 13.411  3.571   9.580   1.00 47.55 ? 905  GLN A C   1 
ATOM   754  O O   . GLN A 1 99  ? 12.909  4.451   10.289  1.00 43.93 ? 905  GLN A O   1 
ATOM   755  C CB  . GLN A 1 99  ? 14.683  1.694   10.659  1.00 43.56 ? 905  GLN A CB  1 
ATOM   756  N N   . LYS A 1 100 ? 13.999  3.846   8.408   1.00 44.92 ? 906  LYS A N   1 
ATOM   757  C CA  . LYS A 1 100 ? 14.046  5.220   7.919   1.00 43.64 ? 906  LYS A CA  1 
ATOM   758  C C   . LYS A 1 100 ? 12.647  5.786   7.715   1.00 46.91 ? 906  LYS A C   1 
ATOM   759  O O   . LYS A 1 100 ? 12.375  6.940   8.069   1.00 43.91 ? 906  LYS A O   1 
ATOM   760  C CB  . LYS A 1 100 ? 14.836  5.297   6.616   1.00 43.87 ? 906  LYS A CB  1 
ATOM   761  C CG  . LYS A 1 100 ? 14.762  6.666   5.958   1.00 44.09 ? 906  LYS A CG  1 
ATOM   762  C CD  . LYS A 1 100 ? 15.831  6.839   4.906   1.00 52.16 ? 906  LYS A CD  1 
ATOM   763  C CE  . LYS A 1 100 ? 15.906  8.280   4.421   1.00 57.31 ? 906  LYS A CE  1 
ATOM   764  N NZ  . LYS A 1 100 ? 15.440  8.444   3.024   1.00 54.36 ? 906  LYS A NZ  1 
ATOM   765  N N   . TRP A 1 101 ? 11.740  4.993   7.151   1.00 42.10 ? 907  TRP A N   1 
ATOM   766  C CA  . TRP A 1 101 ? 10.402  5.473   6.856   1.00 37.28 ? 907  TRP A CA  1 
ATOM   767  C C   . TRP A 1 101 ? 9.402   5.126   7.947   1.00 38.19 ? 907  TRP A C   1 
ATOM   768  O O   . TRP A 1 101 ? 8.188   5.242   7.726   1.00 37.92 ? 907  TRP A O   1 
ATOM   769  C CB  . TRP A 1 101 ? 9.956   4.933   5.507   1.00 41.22 ? 907  TRP A CB  1 
ATOM   770  C CG  . TRP A 1 101 ? 10.785  5.498   4.411   1.00 42.00 ? 907  TRP A CG  1 
ATOM   771  C CD1 . TRP A 1 101 ? 11.903  4.953   3.864   1.00 46.04 ? 907  TRP A CD1 1 
ATOM   772  C CD2 . TRP A 1 101 ? 10.577  6.749   3.744   1.00 41.54 ? 907  TRP A CD2 1 
ATOM   773  N NE1 . TRP A 1 101 ? 12.392  5.770   2.868   1.00 45.56 ? 907  TRP A NE1 1 
ATOM   774  C CE2 . TRP A 1 101 ? 11.595  6.882   2.780   1.00 42.40 ? 907  TRP A CE2 1 
ATOM   775  C CE3 . TRP A 1 101 ? 9.617   7.758   3.856   1.00 36.40 ? 907  TRP A CE3 1 
ATOM   776  C CZ2 . TRP A 1 101 ? 11.683  7.987   1.934   1.00 43.72 ? 907  TRP A CZ2 1 
ATOM   777  C CZ3 . TRP A 1 101 ? 9.704   8.854   3.013   1.00 45.32 ? 907  TRP A CZ3 1 
ATOM   778  C CH2 . TRP A 1 101 ? 10.728  8.957   2.061   1.00 46.56 ? 907  TRP A CH2 1 
ATOM   779  N N   . ASN A 1 102 ? 9.890   4.719   9.117   1.00 31.02 ? 908  ASN A N   1 
ATOM   780  C CA  . ASN A 1 102 ? 9.003   4.377   10.211  1.00 38.72 ? 908  ASN A CA  1 
ATOM   781  C C   . ASN A 1 102 ? 7.994   5.480   10.436  1.00 40.02 ? 908  ASN A C   1 
ATOM   782  O O   . ASN A 1 102 ? 8.344   6.653   10.540  1.00 43.17 ? 908  ASN A O   1 
ATOM   783  C CB  . ASN A 1 102 ? 9.779   4.127   11.496  1.00 42.24 ? 908  ASN A CB  1 
ATOM   784  C CG  . ASN A 1 102 ? 8.897   3.538   12.572  1.00 43.63 ? 908  ASN A CG  1 
ATOM   785  O OD1 . ASN A 1 102 ? 8.144   2.595   12.323  1.00 50.55 ? 908  ASN A OD1 1 
ATOM   786  N ND2 . ASN A 1 102 ? 8.967   4.105   13.773  1.00 55.67 ? 908  ASN A ND2 1 
ATOM   787  N N   . GLY A 1 103 ? 6.730   5.106   10.465  1.00 39.30 ? 909  GLY A N   1 
ATOM   788  C CA  . GLY A 1 103 ? 5.675   6.086   10.645  1.00 31.54 ? 909  GLY A CA  1 
ATOM   789  C C   . GLY A 1 103 ? 5.256   6.851   9.404   1.00 31.64 ? 909  GLY A C   1 
ATOM   790  O O   . GLY A 1 103 ? 4.289   7.619   9.489   1.00 31.63 ? 909  GLY A O   1 
ATOM   791  N N   . LYS A 1 104 ? 5.955   6.673   8.263   1.00 29.05 ? 910  LYS A N   1 
ATOM   792  C CA  . LYS A 1 104 ? 5.691   7.378   7.005   1.00 39.44 ? 910  LYS A CA  1 
ATOM   793  C C   . LYS A 1 104 ? 5.321   6.407   5.874   1.00 30.93 ? 910  LYS A C   1 
ATOM   794  O O   . LYS A 1 104 ? 5.175   6.842   4.713   1.00 32.60 ? 910  LYS A O   1 
ATOM   795  C CB  . LYS A 1 104 ? 6.947   8.144   6.562   1.00 34.00 ? 910  LYS A CB  1 
ATOM   796  C CG  . LYS A 1 104 ? 7.485   9.209   7.564   1.00 39.78 ? 910  LYS A CG  1 
ATOM   797  C CD  . LYS A 1 104 ? 6.744   10.569  7.612   1.00 64.96 ? 910  LYS A CD  1 
ATOM   798  C CE  . LYS A 1 104 ? 5.716   10.637  8.725   1.00 68.35 ? 910  LYS A CE  1 
ATOM   799  N NZ  . LYS A 1 104 ? 5.135   12.001  8.941   1.00 60.51 ? 910  LYS A NZ  1 
ATOM   800  N N   . MET A 1 105 ? 5.179   5.104   6.160   1.00 32.17 ? 911  MET A N   1 
ATOM   801  C CA  . MET A 1 105 ? 4.942   4.091   5.129   1.00 32.90 ? 911  MET A CA  1 
ATOM   802  C C   . MET A 1 105 ? 3.679   3.304   5.423   1.00 31.53 ? 911  MET A C   1 
ATOM   803  O O   . MET A 1 105 ? 3.548   2.697   6.492   1.00 30.87 ? 911  MET A O   1 
ATOM   804  C CB  . MET A 1 105 ? 6.136   3.147   4.976   1.00 33.20 ? 911  MET A CB  1 
ATOM   805  C CG  . MET A 1 105 ? 6.069   2.257   3.687   1.00 35.54 ? 911  MET A CG  1 
ATOM   806  S SD  . MET A 1 105 ? 7.742   1.921   3.104   1.00 43.36 ? 911  MET A SD  1 
ATOM   807  C CE  . MET A 1 105 ? 8.412   1.047   4.512   1.00 37.84 ? 911  MET A CE  1 
ATOM   808  N N   . LEU A 1 106 ? 2.791   3.258   4.435   1.00 31.69 ? 912  LEU A N   1 
ATOM   809  C CA  . LEU A 1 106 ? 1.506   2.582   4.563   1.00 34.11 ? 912  LEU A CA  1 
ATOM   810  C C   . LEU A 1 106 ? 1.435   1.385   3.619   1.00 32.72 ? 912  LEU A C   1 
ATOM   811  O O   . LEU A 1 106 ? 1.905   1.445   2.483   1.00 30.26 ? 912  LEU A O   1 
ATOM   812  C CB  . LEU A 1 106 ? 0.332   3.515   4.240   1.00 29.87 ? 912  LEU A CB  1 
ATOM   813  C CG  . LEU A 1 106 ? -0.172  4.478   5.314   1.00 36.68 ? 912  LEU A CG  1 
ATOM   814  C CD1 . LEU A 1 106 ? 0.957   5.320   5.809   1.00 29.96 ? 912  LEU A CD1 1 
ATOM   815  C CD2 . LEU A 1 106 ? -1.220  5.363   4.711   1.00 35.64 ? 912  LEU A CD2 1 
ATOM   816  N N   . ASN A 1 107 ? 0.826   0.304   4.085   1.00 24.58 ? 913  ASN A N   1 
ATOM   817  C CA  . ASN A 1 107 ? 0.593   -0.873  3.261   1.00 27.81 ? 913  ASN A CA  1 
ATOM   818  C C   . ASN A 1 107 ? -0.881  -1.235  3.314   1.00 25.06 ? 913  ASN A C   1 
ATOM   819  O O   . ASN A 1 107 ? -1.527  -1.064  4.352   1.00 33.86 ? 913  ASN A O   1 
ATOM   820  C CB  . ASN A 1 107 ? 1.431   -2.042  3.735   1.00 30.13 ? 913  ASN A CB  1 
ATOM   821  C CG  . ASN A 1 107 ? 1.179   -3.276  2.920   1.00 32.75 ? 913  ASN A CG  1 
ATOM   822  O OD1 . ASN A 1 107 ? 1.236   -3.230  1.691   1.00 30.07 ? 913  ASN A OD1 1 
ATOM   823  N ND2 . ASN A 1 107 ? 0.875   -4.380  3.589   1.00 31.77 ? 913  ASN A ND2 1 
ATOM   824  N N   . ILE A 1 108 ? -1.417  -1.708  2.191   1.00 31.11 ? 914  ILE A N   1 
ATOM   825  C CA  . ILE A 1 108 ? -2.777  -2.236  2.121   1.00 33.28 ? 914  ILE A CA  1 
ATOM   826  C C   . ILE A 1 108 ? -2.675  -3.755  2.007   1.00 39.17 ? 914  ILE A C   1 
ATOM   827  O O   . ILE A 1 108 ? -1.924  -4.275  1.170   1.00 31.31 ? 914  ILE A O   1 
ATOM   828  C CB  . ILE A 1 108 ? -3.570  -1.611  0.956   1.00 31.44 ? 914  ILE A CB  1 
ATOM   829  C CG1 . ILE A 1 108 ? -4.990  -2.170  0.900   1.00 32.32 ? 914  ILE A CG1 1 
ATOM   830  C CG2 . ILE A 1 108 ? -2.877  -1.832  -0.389  1.00 29.27 ? 914  ILE A CG2 1 
ATOM   831  C CD1 . ILE A 1 108 ? -5.802  -1.889  2.116   1.00 31.09 ? 914  ILE A CD1 1 
ATOM   832  N N   . HIS A 1 109 ? -3.372  -4.464  2.896   1.00 30.67 ? 915  HIS A N   1 
ATOM   833  C CA  . HIS A 1 109 ? -3.296  -5.910  2.960   1.00 29.29 ? 915  HIS A CA  1 
ATOM   834  C C   . HIS A 1 109 ? -4.705  -6.482  2.892   1.00 34.94 ? 915  HIS A C   1 
ATOM   835  O O   . HIS A 1 109 ? -5.589  -6.055  3.665   1.00 29.82 ? 915  HIS A O   1 
ATOM   836  C CB  . HIS A 1 109 ? -2.588  -6.384  4.236   1.00 32.34 ? 915  HIS A CB  1 
ATOM   837  C CG  . HIS A 1 109 ? -2.435  -7.874  4.318   1.00 34.87 ? 915  HIS A CG  1 
ATOM   838  N ND1 . HIS A 1 109 ? -1.467  -8.565  3.620   1.00 43.47 ? 915  HIS A ND1 1 
ATOM   839  C CD2 . HIS A 1 109 ? -3.142  -8.807  4.995   1.00 34.33 ? 915  HIS A CD2 1 
ATOM   840  C CE1 . HIS A 1 109 ? -1.580  -9.855  3.872   1.00 35.05 ? 915  HIS A CE1 1 
ATOM   841  N NE2 . HIS A 1 109 ? -2.588  -10.030 4.706   1.00 34.25 ? 915  HIS A NE2 1 
ATOM   842  N N   . PRO A 1 110 ? -4.970  -7.474  1.997   1.00 32.85 ? 916  PRO A N   1 
ATOM   843  C CA  . PRO A 1 110 ? -6.316  -7.966  1.744   1.00 32.71 ? 916  PRO A CA  1 
ATOM   844  C C   . PRO A 1 110 ? -6.793  -9.006  2.767   1.00 35.63 ? 916  PRO A C   1 
ATOM   845  O O   . PRO A 1 110 ? -7.328  -10.058 2.404   1.00 31.90 ? 916  PRO A O   1 
ATOM   846  C CB  . PRO A 1 110 ? -6.214  -8.563  0.348   1.00 31.97 ? 916  PRO A CB  1 
ATOM   847  C CG  . PRO A 1 110 ? -4.820  -9.105  0.293   1.00 34.74 ? 916  PRO A CG  1 
ATOM   848  C CD  . PRO A 1 110 ? -3.970  -8.194  1.176   1.00 34.47 ? 916  PRO A CD  1 
ATOM   849  N N   . SER A 1 111 ? -6.560  -8.733  4.042   1.00 26.99 ? 917  SER A N   1 
ATOM   850  C CA  . SER A 1 111 ? -7.229  -9.496  5.090   1.00 30.73 ? 917  SER A CA  1 
ATOM   851  C C   . SER A 1 111 ? -7.462  -8.577  6.271   1.00 29.75 ? 917  SER A C   1 
ATOM   852  O O   . SER A 1 111 ? -6.995  -7.439  6.292   1.00 26.76 ? 917  SER A O   1 
ATOM   853  C CB  . SER A 1 111 ? -6.427  -10.720 5.516   1.00 30.57 ? 917  SER A CB  1 
ATOM   854  O OG  . SER A 1 111 ? -5.333  -10.314 6.295   1.00 29.09 ? 917  SER A OG  1 
ATOM   855  N N   . LEU A 1 112 ? -8.205  -9.083  7.254   1.00 26.38 ? 918  LEU A N   1 
ATOM   856  C CA  . LEU A 1 112 ? -8.333  -8.420  8.545   1.00 31.24 ? 918  LEU A CA  1 
ATOM   857  C C   . LEU A 1 112 ? -7.161  -8.873  9.405   1.00 34.45 ? 918  LEU A C   1 
ATOM   858  O O   . LEU A 1 112 ? -7.253  -9.855  10.149  1.00 29.63 ? 918  LEU A O   1 
ATOM   859  C CB  . LEU A 1 112 ? -9.664  -8.756  9.201   1.00 27.49 ? 918  LEU A CB  1 
ATOM   860  C CG  . LEU A 1 112 ? -10.889 -8.154  8.533   1.00 26.03 ? 918  LEU A CG  1 
ATOM   861  C CD1 . LEU A 1 112 ? -12.108 -8.522  9.329   1.00 27.74 ? 918  LEU A CD1 1 
ATOM   862  C CD2 . LEU A 1 112 ? -10.758 -6.662  8.472   1.00 28.35 ? 918  LEU A CD2 1 
ATOM   863  N N   . LEU A 1 113 ? -6.027  -8.160  9.289   1.00 30.24 ? 919  LEU A N   1 
ATOM   864  C CA  . LEU A 1 113 ? -4.886  -8.504  10.126  1.00 32.42 ? 919  LEU A CA  1 
ATOM   865  C C   . LEU A 1 113 ? -5.368  -8.488  11.570  1.00 27.57 ? 919  LEU A C   1 
ATOM   866  O O   . LEU A 1 113 ? -6.291  -7.731  11.907  1.00 26.51 ? 919  LEU A O   1 
ATOM   867  C CB  . LEU A 1 113 ? -3.722  -7.541  9.906   1.00 32.69 ? 919  LEU A CB  1 
ATOM   868  C CG  . LEU A 1 113 ? -3.093  -7.597  8.514   1.00 27.82 ? 919  LEU A CG  1 
ATOM   869  C CD1 . LEU A 1 113 ? -2.118  -6.427  8.344   1.00 26.58 ? 919  LEU A CD1 1 
ATOM   870  C CD2 . LEU A 1 113 ? -2.394  -8.924  8.332   1.00 31.14 ? 919  LEU A CD2 1 
ATOM   871  N N   . PRO A 1 114 ? -4.809  -9.325  12.443  1.00 22.28 ? 920  PRO A N   1 
ATOM   872  C CA  . PRO A 1 114 ? -3.636  -10.177 12.213  1.00 30.27 ? 920  PRO A CA  1 
ATOM   873  C C   . PRO A 1 114 ? -3.898  -11.489 11.448  1.00 29.57 ? 920  PRO A C   1 
ATOM   874  O O   . PRO A 1 114 ? -2.957  -12.242 11.240  1.00 35.01 ? 920  PRO A O   1 
ATOM   875  C CB  . PRO A 1 114 ? -3.166  -10.482 13.639  1.00 24.64 ? 920  PRO A CB  1 
ATOM   876  C CG  . PRO A 1 114 ? -4.467  -10.564 14.417  1.00 26.44 ? 920  PRO A CG  1 
ATOM   877  C CD  . PRO A 1 114 ? -5.384  -9.519  13.786  1.00 25.03 ? 920  PRO A CD  1 
ATOM   878  N N   . SER A 1 115 ? -5.126  -11.754 11.011  1.00 34.24 ? 921  SER A N   1 
ATOM   879  C CA  . SER A 1 115 ? -5.389  -12.994 10.287  1.00 29.15 ? 921  SER A CA  1 
ATOM   880  C C   . SER A 1 115 ? -4.763  -12.959 8.892   1.00 36.85 ? 921  SER A C   1 
ATOM   881  O O   . SER A 1 115 ? -4.692  -11.910 8.244   1.00 29.63 ? 921  SER A O   1 
ATOM   882  C CB  . SER A 1 115 ? -6.897  -13.231 10.161  1.00 31.55 ? 921  SER A CB  1 
ATOM   883  O OG  . SER A 1 115 ? -7.473  -13.641 11.396  1.00 36.13 ? 921  SER A OG  1 
ATOM   884  N N   . PHE A 1 116 ? -4.320  -14.129 8.427   1.00 27.02 ? 922  PHE A N   1 
ATOM   885  C CA  . PHE A 1 116 ? -3.913  -14.336 7.034   1.00 33.43 ? 922  PHE A CA  1 
ATOM   886  C C   . PHE A 1 116 ? -2.862  -13.325 6.582   1.00 26.97 ? 922  PHE A C   1 
ATOM   887  O O   . PHE A 1 116 ? -3.023  -12.617 5.586   1.00 35.64 ? 922  PHE A O   1 
ATOM   888  C CB  . PHE A 1 116 ? -5.122  -14.298 6.103   1.00 26.15 ? 922  PHE A CB  1 
ATOM   889  C CG  . PHE A 1 116 ? -6.293  -15.087 6.611   1.00 33.76 ? 922  PHE A CG  1 
ATOM   890  C CD1 . PHE A 1 116 ? -6.121  -16.388 7.058   1.00 24.23 ? 922  PHE A CD1 1 
ATOM   891  C CD2 . PHE A 1 116 ? -7.562  -14.517 6.667   1.00 27.31 ? 922  PHE A CD2 1 
ATOM   892  C CE1 . PHE A 1 116 ? -7.210  -17.127 7.544   1.00 29.34 ? 922  PHE A CE1 1 
ATOM   893  C CE2 . PHE A 1 116 ? -8.633  -15.225 7.151   1.00 27.43 ? 922  PHE A CE2 1 
ATOM   894  C CZ  . PHE A 1 116 ? -8.467  -16.546 7.586   1.00 24.46 ? 922  PHE A CZ  1 
ATOM   895  N N   . LYS A 1 117 ? -1.764  -13.280 7.320   1.00 30.63 ? 923  LYS A N   1 
ATOM   896  C CA  . LYS A 1 117 ? -0.616  -12.534 6.841   1.00 34.17 ? 923  LYS A CA  1 
ATOM   897  C C   . LYS A 1 117 ? -0.053  -13.229 5.610   1.00 39.80 ? 923  LYS A C   1 
ATOM   898  O O   . LYS A 1 117 ? -0.389  -14.374 5.313   1.00 39.25 ? 923  LYS A O   1 
ATOM   899  C CB  . LYS A 1 117 ? 0.439   -12.432 7.929   1.00 29.20 ? 923  LYS A CB  1 
ATOM   900  C CG  . LYS A 1 117 ? -0.095  -11.851 9.211   1.00 37.34 ? 923  LYS A CG  1 
ATOM   901  C CD  . LYS A 1 117 ? 1.002   -11.759 10.266  1.00 38.44 ? 923  LYS A CD  1 
ATOM   902  C CE  . LYS A 1 117 ? 0.514   -11.075 11.526  1.00 47.02 ? 923  LYS A CE  1 
ATOM   903  N NZ  . LYS A 1 117 ? 1.598   -11.023 12.558  1.00 49.20 ? 923  LYS A NZ  1 
ATOM   904  N N   . GLY A 1 118 ? 0.784   -12.527 4.867   1.00 38.92 ? 924  GLY A N   1 
ATOM   905  C CA  . GLY A 1 118 ? 1.446   -13.159 3.745   1.00 32.90 ? 924  GLY A CA  1 
ATOM   906  C C   . GLY A 1 118 ? 0.811   -12.846 2.407   1.00 39.08 ? 924  GLY A C   1 
ATOM   907  O O   . GLY A 1 118 ? -0.086  -12.009 2.273   1.00 41.04 ? 924  GLY A O   1 
ATOM   908  N N   . SER A 1 119 ? 1.281   -13.572 1.390   1.00 39.86 ? 925  SER A N   1 
ATOM   909  C CA  . SER A 1 119 ? 1.088   -13.165 0.001   1.00 48.82 ? 925  SER A CA  1 
ATOM   910  C C   . SER A 1 119 ? -0.227  -13.629 -0.615  1.00 53.46 ? 925  SER A C   1 
ATOM   911  O O   . SER A 1 119 ? -0.583  -13.150 -1.699  1.00 48.85 ? 925  SER A O   1 
ATOM   912  C CB  . SER A 1 119 ? 2.241   -13.696 -0.853  1.00 50.61 ? 925  SER A CB  1 
ATOM   913  O OG  . SER A 1 119 ? 2.472   -15.059 -0.536  1.00 54.63 ? 925  SER A OG  1 
ATOM   914  N N   . ASN A 1 120 ? -0.941  -14.548 0.028   1.00 37.64 ? 926  ASN A N   1 
ATOM   915  C CA  . ASN A 1 120 ? -2.128  -15.180 -0.533  1.00 40.96 ? 926  ASN A CA  1 
ATOM   916  C C   . ASN A 1 120 ? -3.264  -15.172 0.478   1.00 36.95 ? 926  ASN A C   1 
ATOM   917  O O   . ASN A 1 120 ? -3.853  -16.210 0.799   1.00 35.39 ? 926  ASN A O   1 
ATOM   918  C CB  . ASN A 1 120 ? -1.770  -16.599 -0.938  1.00 45.10 ? 926  ASN A CB  1 
ATOM   919  C CG  . ASN A 1 120 ? -1.244  -17.385 0.241   1.00 57.79 ? 926  ASN A CG  1 
ATOM   920  O OD1 . ASN A 1 120 ? -0.687  -16.794 1.179   1.00 55.40 ? 926  ASN A OD1 1 
ATOM   921  N ND2 . ASN A 1 120 ? -1.407  -18.708 0.213   1.00 49.85 ? 926  ASN A ND2 1 
ATOM   922  N N   . ALA A 1 121 ? -3.572  -13.986 1.007   1.00 35.79 ? 927  ALA A N   1 
ATOM   923  C CA  . ALA A 1 121 ? -4.550  -13.883 2.084   1.00 30.13 ? 927  ALA A CA  1 
ATOM   924  C C   . ALA A 1 121 ? -5.883  -14.501 1.684   1.00 29.76 ? 927  ALA A C   1 
ATOM   925  O O   . ALA A 1 121 ? -6.514  -15.201 2.485   1.00 28.96 ? 927  ALA A O   1 
ATOM   926  C CB  . ALA A 1 121 ? -4.736  -12.418 2.486   1.00 30.41 ? 927  ALA A CB  1 
ATOM   927  N N   . HIS A 1 122 ? -6.323  -14.264 0.445   1.00 30.53 ? 928  HIS A N   1 
ATOM   928  C CA  . HIS A 1 122 ? -7.623  -14.771 0.014   1.00 33.92 ? 928  HIS A CA  1 
ATOM   929  C C   . HIS A 1 122 ? -7.647  -16.292 0.015   1.00 26.03 ? 928  HIS A C   1 
ATOM   930  O O   . HIS A 1 122 ? -8.590  -16.908 0.535   1.00 29.71 ? 928  HIS A O   1 
ATOM   931  C CB  . HIS A 1 122 ? -7.964  -14.238 -1.369  1.00 34.37 ? 928  HIS A CB  1 
ATOM   932  C CG  . HIS A 1 122 ? -8.102  -12.757 -1.415  1.00 36.05 ? 928  HIS A CG  1 
ATOM   933  N ND1 . HIS A 1 122 ? -8.931  -12.063 -0.561  1.00 35.64 ? 928  HIS A ND1 1 
ATOM   934  C CD2 . HIS A 1 122 ? -7.496  -11.832 -2.193  1.00 35.45 ? 928  HIS A CD2 1 
ATOM   935  C CE1 . HIS A 1 122 ? -8.843  -10.773 -0.825  1.00 34.55 ? 928  HIS A CE1 1 
ATOM   936  N NE2 . HIS A 1 122 ? -7.976  -10.606 -1.806  1.00 33.98 ? 928  HIS A NE2 1 
ATOM   937  N N   . GLU A 1 123 ? -6.610  -16.918 -0.550  1.00 32.37 ? 929  GLU A N   1 
ATOM   938  C CA  . GLU A 1 123 ? -6.522  -18.376 -0.510  1.00 33.61 ? 929  GLU A CA  1 
ATOM   939  C C   . GLU A 1 123 ? -6.623  -18.879 0.918   1.00 35.99 ? 929  GLU A C   1 
ATOM   940  O O   . GLU A 1 123 ? -7.353  -19.837 1.198   1.00 23.05 ? 929  GLU A O   1 
ATOM   941  C CB  . GLU A 1 123 ? -5.212  -18.848 -1.128  1.00 35.55 ? 929  GLU A CB  1 
ATOM   942  C CG  . GLU A 1 123 ? -5.016  -18.458 -2.560  1.00 44.02 ? 929  GLU A CG  1 
ATOM   943  C CD  . GLU A 1 123 ? -4.008  -19.356 -3.234  1.00 52.97 ? 929  GLU A CD  1 
ATOM   944  O OE1 . GLU A 1 123 ? -3.209  -19.983 -2.496  1.00 63.47 ? 929  GLU A OE1 1 
ATOM   945  O OE2 . GLU A 1 123 ? -4.013  -19.438 -4.487  1.00 52.26 ? 929  GLU A OE2 1 
ATOM   946  N N   . GLN A 1 124 ? -5.908  -18.224 1.837   1.00 30.72 ? 930  GLN A N   1 
ATOM   947  C CA  . GLN A 1 124 ? -5.941  -18.642 3.232   1.00 29.74 ? 930  GLN A CA  1 
ATOM   948  C C   . GLN A 1 124 ? -7.320  -18.437 3.832   1.00 28.34 ? 930  GLN A C   1 
ATOM   949  O O   . GLN A 1 124 ? -7.803  -19.273 4.606   1.00 32.65 ? 930  GLN A O   1 
ATOM   950  C CB  . GLN A 1 124 ? -4.926  -17.854 4.042   1.00 34.81 ? 930  GLN A CB  1 
ATOM   951  C CG  . GLN A 1 124 ? -3.493  -17.965 3.609   1.00 33.99 ? 930  GLN A CG  1 
ATOM   952  C CD  . GLN A 1 124 ? -2.627  -17.136 4.532   1.00 32.18 ? 930  GLN A CD  1 
ATOM   953  O OE1 . GLN A 1 124 ? -2.661  -17.332 5.742   1.00 32.29 ? 930  GLN A OE1 1 
ATOM   954  N NE2 . GLN A 1 124 ? -1.874  -16.186 3.975   1.00 34.32 ? 930  GLN A NE2 1 
ATOM   955  N N   . ALA A 1 125 ? -7.951  -17.309 3.519   1.00 28.32 ? 931  ALA A N   1 
ATOM   956  C CA  . ALA A 1 125 ? -9.286  -17.059 4.035   1.00 30.35 ? 931  ALA A CA  1 
ATOM   957  C C   . ALA A 1 125 ? -10.262 -18.135 3.555   1.00 32.03 ? 931  ALA A C   1 
ATOM   958  O O   . ALA A 1 125 ? -11.031 -18.690 4.351   1.00 28.39 ? 931  ALA A O   1 
ATOM   959  C CB  . ALA A 1 125 ? -9.738  -15.660 3.622   1.00 24.79 ? 931  ALA A CB  1 
ATOM   960  N N   . LEU A 1 126 ? -10.232 -18.457 2.259   1.00 32.28 ? 932  LEU A N   1 
ATOM   961  C CA  . LEU A 1 126 ? -11.142 -19.477 1.730   1.00 31.26 ? 932  LEU A CA  1 
ATOM   962  C C   . LEU A 1 126 ? -10.818 -20.845 2.305   1.00 31.08 ? 932  LEU A C   1 
ATOM   963  O O   . LEU A 1 126 ? -11.716 -21.576 2.735   1.00 35.00 ? 932  LEU A O   1 
ATOM   964  C CB  . LEU A 1 126 ? -11.080 -19.501 0.208   1.00 28.80 ? 932  LEU A CB  1 
ATOM   965  C CG  . LEU A 1 126 ? -11.579 -18.163 -0.343  1.00 36.82 ? 932  LEU A CG  1 
ATOM   966  C CD1 . LEU A 1 126 ? -11.182 -17.980 -1.791  1.00 35.81 ? 932  LEU A CD1 1 
ATOM   967  C CD2 . LEU A 1 126 ? -13.098 -18.049 -0.163  1.00 30.53 ? 932  LEU A CD2 1 
ATOM   968  N N   . GLU A 1 127 ? -9.535  -21.197 2.343   1.00 32.93 ? 933  GLU A N   1 
ATOM   969  C CA  . GLU A 1 127 ? -9.119  -22.453 2.955   1.00 36.38 ? 933  GLU A CA  1 
ATOM   970  C C   . GLU A 1 127 ? -9.610  -22.566 4.394   1.00 40.05 ? 933  GLU A C   1 
ATOM   971  O O   . GLU A 1 127 ? -10.083 -23.628 4.818   1.00 33.58 ? 933  GLU A O   1 
ATOM   972  C CB  . GLU A 1 127 ? -7.594  -22.574 2.908   1.00 34.71 ? 933  GLU A CB  1 
ATOM   973  C CG  . GLU A 1 127 ? -7.130  -23.886 3.499   1.00 53.29 ? 933  GLU A CG  1 
ATOM   974  C CD  . GLU A 1 127 ? -7.756  -25.086 2.765   1.00 76.40 ? 933  GLU A CD  1 
ATOM   975  O OE1 . GLU A 1 127 ? -8.018  -26.124 3.425   1.00 70.69 ? 933  GLU A OE1 1 
ATOM   976  O OE2 . GLU A 1 127 ? -7.988  -24.993 1.532   1.00 80.14 ? 933  GLU A OE2 1 
ATOM   977  N N   . THR A 1 128 ? -9.512  -21.475 5.159   1.00 31.11 ? 934  THR A N   1 
ATOM   978  C CA  . THR A 1 128 ? -9.933  -21.489 6.558   1.00 31.29 ? 934  THR A CA  1 
ATOM   979  C C   . THR A 1 128 ? -11.448 -21.508 6.700   1.00 30.13 ? 934  THR A C   1 
ATOM   980  O O   . THR A 1 128 ? -11.972 -21.981 7.716   1.00 40.32 ? 934  THR A O   1 
ATOM   981  C CB  . THR A 1 128 ? -9.344  -20.266 7.272   1.00 35.71 ? 934  THR A CB  1 
ATOM   982  O OG1 . THR A 1 128 ? -7.919  -20.380 7.249   1.00 35.12 ? 934  THR A OG1 1 
ATOM   983  C CG2 . THR A 1 128 ? -9.817  -20.161 8.727   1.00 25.53 ? 934  THR A CG2 1 
ATOM   984  N N   . GLY A 1 129 ? -12.169 -20.979 5.717   1.00 30.81 ? 935  GLY A N   1 
ATOM   985  C CA  . GLY A 1 129 ? -13.615 -20.984 5.798   1.00 27.78 ? 935  GLY A CA  1 
ATOM   986  C C   . GLY A 1 129 ? -14.214 -19.861 6.612   1.00 34.05 ? 935  GLY A C   1 
ATOM   987  O O   . GLY A 1 129 ? -15.327 -20.014 7.127   1.00 30.93 ? 935  GLY A O   1 
ATOM   988  N N   . VAL A 1 130 ? -13.508 -18.736 6.764   1.00 33.51 ? 936  VAL A N   1 
ATOM   989  C CA  . VAL A 1 130 ? -14.127 -17.579 7.392   1.00 24.40 ? 936  VAL A CA  1 
ATOM   990  C C   . VAL A 1 130 ? -15.315 -17.132 6.552   1.00 23.42 ? 936  VAL A C   1 
ATOM   991  O O   . VAL A 1 130 ? -15.347 -17.316 5.330   1.00 30.51 ? 936  VAL A O   1 
ATOM   992  C CB  . VAL A 1 130 ? -13.130 -16.417 7.560   1.00 30.34 ? 936  VAL A CB  1 
ATOM   993  C CG1 . VAL A 1 130 ? -12.046 -16.777 8.568   1.00 24.06 ? 936  VAL A CG1 1 
ATOM   994  C CG2 . VAL A 1 130 ? -12.545 -16.024 6.193   1.00 22.42 ? 936  VAL A CG2 1 
ATOM   995  N N   . THR A 1 131 ? -16.316 -16.551 7.209   1.00 26.08 ? 937  THR A N   1 
ATOM   996  C CA  . THR A 1 131 ? -17.403 -15.933 6.465   1.00 27.14 ? 937  THR A CA  1 
ATOM   997  C C   . THR A 1 131 ? -17.282 -14.413 6.416   1.00 30.67 ? 937  THR A C   1 
ATOM   998  O O   . THR A 1 131 ? -18.064 -13.753 5.714   1.00 27.90 ? 937  THR A O   1 
ATOM   999  C CB  . THR A 1 131 ? -18.753 -16.323 7.066   1.00 33.01 ? 937  THR A CB  1 
ATOM   1000 O OG1 . THR A 1 131 ? -18.843 -15.819 8.387   1.00 31.07 ? 937  THR A OG1 1 
ATOM   1001 C CG2 . THR A 1 131 ? -18.944 -17.864 7.089   1.00 31.11 ? 937  THR A CG2 1 
ATOM   1002 N N   . VAL A 1 132 ? -16.323 -13.853 7.139   1.00 28.88 ? 938  VAL A N   1 
ATOM   1003 C CA  . VAL A 1 132 ? -16.017 -12.430 7.105   1.00 28.70 ? 938  VAL A CA  1 
ATOM   1004 C C   . VAL A 1 132 ? -14.520 -12.298 6.881   1.00 28.01 ? 938  VAL A C   1 
ATOM   1005 O O   . VAL A 1 132 ? -13.723 -12.894 7.620   1.00 21.93 ? 938  VAL A O   1 
ATOM   1006 C CB  . VAL A 1 132 ? -16.433 -11.721 8.403   1.00 31.56 ? 938  VAL A CB  1 
ATOM   1007 C CG1 . VAL A 1 132 ? -15.862 -10.302 8.433   1.00 29.60 ? 938  VAL A CG1 1 
ATOM   1008 C CG2 . VAL A 1 132 ? -17.960 -11.700 8.528   1.00 27.20 ? 938  VAL A CG2 1 
ATOM   1009 N N   . THR A 1 133 ? -14.137 -11.558 5.841   1.00 23.26 ? 939  THR A N   1 
ATOM   1010 C CA  . THR A 1 133 ? -12.740 -11.182 5.701   1.00 25.86 ? 939  THR A CA  1 
ATOM   1011 C C   . THR A 1 133 ? -12.697 -9.664  5.601   1.00 29.69 ? 939  THR A C   1 
ATOM   1012 O O   . THR A 1 133 ? -13.564 -8.980  6.152   1.00 27.13 ? 939  THR A O   1 
ATOM   1013 C CB  . THR A 1 133 ? -12.080 -11.869 4.497   1.00 27.36 ? 939  THR A CB  1 
ATOM   1014 O OG1 . THR A 1 133 ? -10.671 -11.579 4.487   1.00 25.77 ? 939  THR A OG1 1 
ATOM   1015 C CG2 . THR A 1 133 ? -12.712 -11.423 3.185   1.00 27.61 ? 939  THR A CG2 1 
ATOM   1016 N N   . GLY A 1 134 ? -11.707 -9.112  4.929   1.00 29.04 ? 940  GLY A N   1 
ATOM   1017 C CA  . GLY A 1 134 ? -11.652 -7.675  4.837   1.00 25.16 ? 940  GLY A CA  1 
ATOM   1018 C C   . GLY A 1 134 ? -10.277 -7.238  4.383   1.00 33.97 ? 940  GLY A C   1 
ATOM   1019 O O   . GLY A 1 134 ? -9.522  -8.022  3.827   1.00 29.64 ? 940  GLY A O   1 
ATOM   1020 N N   . CYS A 1 135 ? -9.978  -5.967  4.637   1.00 27.83 ? 941  CYS A N   1 
ATOM   1021 C CA  . CYS A 1 135 ? -8.684  -5.433  4.265   1.00 31.04 ? 941  CYS A CA  1 
ATOM   1022 C C   . CYS A 1 135 ? -8.182  -4.541  5.391   1.00 26.90 ? 941  CYS A C   1 
ATOM   1023 O O   . CYS A 1 135 ? -8.947  -4.068  6.233   1.00 23.86 ? 941  CYS A O   1 
ATOM   1024 C CB  . CYS A 1 135 ? -8.765  -4.675  2.938   1.00 27.32 ? 941  CYS A CB  1 
ATOM   1025 S SG  . CYS A 1 135 ? -10.061 -3.408  2.932   1.00 33.67 ? 941  CYS A SG  1 
ATOM   1026 N N   . THR A 1 136 ? -6.876  -4.326  5.399   1.00 31.96 ? 942  THR A N   1 
ATOM   1027 C CA  . THR A 1 136 ? -6.207  -3.581  6.450   1.00 27.08 ? 942  THR A CA  1 
ATOM   1028 C C   . THR A 1 136 ? -5.222  -2.604  5.833   1.00 32.08 ? 942  THR A C   1 
ATOM   1029 O O   . THR A 1 136 ? -4.432  -2.979  4.957   1.00 27.85 ? 942  THR A O   1 
ATOM   1030 C CB  . THR A 1 136 ? -5.467  -4.521  7.393   1.00 30.50 ? 942  THR A CB  1 
ATOM   1031 O OG1 . THR A 1 136 ? -6.383  -5.488  7.913   1.00 26.08 ? 942  THR A OG1 1 
ATOM   1032 C CG2 . THR A 1 136 ? -4.870  -3.742  8.542   1.00 25.59 ? 942  THR A CG2 1 
ATOM   1033 N N   . VAL A 1 137 ? -5.269  -1.358  6.289   1.00 29.44 ? 943  VAL A N   1 
ATOM   1034 C CA  . VAL A 1 137 ? -4.191  -0.412  6.056   1.00 27.72 ? 943  VAL A CA  1 
ATOM   1035 C C   . VAL A 1 137 ? -3.409  -0.313  7.349   1.00 29.65 ? 943  VAL A C   1 
ATOM   1036 O O   . VAL A 1 137 ? -3.977  -0.022  8.407   1.00 24.91 ? 943  VAL A O   1 
ATOM   1037 C CB  . VAL A 1 137 ? -4.711  0.967   5.632   1.00 32.93 ? 943  VAL A CB  1 
ATOM   1038 C CG1 . VAL A 1 137 ? -3.521  1.922   5.436   1.00 29.64 ? 943  VAL A CG1 1 
ATOM   1039 C CG2 . VAL A 1 137 ? -5.541  0.864   4.372   1.00 30.42 ? 943  VAL A CG2 1 
ATOM   1040 N N   . HIS A 1 138 ? -2.114  -0.561  7.278   1.00 29.43 ? 944  HIS A N   1 
ATOM   1041 C CA  . HIS A 1 138 ? -1.285  -0.474  8.461   1.00 27.03 ? 944  HIS A CA  1 
ATOM   1042 C C   . HIS A 1 138 ? 0.007   0.238   8.117   1.00 31.40 ? 944  HIS A C   1 
ATOM   1043 O O   . HIS A 1 138 ? 0.450   0.230   6.964   1.00 29.62 ? 944  HIS A O   1 
ATOM   1044 C CB  . HIS A 1 138 ? -0.965  -1.851  9.019   1.00 27.09 ? 944  HIS A CB  1 
ATOM   1045 C CG  . HIS A 1 138 ? -0.236  -2.721  8.055   1.00 33.12 ? 944  HIS A CG  1 
ATOM   1046 N ND1 . HIS A 1 138 ? 1.139   -2.840  8.050   1.00 32.30 ? 944  HIS A ND1 1 
ATOM   1047 C CD2 . HIS A 1 138 ? -0.687  -3.511  7.055   1.00 29.74 ? 944  HIS A CD2 1 
ATOM   1048 C CE1 . HIS A 1 138 ? 1.501   -3.672  7.090   1.00 32.76 ? 944  HIS A CE1 1 
ATOM   1049 N NE2 . HIS A 1 138 ? 0.414   -4.098  6.474   1.00 33.74 ? 944  HIS A NE2 1 
ATOM   1050 N N   . PHE A 1 139 ? 0.600   0.864   9.133   1.00 30.22 ? 945  PHE A N   1 
ATOM   1051 C CA  . PHE A 1 139 ? 1.974   1.336   9.016   1.00 31.12 ? 945  PHE A CA  1 
ATOM   1052 C C   . PHE A 1 139 ? 2.910   0.159   8.785   1.00 30.58 ? 945  PHE A C   1 
ATOM   1053 O O   . PHE A 1 139 ? 2.743   -0.913  9.368   1.00 34.94 ? 945  PHE A O   1 
ATOM   1054 C CB  . PHE A 1 139 ? 2.381   2.085   10.287  1.00 30.37 ? 945  PHE A CB  1 
ATOM   1055 C CG  . PHE A 1 139 ? 1.879   3.478   10.331  1.00 27.66 ? 945  PHE A CG  1 
ATOM   1056 C CD1 . PHE A 1 139 ? 2.316   4.403   9.407   1.00 30.98 ? 945  PHE A CD1 1 
ATOM   1057 C CD2 . PHE A 1 139 ? 0.951   3.869   11.272  1.00 30.51 ? 945  PHE A CD2 1 
ATOM   1058 C CE1 . PHE A 1 139 ? 1.848   5.695   9.438   1.00 27.16 ? 945  PHE A CE1 1 
ATOM   1059 C CE2 . PHE A 1 139 ? 0.475   5.158   11.299  1.00 27.48 ? 945  PHE A CE2 1 
ATOM   1060 C CZ  . PHE A 1 139 ? 0.927   6.076   10.386  1.00 30.62 ? 945  PHE A CZ  1 
ATOM   1061 N N   . VAL A 1 140 ? 3.903   0.348   7.930   1.00 37.26 ? 946  VAL A N   1 
ATOM   1062 C CA  . VAL A 1 140 ? 4.840   -0.737  7.666   1.00 35.73 ? 946  VAL A CA  1 
ATOM   1063 C C   . VAL A 1 140 ? 5.852   -0.787  8.801   1.00 41.30 ? 946  VAL A C   1 
ATOM   1064 O O   . VAL A 1 140 ? 6.543   0.200   9.084   1.00 40.82 ? 946  VAL A O   1 
ATOM   1065 C CB  . VAL A 1 140 ? 5.535   -0.562  6.312   1.00 39.93 ? 946  VAL A CB  1 
ATOM   1066 C CG1 . VAL A 1 140 ? 6.576   -1.659  6.128   1.00 39.18 ? 946  VAL A CG1 1 
ATOM   1067 C CG2 . VAL A 1 140 ? 4.513   -0.611  5.189   1.00 34.56 ? 946  VAL A CG2 1 
ATOM   1068 N N   . ALA A 1 141 ? 5.921   -1.921  9.476   1.00 39.28 ? 947  ALA A N   1 
ATOM   1069 C CA  . ALA A 1 141 ? 7.003   -2.181  10.408  1.00 43.17 ? 947  ALA A CA  1 
ATOM   1070 C C   . ALA A 1 141 ? 7.895   -3.266  9.819   1.00 43.58 ? 947  ALA A C   1 
ATOM   1071 O O   . ALA A 1 141 ? 7.626   -3.817  8.744   1.00 39.61 ? 947  ALA A O   1 
ATOM   1072 C CB  . ALA A 1 141 ? 6.462   -2.571  11.790  1.00 40.08 ? 947  ALA A CB  1 
ATOM   1073 N N   . GLU A 1 142 ? 9.001   -3.556  10.504  1.00 43.80 ? 948  GLU A N   1 
ATOM   1074 C CA  . GLU A 1 142 ? 9.937   -4.516  9.930   1.00 44.08 ? 948  GLU A CA  1 
ATOM   1075 C C   . GLU A 1 142 ? 9.290   -5.888  9.812   1.00 52.44 ? 948  GLU A C   1 
ATOM   1076 O O   . GLU A 1 142 ? 9.386   -6.554  8.771   1.00 45.20 ? 948  GLU A O   1 
ATOM   1077 C CB  . GLU A 1 142 ? 11.209  -4.590  10.760  1.00 53.24 ? 948  GLU A CB  1 
ATOM   1078 C CG  . GLU A 1 142 ? 12.381  -5.112  9.940   1.00 67.48 ? 948  GLU A CG  1 
ATOM   1079 C CD  . GLU A 1 142 ? 13.697  -5.033  10.685  1.00 75.13 ? 948  GLU A CD  1 
ATOM   1080 O OE1 . GLU A 1 142 ? 14.347  -6.092  10.848  1.00 68.01 ? 948  GLU A OE1 1 
ATOM   1081 O OE2 . GLU A 1 142 ? 14.065  -3.915  11.124  1.00 71.88 ? 948  GLU A OE2 1 
ATOM   1082 N N   . ASP A 1 143 ? 8.616   -6.322  10.873  1.00 43.48 ? 949  ASP A N   1 
ATOM   1083 C CA  . ASP A 1 143 ? 7.834   -7.548  10.853  1.00 56.07 ? 949  ASP A CA  1 
ATOM   1084 C C   . ASP A 1 143 ? 6.680   -7.460  9.847   1.00 44.28 ? 949  ASP A C   1 
ATOM   1085 O O   . ASP A 1 143 ? 5.742   -6.674  10.036  1.00 43.31 ? 949  ASP A O   1 
ATOM   1086 C CB  . ASP A 1 143 ? 7.331   -7.823  12.269  1.00 58.31 ? 949  ASP A CB  1 
ATOM   1087 C CG  . ASP A 1 143 ? 6.899   -9.250  12.460  1.00 76.54 ? 949  ASP A CG  1 
ATOM   1088 O OD1 . ASP A 1 143 ? 7.275   -10.092 11.613  1.00 79.88 ? 949  ASP A OD1 1 
ATOM   1089 O OD2 . ASP A 1 143 ? 6.177   -9.525  13.448  1.00 82.12 ? 949  ASP A OD2 1 
ATOM   1090 N N   . VAL A 1 144 ? 6.736   -8.268  8.784   1.00 41.87 ? 950  VAL A N   1 
ATOM   1091 C CA  . VAL A 1 144 ? 5.782   -8.153  7.682   1.00 38.59 ? 950  VAL A CA  1 
ATOM   1092 C C   . VAL A 1 144 ? 4.348   -8.256  8.187   1.00 42.30 ? 950  VAL A C   1 
ATOM   1093 O O   . VAL A 1 144 ? 4.019   -9.135  8.994   1.00 42.20 ? 950  VAL A O   1 
ATOM   1094 C CB  . VAL A 1 144 ? 6.077   -9.230  6.630   1.00 41.38 ? 950  VAL A CB  1 
ATOM   1095 C CG1 . VAL A 1 144 ? 5.159   -9.075  5.420   1.00 40.88 ? 950  VAL A CG1 1 
ATOM   1096 C CG2 . VAL A 1 144 ? 7.530   -9.152  6.217   1.00 45.34 ? 950  VAL A CG2 1 
ATOM   1097 N N   . ASP A 1 145 ? 3.484   -7.348  7.707   1.00 40.64 ? 951  ASP A N   1 
ATOM   1098 C CA  . ASP A 1 145 ? 2.044   -7.360  8.003   1.00 41.03 ? 951  ASP A CA  1 
ATOM   1099 C C   . ASP A 1 145 ? 1.759   -7.294  9.501   1.00 40.62 ? 951  ASP A C   1 
ATOM   1100 O O   . ASP A 1 145 ? 0.744   -7.815  9.974   1.00 40.96 ? 951  ASP A O   1 
ATOM   1101 C CB  . ASP A 1 145 ? 1.353   -8.592  7.402   1.00 42.23 ? 951  ASP A CB  1 
ATOM   1102 C CG  . ASP A 1 145 ? 1.445   -8.638  5.884   1.00 45.74 ? 951  ASP A CG  1 
ATOM   1103 O OD1 . ASP A 1 145 ? 1.644   -7.567  5.259   1.00 40.22 ? 951  ASP A OD1 1 
ATOM   1104 O OD2 . ASP A 1 145 ? 1.317   -9.749  5.315   1.00 44.01 ? 951  ASP A OD2 1 
ATOM   1105 N N   . ALA A 1 146 ? 2.648   -6.660  10.263  1.00 39.46 ? 952  ALA A N   1 
ATOM   1106 C CA  . ALA A 1 146 ? 2.474   -6.548  11.703  1.00 37.69 ? 952  ALA A CA  1 
ATOM   1107 C C   . ALA A 1 146 ? 2.576   -5.120  12.220  1.00 42.51 ? 952  ALA A C   1 
ATOM   1108 O O   . ALA A 1 146 ? 2.400   -4.909  13.424  1.00 35.03 ? 952  ALA A O   1 
ATOM   1109 C CB  . ALA A 1 146 ? 3.498   -7.416  12.445  1.00 44.65 ? 952  ALA A CB  1 
ATOM   1110 N N   . GLY A 1 147 ? 2.838   -4.141  11.362  1.00 37.14 ? 953  GLY A N   1 
ATOM   1111 C CA  . GLY A 1 147 ? 2.809   -2.756  11.786  1.00 33.01 ? 953  GLY A CA  1 
ATOM   1112 C C   . GLY A 1 147 ? 1.459   -2.347  12.356  1.00 40.86 ? 953  GLY A C   1 
ATOM   1113 O O   . GLY A 1 147 ? 0.459   -3.070  12.305  1.00 29.15 ? 953  GLY A O   1 
ATOM   1114 N N   . GLN A 1 148 ? 1.451   -1.136  12.912  1.00 26.66 ? 954  GLN A N   1 
ATOM   1115 C CA  . GLN A 1 148 ? 0.267   -0.591  13.554  1.00 32.56 ? 954  GLN A CA  1 
ATOM   1116 C C   . GLN A 1 148 ? -0.859  -0.353  12.557  1.00 31.55 ? 954  GLN A C   1 
ATOM   1117 O O   . GLN A 1 148 ? -0.662  0.206   11.472  1.00 27.43 ? 954  GLN A O   1 
ATOM   1118 C CB  . GLN A 1 148 ? 0.604   0.717   14.252  1.00 34.36 ? 954  GLN A CB  1 
ATOM   1119 C CG  . GLN A 1 148 ? 1.361   0.574   15.558  1.00 45.72 ? 954  GLN A CG  1 
ATOM   1120 C CD  . GLN A 1 148 ? 0.772   -0.448  16.524  1.00 53.55 ? 954  GLN A CD  1 
ATOM   1121 O OE1 . GLN A 1 148 ? -0.106  -0.121  17.332  1.00 60.27 ? 954  GLN A OE1 1 
ATOM   1122 N NE2 . GLN A 1 148 ? 1.289   -1.679  16.484  1.00 56.97 ? 954  GLN A NE2 1 
ATOM   1123 N N   . ILE A 1 149 ? -2.054  -0.717  12.974  1.00 30.53 ? 955  ILE A N   1 
ATOM   1124 C CA  . ILE A 1 149 ? -3.214  -0.752  12.104  1.00 31.46 ? 955  ILE A CA  1 
ATOM   1125 C C   . ILE A 1 149 ? -3.859  0.626   12.093  1.00 29.98 ? 955  ILE A C   1 
ATOM   1126 O O   . ILE A 1 149 ? -4.131  1.211   13.148  1.00 29.41 ? 955  ILE A O   1 
ATOM   1127 C CB  . ILE A 1 149 ? -4.196  -1.842  12.566  1.00 32.89 ? 955  ILE A CB  1 
ATOM   1128 C CG1 . ILE A 1 149 ? -3.610  -3.241  12.281  1.00 28.10 ? 955  ILE A CG1 1 
ATOM   1129 C CG2 . ILE A 1 149 ? -5.568  -1.644  11.929  1.00 25.86 ? 955  ILE A CG2 1 
ATOM   1130 C CD1 . ILE A 1 149 ? -4.413  -4.381  12.901  1.00 27.05 ? 955  ILE A CD1 1 
ATOM   1131 N N   . ILE A 1 150 ? -4.114  1.141   10.897  1.00 29.79 ? 956  ILE A N   1 
ATOM   1132 C CA  . ILE A 1 150 ? -4.737  2.447   10.742  1.00 29.11 ? 956  ILE A CA  1 
ATOM   1133 C C   . ILE A 1 150 ? -6.238  2.283   10.529  1.00 30.62 ? 956  ILE A C   1 
ATOM   1134 O O   . ILE A 1 150 ? -7.039  2.848   11.278  1.00 33.34 ? 956  ILE A O   1 
ATOM   1135 C CB  . ILE A 1 150 ? -4.084  3.229   9.585   1.00 29.14 ? 956  ILE A CB  1 
ATOM   1136 C CG1 . ILE A 1 150 ? -2.623  3.552   9.923   1.00 35.76 ? 956  ILE A CG1 1 
ATOM   1137 C CG2 . ILE A 1 150 ? -4.854  4.517   9.319   1.00 26.23 ? 956  ILE A CG2 1 
ATOM   1138 C CD1 . ILE A 1 150 ? -1.729  3.811   8.712   1.00 35.43 ? 956  ILE A CD1 1 
ATOM   1139 N N   . LEU A 1 151 ? -6.635  1.527   9.498   1.00 27.82 ? 957  LEU A N   1 
ATOM   1140 C CA  . LEU A 1 151 ? -8.047  1.320   9.188   1.00 34.10 ? 957  LEU A CA  1 
ATOM   1141 C C   . LEU A 1 151 ? -8.261  -0.101  8.678   1.00 29.23 ? 957  LEU A C   1 
ATOM   1142 O O   . LEU A 1 151 ? -7.377  -0.713  8.073   1.00 23.33 ? 957  LEU A O   1 
ATOM   1143 C CB  . LEU A 1 151 ? -8.578  2.309   8.122   1.00 33.98 ? 957  LEU A CB  1 
ATOM   1144 C CG  . LEU A 1 151 ? -8.742  3.802   8.453   1.00 35.96 ? 957  LEU A CG  1 
ATOM   1145 C CD1 . LEU A 1 151 ? -9.233  4.537   7.228   1.00 29.73 ? 957  LEU A CD1 1 
ATOM   1146 C CD2 . LEU A 1 151 ? -9.729  4.011   9.588   1.00 33.49 ? 957  LEU A CD2 1 
ATOM   1147 N N   . GLN A 1 152 ? -9.444  -0.629  8.943   1.00 27.41 ? 958  GLN A N   1 
ATOM   1148 C CA  . GLN A 1 152 ? -9.842  -1.917  8.392   1.00 25.01 ? 958  GLN A CA  1 
ATOM   1149 C C   . GLN A 1 152 ? -11.287 -1.809  7.966   1.00 29.59 ? 958  GLN A C   1 
ATOM   1150 O O   . GLN A 1 152 ? -12.026 -0.942  8.440   1.00 24.99 ? 958  GLN A O   1 
ATOM   1151 C CB  . GLN A 1 152 ? -9.692  -3.053  9.407   1.00 26.97 ? 958  GLN A CB  1 
ATOM   1152 C CG  . GLN A 1 152 ? -8.292  -3.196  9.972   1.00 22.11 ? 958  GLN A CG  1 
ATOM   1153 C CD  . GLN A 1 152 ? -8.214  -4.274  11.017  1.00 24.30 ? 958  GLN A CD  1 
ATOM   1154 O OE1 . GLN A 1 152 ? -8.827  -4.161  12.081  1.00 27.12 ? 958  GLN A OE1 1 
ATOM   1155 N NE2 . GLN A 1 152 ? -7.467  -5.343  10.719  1.00 27.69 ? 958  GLN A NE2 1 
ATOM   1156 N N   . GLU A 1 153 ? -11.700 -2.718  7.083   1.00 27.54 ? 959  GLU A N   1 
ATOM   1157 C CA  . GLU A 1 153 ? -13.102 -2.770  6.723   1.00 25.29 ? 959  GLU A CA  1 
ATOM   1158 C C   . GLU A 1 153 ? -13.450 -4.219  6.446   1.00 27.90 ? 959  GLU A C   1 
ATOM   1159 O O   . GLU A 1 153 ? -12.750 -4.891  5.684   1.00 26.21 ? 959  GLU A O   1 
ATOM   1160 C CB  . GLU A 1 153 ? -13.399 -1.892  5.505   1.00 30.13 ? 959  GLU A CB  1 
ATOM   1161 C CG  . GLU A 1 153 ? -14.708 -2.232  4.826   1.00 39.51 ? 959  GLU A CG  1 
ATOM   1162 C CD  . GLU A 1 153 ? -15.215 -1.104  3.926   1.00 49.03 ? 959  GLU A CD  1 
ATOM   1163 O OE1 . GLU A 1 153 ? -16.334 -1.230  3.374   1.00 58.63 ? 959  GLU A OE1 1 
ATOM   1164 O OE2 . GLU A 1 153 ? -14.497 -0.089  3.774   1.00 50.18 ? 959  GLU A OE2 1 
ATOM   1165 N N   . ALA A 1 154 ? -14.502 -4.704  7.083   1.00 28.89 ? 960  ALA A N   1 
ATOM   1166 C CA  . ALA A 1 154 ? -14.890 -6.086  6.878   1.00 27.54 ? 960  ALA A CA  1 
ATOM   1167 C C   . ALA A 1 154 ? -15.645 -6.244  5.573   1.00 27.77 ? 960  ALA A C   1 
ATOM   1168 O O   . ALA A 1 154 ? -16.351 -5.334  5.122   1.00 27.98 ? 960  ALA A O   1 
ATOM   1169 C CB  . ALA A 1 154 ? -15.759 -6.585  8.019   1.00 22.85 ? 960  ALA A CB  1 
ATOM   1170 N N   . VAL A 1 155 ? -15.502 -7.430  4.985   1.00 28.38 ? 961  VAL A N   1 
ATOM   1171 C CA  . VAL A 1 155 ? -16.101 -7.794  3.707   1.00 29.52 ? 961  VAL A CA  1 
ATOM   1172 C C   . VAL A 1 155 ? -16.634 -9.208  3.870   1.00 27.20 ? 961  VAL A C   1 
ATOM   1173 O O   . VAL A 1 155 ? -15.874 -10.106 4.270   1.00 26.68 ? 961  VAL A O   1 
ATOM   1174 C CB  . VAL A 1 155 ? -15.076 -7.727  2.563   1.00 28.35 ? 961  VAL A CB  1 
ATOM   1175 C CG1 . VAL A 1 155 ? -15.707 -8.213  1.289   1.00 27.98 ? 961  VAL A CG1 1 
ATOM   1176 C CG2 . VAL A 1 155 ? -14.522 -6.300  2.403   1.00 25.84 ? 961  VAL A CG2 1 
ATOM   1177 N N   . PRO A 1 156 ? -17.923 -9.443  3.632   1.00 25.90 ? 962  PRO A N   1 
ATOM   1178 C CA  . PRO A 1 156 ? -18.461 -10.811 3.738   1.00 32.74 ? 962  PRO A CA  1 
ATOM   1179 C C   . PRO A 1 156 ? -17.863 -11.742 2.692   1.00 25.77 ? 962  PRO A C   1 
ATOM   1180 O O   . PRO A 1 156 ? -17.617 -11.344 1.553   1.00 26.85 ? 962  PRO A O   1 
ATOM   1181 C CB  . PRO A 1 156 ? -19.959 -10.620 3.474   1.00 30.23 ? 962  PRO A CB  1 
ATOM   1182 C CG  . PRO A 1 156 ? -20.002 -9.427  2.534   1.00 33.89 ? 962  PRO A CG  1 
ATOM   1183 C CD  . PRO A 1 156 ? -18.938 -8.494  3.132   1.00 25.39 ? 962  PRO A CD  1 
ATOM   1184 N N   . VAL A 1 157 ? -17.662 -12.998 3.075   1.00 28.13 ? 963  VAL A N   1 
ATOM   1185 C CA  . VAL A 1 157 ? -17.371 -14.060 2.113   1.00 30.53 ? 963  VAL A CA  1 
ATOM   1186 C C   . VAL A 1 157 ? -18.684 -14.760 1.768   1.00 32.63 ? 963  VAL A C   1 
ATOM   1187 O O   . VAL A 1 157 ? -19.398 -15.227 2.662   1.00 32.85 ? 963  VAL A O   1 
ATOM   1188 C CB  . VAL A 1 157 ? -16.348 -15.059 2.675   1.00 28.73 ? 963  VAL A CB  1 
ATOM   1189 C CG1 . VAL A 1 157 ? -16.079 -16.169 1.655   1.00 31.08 ? 963  VAL A CG1 1 
ATOM   1190 C CG2 . VAL A 1 157 ? -15.071 -14.359 3.077   1.00 32.39 ? 963  VAL A CG2 1 
ATOM   1191 N N   . LYS A 1 158 ? -19.013 -14.824 0.480   1.00 32.96 ? 964  LYS A N   1 
ATOM   1192 C CA  . LYS A 1 158 ? -20.227 -15.492 0.037   1.00 36.98 ? 964  LYS A CA  1 
ATOM   1193 C C   . LYS A 1 158 ? -19.937 -16.955 -0.270  1.00 37.49 ? 964  LYS A C   1 
ATOM   1194 O O   . LYS A 1 158 ? -18.829 -17.315 -0.685  1.00 34.08 ? 964  LYS A O   1 
ATOM   1195 C CB  . LYS A 1 158 ? -20.813 -14.816 -1.208  1.00 34.67 ? 964  LYS A CB  1 
ATOM   1196 C CG  . LYS A 1 158 ? -21.020 -13.325 -1.072  1.00 40.79 ? 964  LYS A CG  1 
ATOM   1197 C CD  . LYS A 1 158 ? -22.373 -12.997 -0.470  1.00 47.46 ? 964  LYS A CD  1 
ATOM   1198 C CE  . LYS A 1 158 ? -22.390 -11.595 0.143   1.00 49.77 ? 964  LYS A CE  1 
ATOM   1199 N NZ  . LYS A 1 158 ? -22.848 -10.583 -0.850  1.00 53.19 ? 964  LYS A NZ  1 
ATOM   1200 N N   . ARG A 1 159 ? -20.944 -17.804 -0.050  1.00 39.63 ? 965  ARG A N   1 
ATOM   1201 C CA  . ARG A 1 159 ? -20.827 -19.196 -0.460  1.00 41.40 ? 965  ARG A CA  1 
ATOM   1202 C C   . ARG A 1 159 ? -20.476 -19.280 -1.940  1.00 32.56 ? 965  ARG A C   1 
ATOM   1203 O O   . ARG A 1 159 ? -21.069 -18.596 -2.783  1.00 31.51 ? 965  ARG A O   1 
ATOM   1204 C CB  . ARG A 1 159 ? -22.120 -19.966 -0.175  1.00 43.65 ? 965  ARG A CB  1 
ATOM   1205 C CG  . ARG A 1 159 ? -22.398 -20.214 1.306   1.00 45.03 ? 965  ARG A CG  1 
ATOM   1206 C CD  . ARG A 1 159 ? -23.805 -20.771 1.507   1.00 55.49 ? 965  ARG A CD  1 
ATOM   1207 N NE  . ARG A 1 159 ? -24.043 -21.992 0.710   1.00 75.23 ? 965  ARG A NE  1 
ATOM   1208 C CZ  . ARG A 1 159 ? -25.102 -22.206 -0.077  1.00 62.32 ? 965  ARG A CZ  1 
ATOM   1209 N NH1 . ARG A 1 159 ? -26.071 -21.299 -0.167  1.00 58.75 ? 965  ARG A NH1 1 
ATOM   1210 N NH2 . ARG A 1 159 ? -25.208 -23.346 -0.760  1.00 68.93 ? 965  ARG A NH2 1 
ATOM   1211 N N   . GLY A 1 160 ? -19.490 -20.109 -2.245  1.00 32.45 ? 966  GLY A N   1 
ATOM   1212 C CA  . GLY A 1 160 ? -19.037 -20.263 -3.603  1.00 31.85 ? 966  GLY A CA  1 
ATOM   1213 C C   . GLY A 1 160 ? -17.914 -19.344 -3.991  1.00 38.50 ? 966  GLY A C   1 
ATOM   1214 O O   . GLY A 1 160 ? -17.469 -19.403 -5.143  1.00 29.75 ? 966  GLY A O   1 
ATOM   1215 N N   . ASP A 1 161 ? -17.447 -18.482 -3.077  1.00 32.73 ? 967  ASP A N   1 
ATOM   1216 C CA  . ASP A 1 161 ? -16.446 -17.496 -3.453  1.00 29.69 ? 967  ASP A CA  1 
ATOM   1217 C C   . ASP A 1 161 ? -15.166 -18.179 -3.892  1.00 24.31 ? 967  ASP A C   1 
ATOM   1218 O O   . ASP A 1 161 ? -14.745 -19.196 -3.331  1.00 26.30 ? 967  ASP A O   1 
ATOM   1219 C CB  . ASP A 1 161 ? -16.114 -16.538 -2.291  1.00 34.03 ? 967  ASP A CB  1 
ATOM   1220 C CG  . ASP A 1 161 ? -16.909 -15.226 -2.326  1.00 33.68 ? 967  ASP A CG  1 
ATOM   1221 O OD1 . ASP A 1 161 ? -17.343 -14.762 -3.420  1.00 27.71 ? 967  ASP A OD1 1 
ATOM   1222 O OD2 . ASP A 1 161 ? -17.017 -14.607 -1.239  1.00 35.95 ? 967  ASP A OD2 1 
ATOM   1223 N N   . THR A 1 162 ? -14.532 -17.588 -4.878  1.00 21.38 ? 968  THR A N   1 
ATOM   1224 C CA  . THR A 1 162 ? -13.177 -17.913 -5.263  1.00 26.29 ? 968  THR A CA  1 
ATOM   1225 C C   . THR A 1 162 ? -12.288 -16.712 -4.967  1.00 29.36 ? 968  THR A C   1 
ATOM   1226 O O   . THR A 1 162 ? -12.769 -15.635 -4.626  1.00 30.68 ? 968  THR A O   1 
ATOM   1227 C CB  . THR A 1 162 ? -13.147 -18.239 -6.746  1.00 32.97 ? 968  THR A CB  1 
ATOM   1228 O OG1 . THR A 1 162 ? -13.572 -17.062 -7.442  1.00 32.06 ? 968  THR A OG1 1 
ATOM   1229 C CG2 . THR A 1 162 ? -14.122 -19.395 -7.048  1.00 25.72 ? 968  THR A CG2 1 
ATOM   1230 N N   . VAL A 1 163 ? -10.980 -16.906 -5.124  1.00 28.91 ? 969  VAL A N   1 
ATOM   1231 C CA  . VAL A 1 163 ? -10.052 -15.780 -5.103  1.00 28.58 ? 969  VAL A CA  1 
ATOM   1232 C C   . VAL A 1 163 ? -10.540 -14.666 -6.020  1.00 29.97 ? 969  VAL A C   1 
ATOM   1233 O O   . VAL A 1 163 ? -10.447 -13.485 -5.684  1.00 27.24 ? 969  VAL A O   1 
ATOM   1234 C CB  . VAL A 1 163 ? -8.639  -16.259 -5.484  1.00 27.79 ? 969  VAL A CB  1 
ATOM   1235 C CG1 . VAL A 1 163 ? -7.743  -15.095 -5.832  1.00 30.17 ? 969  VAL A CG1 1 
ATOM   1236 C CG2 . VAL A 1 163 ? -8.055  -17.090 -4.337  1.00 26.16 ? 969  VAL A CG2 1 
ATOM   1237 N N   . ALA A 1 164 ? -11.100 -15.017 -7.172  1.00 26.56 ? 970  ALA A N   1 
ATOM   1238 C CA  . ALA A 1 164 ? -11.519 -13.987 -8.119  1.00 29.18 ? 970  ALA A CA  1 
ATOM   1239 C C   . ALA A 1 164 ? -12.670 -13.157 -7.564  1.00 30.46 ? 970  ALA A C   1 
ATOM   1240 O O   . ALA A 1 164 ? -12.638 -11.924 -7.627  1.00 30.14 ? 970  ALA A O   1 
ATOM   1241 C CB  . ALA A 1 164 ? -11.925 -14.616 -9.452  1.00 33.48 ? 970  ALA A CB  1 
ATOM   1242 N N   . THR A 1 165 ? -13.721 -13.814 -7.045  1.00 25.18 ? 971  THR A N   1 
ATOM   1243 C CA  . THR A 1 165 ? -14.898 -13.060 -6.607  1.00 28.45 ? 971  THR A CA  1 
ATOM   1244 C C   . THR A 1 165 ? -14.678 -12.414 -5.243  1.00 31.90 ? 971  THR A C   1 
ATOM   1245 O O   . THR A 1 165 ? -15.200 -11.320 -4.980  1.00 29.64 ? 971  THR A O   1 
ATOM   1246 C CB  . THR A 1 165 ? -16.144 -13.962 -6.586  1.00 26.65 ? 971  THR A CB  1 
ATOM   1247 O OG1 . THR A 1 165 ? -15.941 -15.061 -5.687  1.00 28.46 ? 971  THR A OG1 1 
ATOM   1248 C CG2 . THR A 1 165 ? -16.421 -14.528 -7.973  1.00 29.35 ? 971  THR A CG2 1 
ATOM   1249 N N   . LEU A 1 166 ? -13.893 -13.060 -4.375  1.00 28.84 ? 972  LEU A N   1 
ATOM   1250 C CA  . LEU A 1 166 ? -13.635 -12.504 -3.055  1.00 28.17 ? 972  LEU A CA  1 
ATOM   1251 C C   . LEU A 1 166 ? -12.685 -11.311 -3.129  1.00 32.96 ? 972  LEU A C   1 
ATOM   1252 O O   . LEU A 1 166 ? -12.919 -10.280 -2.481  1.00 29.36 ? 972  LEU A O   1 
ATOM   1253 C CB  . LEU A 1 166 ? -13.072 -13.595 -2.135  1.00 26.85 ? 972  LEU A CB  1 
ATOM   1254 C CG  . LEU A 1 166 ? -12.740 -13.045 -0.750  1.00 32.09 ? 972  LEU A CG  1 
ATOM   1255 C CD1 . LEU A 1 166 ? -14.047 -12.525 -0.100  1.00 20.35 ? 972  LEU A CD1 1 
ATOM   1256 C CD2 . LEU A 1 166 ? -12.040 -14.096 0.123   1.00 29.95 ? 972  LEU A CD2 1 
ATOM   1257 N N   . SER A 1 167 ? -11.610 -11.419 -3.912  1.00 26.14 ? 973  SER A N   1 
ATOM   1258 C CA  . SER A 1 167 ? -10.718 -10.277 -4.032  1.00 31.87 ? 973  SER A CA  1 
ATOM   1259 C C   . SER A 1 167 ? -11.389 -9.120  -4.757  1.00 37.68 ? 973  SER A C   1 
ATOM   1260 O O   . SER A 1 167 ? -11.051 -7.954  -4.514  1.00 31.36 ? 973  SER A O   1 
ATOM   1261 C CB  . SER A 1 167 ? -9.436  -10.680 -4.749  1.00 34.02 ? 973  SER A CB  1 
ATOM   1262 O OG  . SER A 1 167 ? -9.748  -11.134 -6.031  1.00 34.68 ? 973  SER A OG  1 
ATOM   1263 N N   . GLU A 1 168 ? -12.344 -9.401  -5.639  1.00 24.48 ? 974  GLU A N   1 
ATOM   1264 C CA  . GLU A 1 168 ? -13.029 -8.281  -6.272  1.00 29.22 ? 974  GLU A CA  1 
ATOM   1265 C C   . GLU A 1 168 ? -13.896 -7.530  -5.263  1.00 29.77 ? 974  GLU A C   1 
ATOM   1266 O O   . GLU A 1 168 ? -13.942 -6.292  -5.264  1.00 28.70 ? 974  GLU A O   1 
ATOM   1267 C CB  . GLU A 1 168 ? -13.840 -8.789  -7.448  1.00 28.84 ? 974  GLU A CB  1 
ATOM   1268 C CG  . GLU A 1 168 ? -15.023 -7.943  -7.836  1.00 37.75 ? 974  GLU A CG  1 
ATOM   1269 C CD  . GLU A 1 168 ? -15.731 -8.492  -9.082  1.00 42.24 ? 974  GLU A CD  1 
ATOM   1270 O OE1 . GLU A 1 168 ? -15.310 -8.132  -10.208 1.00 45.50 ? 974  GLU A OE1 1 
ATOM   1271 O OE2 . GLU A 1 168 ? -16.661 -9.334  -8.936  1.00 43.54 ? 974  GLU A OE2 1 
ATOM   1272 N N   . ARG A 1 169 ? -14.569 -8.265  -4.376  1.00 27.51 ? 975  ARG A N   1 
ATOM   1273 C CA  . ARG A 1 169 ? -15.356 -7.632  -3.330  1.00 29.46 ? 975  ARG A CA  1 
ATOM   1274 C C   . ARG A 1 169 ? -14.458 -6.919  -2.320  1.00 31.07 ? 975  ARG A C   1 
ATOM   1275 O O   . ARG A 1 169 ? -14.768 -5.810  -1.885  1.00 31.31 ? 975  ARG A O   1 
ATOM   1276 C CB  . ARG A 1 169 ? -16.224 -8.681  -2.644  1.00 25.81 ? 975  ARG A CB  1 
ATOM   1277 C CG  . ARG A 1 169 ? -17.350 -8.130  -1.769  1.00 30.94 ? 975  ARG A CG  1 
ATOM   1278 C CD  . ARG A 1 169 ? -18.121 -9.281  -1.124  1.00 25.18 ? 975  ARG A CD  1 
ATOM   1279 N NE  . ARG A 1 169 ? -18.594 -10.212 -2.150  1.00 28.52 ? 975  ARG A NE  1 
ATOM   1280 C CZ  . ARG A 1 169 ? -18.190 -11.472 -2.283  1.00 29.50 ? 975  ARG A CZ  1 
ATOM   1281 N NH1 . ARG A 1 169 ? -17.305 -11.997 -1.437  1.00 28.58 ? 975  ARG A NH1 1 
ATOM   1282 N NH2 . ARG A 1 169 ? -18.697 -12.219 -3.258  1.00 28.28 ? 975  ARG A NH2 1 
ATOM   1283 N N   . VAL A 1 170 ? -13.335 -7.537  -1.943  1.00 28.12 ? 976  VAL A N   1 
ATOM   1284 C CA  . VAL A 1 170 ? -12.445 -6.914  -0.971  1.00 30.62 ? 976  VAL A CA  1 
ATOM   1285 C C   . VAL A 1 170 ? -11.818 -5.653  -1.555  1.00 31.95 ? 976  VAL A C   1 
ATOM   1286 O O   . VAL A 1 170 ? -11.653 -4.649  -0.861  1.00 33.99 ? 976  VAL A O   1 
ATOM   1287 C CB  . VAL A 1 170 ? -11.382 -7.921  -0.489  1.00 26.28 ? 976  VAL A CB  1 
ATOM   1288 C CG1 . VAL A 1 170 ? -10.303 -7.200  0.341   1.00 26.65 ? 976  VAL A CG1 1 
ATOM   1289 C CG2 . VAL A 1 170 ? -12.040 -9.004  0.341   1.00 23.05 ? 976  VAL A CG2 1 
ATOM   1290 N N   . LYS A 1 171 ? -11.502 -5.662  -2.850  1.00 31.61 ? 977  LYS A N   1 
ATOM   1291 C CA  . LYS A 1 171 ? -10.892 -4.487  -3.447  1.00 31.71 ? 977  LYS A CA  1 
ATOM   1292 C C   . LYS A 1 171 ? -11.835 -3.290  -3.409  1.00 37.80 ? 977  LYS A C   1 
ATOM   1293 O O   . LYS A 1 171 ? -11.373 -2.143  -3.358  1.00 35.39 ? 977  LYS A O   1 
ATOM   1294 C CB  . LYS A 1 171 ? -10.436 -4.802  -4.869  1.00 29.72 ? 977  LYS A CB  1 
ATOM   1295 C CG  . LYS A 1 171 ? -9.100  -5.529  -4.892  1.00 36.22 ? 977  LYS A CG  1 
ATOM   1296 C CD  . LYS A 1 171 ? -8.524  -5.659  -6.299  1.00 38.03 ? 977  LYS A CD  1 
ATOM   1297 C CE  . LYS A 1 171 ? -7.138  -6.321  -6.231  1.00 45.19 ? 977  LYS A CE  1 
ATOM   1298 N NZ  . LYS A 1 171 ? -6.440  -6.383  -7.554  1.00 54.39 ? 977  LYS A NZ  1 
ATOM   1299 N N   . LEU A 1 172 ? -13.147 -3.527  -3.402  1.00 31.38 ? 978  LEU A N   1 
ATOM   1300 C CA  . LEU A 1 172 ? -14.086 -2.420  -3.240  1.00 32.75 ? 978  LEU A CA  1 
ATOM   1301 C C   . LEU A 1 172 ? -13.883 -1.725  -1.895  1.00 33.25 ? 978  LEU A C   1 
ATOM   1302 O O   . LEU A 1 172 ? -13.939 -0.490  -1.801  1.00 34.91 ? 978  LEU A O   1 
ATOM   1303 C CB  . LEU A 1 172 ? -15.517 -2.935  -3.369  1.00 33.61 ? 978  LEU A CB  1 
ATOM   1304 C CG  . LEU A 1 172 ? -15.947 -3.449  -4.751  1.00 43.97 ? 978  LEU A CG  1 
ATOM   1305 C CD1 . LEU A 1 172 ? -17.389 -3.940  -4.702  1.00 32.58 ? 978  LEU A CD1 1 
ATOM   1306 C CD2 . LEU A 1 172 ? -15.775 -2.390  -5.834  1.00 30.39 ? 978  LEU A CD2 1 
ATOM   1307 N N   . ALA A 1 173 ? -13.636 -2.503  -0.840  1.00 30.64 ? 979  ALA A N   1 
ATOM   1308 C CA  . ALA A 1 173 ? -13.344 -1.917  0.460   1.00 29.50 ? 979  ALA A CA  1 
ATOM   1309 C C   . ALA A 1 173 ? -11.948 -1.306  0.490   1.00 37.95 ? 979  ALA A C   1 
ATOM   1310 O O   . ALA A 1 173 ? -11.745 -0.221  1.058   1.00 33.88 ? 979  ALA A O   1 
ATOM   1311 C CB  . ALA A 1 173 ? -13.489 -2.981  1.547   1.00 24.35 ? 979  ALA A CB  1 
ATOM   1312 N N   . GLU A 1 174 ? -10.973 -1.996  -0.105  1.00 29.04 ? 980  GLU A N   1 
ATOM   1313 C CA  . GLU A 1 174 ? -9.614  -1.477  -0.159  1.00 30.17 ? 980  GLU A CA  1 
ATOM   1314 C C   . GLU A 1 174 ? -9.599  -0.063  -0.712  1.00 36.30 ? 980  GLU A C   1 
ATOM   1315 O O   . GLU A 1 174 ? -8.915  0.821   -0.174  1.00 32.04 ? 980  GLU A O   1 
ATOM   1316 C CB  . GLU A 1 174 ? -8.761  -2.387  -1.034  1.00 30.33 ? 980  GLU A CB  1 
ATOM   1317 C CG  . GLU A 1 174 ? -8.162  -3.582  -0.300  1.00 34.98 ? 980  GLU A CG  1 
ATOM   1318 C CD  . GLU A 1 174 ? -7.346  -4.460  -1.244  1.00 50.21 ? 980  GLU A CD  1 
ATOM   1319 O OE1 . GLU A 1 174 ? -7.656  -5.665  -1.432  1.00 48.84 ? 980  GLU A OE1 1 
ATOM   1320 O OE2 . GLU A 1 174 ? -6.397  -3.911  -1.842  1.00 50.58 ? 980  GLU A OE2 1 
ATOM   1321 N N   . HIS A 1 175 ? -10.364 0.172   -1.783  1.00 30.85 ? 981  HIS A N   1 
ATOM   1322 C CA  . HIS A 1 175 ? -10.387 1.472   -2.444  1.00 35.02 ? 981  HIS A CA  1 
ATOM   1323 C C   . HIS A 1 175 ? -11.116 2.521   -1.644  1.00 38.63 ? 981  HIS A C   1 
ATOM   1324 O O   . HIS A 1 175 ? -11.121 3.685   -2.053  1.00 34.25 ? 981  HIS A O   1 
ATOM   1325 C CB  . HIS A 1 175 ? -11.020 1.358   -3.828  1.00 31.88 ? 981  HIS A CB  1 
ATOM   1326 C CG  . HIS A 1 175 ? -10.312 0.399   -4.723  1.00 33.45 ? 981  HIS A CG  1 
ATOM   1327 N ND1 . HIS A 1 175 ? -10.941 -0.267  -5.757  1.00 30.57 ? 981  HIS A ND1 1 
ATOM   1328 C CD2 . HIS A 1 175 ? -9.029  -0.034  -4.716  1.00 35.67 ? 981  HIS A CD2 1 
ATOM   1329 C CE1 . HIS A 1 175 ? -10.066 -1.052  -6.366  1.00 34.19 ? 981  HIS A CE1 1 
ATOM   1330 N NE2 . HIS A 1 175 ? -8.904  -0.938  -5.748  1.00 41.84 ? 981  HIS A NE2 1 
ATOM   1331 N N   . LYS A 1 176 ? -11.737 2.145   -0.529  1.00 33.08 ? 982  LYS A N   1 
ATOM   1332 C CA  . LYS A 1 176 ? -12.292 3.116   0.396   1.00 37.14 ? 982  LYS A CA  1 
ATOM   1333 C C   . LYS A 1 176 ? -11.299 3.428   1.510   1.00 32.29 ? 982  LYS A C   1 
ATOM   1334 O O   . LYS A 1 176 ? -10.922 4.586   1.695   1.00 36.42 ? 982  LYS A O   1 
ATOM   1335 C CB  . LYS A 1 176 ? -13.612 2.585   0.960   1.00 32.73 ? 982  LYS A CB  1 
ATOM   1336 C CG  . LYS A 1 176 ? -14.799 2.683   -0.007  1.00 37.19 ? 982  LYS A CG  1 
ATOM   1337 C CD  . LYS A 1 176 ? -15.981 1.850   0.523   1.00 42.26 ? 982  LYS A CD  1 
ATOM   1338 C CE  . LYS A 1 176 ? -16.436 2.326   1.913   1.00 69.50 ? 982  LYS A CE  1 
ATOM   1339 N NZ  . LYS A 1 176 ? -17.737 1.715   2.362   1.00 67.12 ? 982  LYS A NZ  1 
ATOM   1340 N N   . ILE A 1 177 ? -10.836 2.403   2.238   1.00 26.79 ? 983  ILE A N   1 
ATOM   1341 C CA  . ILE A 1 177 ? -10.010 2.671   3.409   1.00 37.98 ? 983  ILE A CA  1 
ATOM   1342 C C   . ILE A 1 177 ? -8.612  3.125   3.037   1.00 31.79 ? 983  ILE A C   1 
ATOM   1343 O O   . ILE A 1 177 ? -7.936  3.753   3.858   1.00 30.59 ? 983  ILE A O   1 
ATOM   1344 C CB  . ILE A 1 177 ? -9.929  1.452   4.359   1.00 32.25 ? 983  ILE A CB  1 
ATOM   1345 C CG1 . ILE A 1 177 ? -9.186  0.288   3.714   1.00 33.39 ? 983  ILE A CG1 1 
ATOM   1346 C CG2 . ILE A 1 177 ? -11.313 1.036   4.871   1.00 24.40 ? 983  ILE A CG2 1 
ATOM   1347 C CD1 . ILE A 1 177 ? -8.812  -0.783  4.723   1.00 32.11 ? 983  ILE A CD1 1 
ATOM   1348 N N   . PHE A 1 178 ? -8.145  2.847   1.844   1.00 33.79 ? 984  PHE A N   1 
ATOM   1349 C CA  . PHE A 1 178 ? -6.744  3.204   1.687   1.00 28.73 ? 984  PHE A CA  1 
ATOM   1350 C C   . PHE A 1 178 ? -6.636  4.682   1.316   1.00 31.75 ? 984  PHE A C   1 
ATOM   1351 O O   . PHE A 1 178 ? -5.769  5.365   1.867   1.00 29.66 ? 984  PHE A O   1 
ATOM   1352 C CB  . PHE A 1 178 ? -6.078  2.209   0.735   1.00 30.63 ? 984  PHE A CB  1 
ATOM   1353 C CG  . PHE A 1 178 ? -4.594  2.373   0.575   1.00 37.37 ? 984  PHE A CG  1 
ATOM   1354 C CD1 . PHE A 1 178 ? -3.783  2.559   1.677   1.00 36.49 ? 984  PHE A CD1 1 
ATOM   1355 C CD2 . PHE A 1 178 ? -3.989  1.911   -0.584  1.00 34.55 ? 984  PHE A CD2 1 
ATOM   1356 C CE1 . PHE A 1 178 ? -2.387  2.604   1.560   1.00 36.87 ? 984  PHE A CE1 1 
ATOM   1357 C CE2 . PHE A 1 178 ? -2.592  1.897   -0.712  1.00 35.46 ? 984  PHE A CE2 1 
ATOM   1358 C CZ  . PHE A 1 178 ? -1.790  2.246   0.362   1.00 41.95 ? 984  PHE A CZ  1 
ATOM   1359 N N   . PRO A 1 179 ? -7.526  5.247   0.487   1.00 31.52 ? 985  PRO A N   1 
ATOM   1360 C CA  . PRO A 1 179 ? -7.598  6.720   0.417   1.00 30.83 ? 985  PRO A CA  1 
ATOM   1361 C C   . PRO A 1 179 ? -7.884  7.382   1.758   1.00 34.88 ? 985  PRO A C   1 
ATOM   1362 O O   . PRO A 1 179 ? -7.259  8.407   2.088   1.00 32.45 ? 985  PRO A O   1 
ATOM   1363 C CB  . PRO A 1 179 ? -8.729  6.955   -0.583  1.00 28.57 ? 985  PRO A CB  1 
ATOM   1364 C CG  . PRO A 1 179 ? -8.633  5.795   -1.503  1.00 29.47 ? 985  PRO A CG  1 
ATOM   1365 C CD  . PRO A 1 179 ? -8.308  4.619   -0.597  1.00 33.60 ? 985  PRO A CD  1 
ATOM   1366 N N   . ALA A 1 180 ? -8.813  6.829   2.546   1.00 26.69 ? 986  ALA A N   1 
ATOM   1367 C CA  . ALA A 1 180 ? -9.101  7.405   3.852   1.00 30.66 ? 986  ALA A CA  1 
ATOM   1368 C C   . ALA A 1 180 ? -7.878  7.349   4.752   1.00 36.66 ? 986  ALA A C   1 
ATOM   1369 O O   . ALA A 1 180 ? -7.598  8.302   5.493   1.00 29.13 ? 986  ALA A O   1 
ATOM   1370 C CB  . ALA A 1 180 ? -10.272 6.676   4.508   1.00 25.72 ? 986  ALA A CB  1 
ATOM   1371 N N   . ALA A 1 181 ? -7.148  6.230   4.718   1.00 31.67 ? 987  ALA A N   1 
ATOM   1372 C CA  . ALA A 1 181 ? -5.992  6.083   5.594   1.00 26.35 ? 987  ALA A CA  1 
ATOM   1373 C C   . ALA A 1 181 ? -4.895  7.045   5.202   1.00 35.37 ? 987  ALA A C   1 
ATOM   1374 O O   . ALA A 1 181 ? -4.223  7.611   6.070   1.00 30.72 ? 987  ALA A O   1 
ATOM   1375 C CB  . ALA A 1 181 ? -5.462  4.662   5.547   1.00 25.07 ? 987  ALA A CB  1 
ATOM   1376 N N   . LEU A 1 182 ? -4.690  7.230   3.894   1.00 29.73 ? 988  LEU A N   1 
ATOM   1377 C CA  . LEU A 1 182 ? -3.702  8.196   3.435   1.00 30.15 ? 988  LEU A CA  1 
ATOM   1378 C C   . LEU A 1 182 ? -4.069  9.598   3.898   1.00 35.89 ? 988  LEU A C   1 
ATOM   1379 O O   . LEU A 1 182 ? -3.215  10.351  4.388   1.00 29.83 ? 988  LEU A O   1 
ATOM   1380 C CB  . LEU A 1 182 ? -3.591  8.140   1.911   1.00 23.70 ? 988  LEU A CB  1 
ATOM   1381 C CG  . LEU A 1 182 ? -2.591  9.121   1.297   1.00 31.19 ? 988  LEU A CG  1 
ATOM   1382 C CD1 . LEU A 1 182 ? -1.219  8.986   1.941   1.00 30.29 ? 988  LEU A CD1 1 
ATOM   1383 C CD2 . LEU A 1 182 ? -2.494  8.880   -0.191  1.00 28.55 ? 988  LEU A CD2 1 
ATOM   1384 N N   . GLN A 1 183 ? -5.347  9.954   3.782   1.00 36.59 ? 989  GLN A N   1 
ATOM   1385 C CA  . GLN A 1 183 ? -5.774  11.267  4.230   1.00 31.71 ? 989  GLN A CA  1 
ATOM   1386 C C   . GLN A 1 183 ? -5.550  11.444  5.732   1.00 36.16 ? 989  GLN A C   1 
ATOM   1387 O O   . GLN A 1 183 ? -5.058  12.491  6.170   1.00 28.73 ? 989  GLN A O   1 
ATOM   1388 C CB  . GLN A 1 183 ? -7.233  11.491  3.840   1.00 30.00 ? 989  GLN A CB  1 
ATOM   1389 C CG  . GLN A 1 183 ? -7.798  12.794  4.367   1.00 37.51 ? 989  GLN A CG  1 
ATOM   1390 C CD  . GLN A 1 183 ? -7.134  14.018  3.750   1.00 41.86 ? 989  GLN A CD  1 
ATOM   1391 O OE1 . GLN A 1 183 ? -6.556  13.962  2.647   1.00 32.51 ? 989  GLN A OE1 1 
ATOM   1392 N NE2 . GLN A 1 183 ? -7.212  15.134  4.459   1.00 41.81 ? 989  GLN A NE2 1 
ATOM   1393 N N   . LEU A 1 184 ? -5.874  10.427  6.541   1.00 27.97 ? 990  LEU A N   1 
ATOM   1394 C CA  . LEU A 1 184 ? -5.608  10.516  7.978   1.00 33.11 ? 990  LEU A CA  1 
ATOM   1395 C C   . LEU A 1 184 ? -4.146  10.826  8.267   1.00 34.40 ? 990  LEU A C   1 
ATOM   1396 O O   . LEU A 1 184 ? -3.836  11.654  9.129   1.00 35.36 ? 990  LEU A O   1 
ATOM   1397 C CB  . LEU A 1 184 ? -5.994  9.223   8.692   1.00 23.77 ? 990  LEU A CB  1 
ATOM   1398 C CG  . LEU A 1 184 ? -7.494  8.999   8.751   1.00 34.56 ? 990  LEU A CG  1 
ATOM   1399 C CD1 . LEU A 1 184 ? -7.795  7.611   9.323   1.00 35.84 ? 990  LEU A CD1 1 
ATOM   1400 C CD2 . LEU A 1 184 ? -8.128  10.095  9.580   1.00 32.94 ? 990  LEU A CD2 1 
ATOM   1401 N N   . VAL A 1 185 ? -3.231  10.140  7.582   1.00 29.97 ? 991  VAL A N   1 
ATOM   1402 C CA  . VAL A 1 185 ? -1.815  10.307  7.866   1.00 32.19 ? 991  VAL A CA  1 
ATOM   1403 C C   . VAL A 1 185 ? -1.296  11.601  7.256   1.00 32.74 ? 991  VAL A C   1 
ATOM   1404 O O   . VAL A 1 185 ? -0.580  12.365  7.907   1.00 33.13 ? 991  VAL A O   1 
ATOM   1405 C CB  . VAL A 1 185 ? -1.017  9.091   7.358   1.00 33.53 ? 991  VAL A CB  1 
ATOM   1406 C CG1 . VAL A 1 185 ? 0.479   9.324   7.571   1.00 28.46 ? 991  VAL A CG1 1 
ATOM   1407 C CG2 . VAL A 1 185 ? -1.466  7.816   8.072   1.00 31.90 ? 991  VAL A CG2 1 
ATOM   1408 N N   . ALA A 1 186 ? -1.658  11.876  6.001   1.00 31.60 ? 992  ALA A N   1 
ATOM   1409 C CA  . ALA A 1 186 ? -1.168  13.085  5.350   1.00 29.91 ? 992  ALA A CA  1 
ATOM   1410 C C   . ALA A 1 186 ? -1.651  14.341  6.062   1.00 33.45 ? 992  ALA A C   1 
ATOM   1411 O O   . ALA A 1 186 ? -0.945  15.346  6.088   1.00 34.78 ? 992  ALA A O   1 
ATOM   1412 C CB  . ALA A 1 186 ? -1.596  13.117  3.886   1.00 27.46 ? 992  ALA A CB  1 
ATOM   1413 N N   . SER A 1 187 ? -2.837  14.308  6.651   1.00 31.38 ? 993  SER A N   1 
ATOM   1414 C CA  . SER A 1 187 ? -3.319  15.483  7.353   1.00 34.46 ? 993  SER A CA  1 
ATOM   1415 C C   . SER A 1 187 ? -2.749  15.591  8.763   1.00 40.13 ? 993  SER A C   1 
ATOM   1416 O O   . SER A 1 187 ? -3.127  16.500  9.508   1.00 34.51 ? 993  SER A O   1 
ATOM   1417 C CB  . SER A 1 187 ? -4.844  15.445  7.397   1.00 33.18 ? 993  SER A CB  1 
ATOM   1418 O OG  . SER A 1 187 ? -5.253  14.390  8.248   1.00 32.41 ? 993  SER A OG  1 
ATOM   1419 N N   . GLY A 1 188 ? -1.864  14.679  9.158   1.00 40.82 ? 994  GLY A N   1 
ATOM   1420 C CA  . GLY A 1 188 ? -1.430  14.627  10.541  1.00 31.96 ? 994  GLY A CA  1 
ATOM   1421 C C   . GLY A 1 188 ? -2.525  14.326  11.535  1.00 37.90 ? 994  GLY A C   1 
ATOM   1422 O O   . GLY A 1 188 ? -2.384  14.653  12.712  1.00 33.48 ? 994  GLY A O   1 
ATOM   1423 N N   . THR A 1 189 ? -3.627  13.713  11.099  1.00 34.17 ? 995  THR A N   1 
ATOM   1424 C CA  . THR A 1 189 ? -4.672  13.335  12.045  1.00 36.45 ? 995  THR A CA  1 
ATOM   1425 C C   . THR A 1 189 ? -4.295  12.074  12.805  1.00 37.74 ? 995  THR A C   1 
ATOM   1426 O O   . THR A 1 189 ? -4.656  11.913  13.977  1.00 34.70 ? 995  THR A O   1 
ATOM   1427 C CB  . THR A 1 189 ? -5.987  13.133  11.309  1.00 34.16 ? 995  THR A CB  1 
ATOM   1428 O OG1 . THR A 1 189 ? -6.316  14.341  10.624  1.00 35.57 ? 995  THR A OG1 1 
ATOM   1429 C CG2 . THR A 1 189 ? -7.117  12.755  12.270  1.00 36.08 ? 995  THR A CG2 1 
ATOM   1430 N N   . VAL A 1 190 ? -3.544  11.197  12.161  1.00 33.63 ? 996  VAL A N   1 
ATOM   1431 C CA  . VAL A 1 190 ? -3.082  9.957   12.753  1.00 35.69 ? 996  VAL A CA  1 
ATOM   1432 C C   . VAL A 1 190 ? -1.576  9.916   12.596  1.00 34.48 ? 996  VAL A C   1 
ATOM   1433 O O   . VAL A 1 190 ? -1.043  10.320  11.557  1.00 39.20 ? 996  VAL A O   1 
ATOM   1434 C CB  . VAL A 1 190 ? -3.741  8.736   12.072  1.00 34.92 ? 996  VAL A CB  1 
ATOM   1435 C CG1 . VAL A 1 190 ? -2.950  7.477   12.345  1.00 36.51 ? 996  VAL A CG1 1 
ATOM   1436 C CG2 . VAL A 1 190 ? -5.181  8.593   12.550  1.00 39.77 ? 996  VAL A CG2 1 
ATOM   1437 N N   . GLN A 1 191 ? -0.889  9.432   13.621  1.00 32.43 ? 997  GLN A N   1 
ATOM   1438 C CA  . GLN A 1 191 ? 0.535   9.202   13.486  1.00 33.11 ? 997  GLN A CA  1 
ATOM   1439 C C   . GLN A 1 191 ? 0.888   7.993   14.323  1.00 34.68 ? 997  GLN A C   1 
ATOM   1440 O O   . GLN A 1 191 ? 0.165   7.608   15.249  1.00 40.73 ? 997  GLN A O   1 
ATOM   1441 C CB  . GLN A 1 191 ? 1.383   10.417  13.934  1.00 35.26 ? 997  GLN A CB  1 
ATOM   1442 C CG  . GLN A 1 191 ? 1.377   10.646  15.428  1.00 36.93 ? 997  GLN A CG  1 
ATOM   1443 C CD  . GLN A 1 191 ? 1.929   12.014  15.842  1.00 55.86 ? 997  GLN A CD  1 
ATOM   1444 O OE1 . GLN A 1 191 ? 2.055   12.939  15.029  1.00 50.63 ? 997  GLN A OE1 1 
ATOM   1445 N NE2 . GLN A 1 191 ? 2.288   12.129  17.113  1.00 51.96 ? 997  GLN A NE2 1 
ATOM   1446 N N   . LEU A 1 192 ? 2.006   7.394   13.975  1.00 37.95 ? 998  LEU A N   1 
ATOM   1447 C CA  . LEU A 1 192 ? 2.635   6.418   14.841  1.00 46.43 ? 998  LEU A CA  1 
ATOM   1448 C C   . LEU A 1 192 ? 3.162   7.154   16.067  1.00 58.49 ? 998  LEU A C   1 
ATOM   1449 O O   . LEU A 1 192 ? 4.081   7.977   15.958  1.00 67.94 ? 998  LEU A O   1 
ATOM   1450 C CB  . LEU A 1 192 ? 3.746   5.739   14.062  1.00 41.33 ? 998  LEU A CB  1 
ATOM   1451 C CG  . LEU A 1 192 ? 4.068   4.334   14.466  1.00 47.30 ? 998  LEU A CG  1 
ATOM   1452 C CD1 . LEU A 1 192 ? 2.817   3.504   14.258  1.00 56.00 ? 998  LEU A CD1 1 
ATOM   1453 C CD2 . LEU A 1 192 ? 5.175   3.898   13.554  1.00 50.62 ? 998  LEU A CD2 1 
ATOM   1454 N N   . GLY A 1 193 ? 2.557   6.915   17.226  1.00 60.83 ? 999  GLY A N   1 
ATOM   1455 C CA  . GLY A 1 193 ? 2.898   7.694   18.403  1.00 71.28 ? 999  GLY A CA  1 
ATOM   1456 C C   . GLY A 1 193 ? 4.286   7.375   18.945  1.00 87.56 ? 999  GLY A C   1 
ATOM   1457 O O   . GLY A 1 193 ? 4.981   6.459   18.488  1.00 79.55 ? 999  GLY A O   1 
ATOM   1458 N N   . GLU A 1 194 ? 4.698   8.166   19.951  1.00 90.49 ? 1000 GLU A N   1 
ATOM   1459 C CA  . GLU A 1 194 ? 5.952   7.889   20.654  1.00 84.83 ? 1000 GLU A CA  1 
ATOM   1460 C C   . GLU A 1 194 ? 5.929   6.511   21.315  1.00 93.43 ? 1000 GLU A C   1 
ATOM   1461 O O   . GLU A 1 194 ? 6.966   5.838   21.391  1.00 89.33 ? 1000 GLU A O   1 
ATOM   1462 C CB  . GLU A 1 194 ? 6.237   8.985   21.688  1.00 69.54 ? 1000 GLU A CB  1 
ATOM   1463 N N   . ASN A 1 195 ? 4.756   6.067   21.776  1.00 93.61 ? 1001 ASN A N   1 
ATOM   1464 C CA  . ASN A 1 195 ? 4.530   4.712   22.271  1.00 85.56 ? 1001 ASN A CA  1 
ATOM   1465 C C   . ASN A 1 195 ? 4.346   3.691   21.151  1.00 81.31 ? 1001 ASN A C   1 
ATOM   1466 O O   . ASN A 1 195 ? 3.920   2.562   21.425  1.00 76.88 ? 1001 ASN A O   1 
ATOM   1467 C CB  . ASN A 1 195 ? 3.296   4.685   23.173  1.00 81.77 ? 1001 ASN A CB  1 
ATOM   1468 C CG  . ASN A 1 195 ? 2.012   4.930   22.399  1.00 91.54 ? 1001 ASN A CG  1 
ATOM   1469 O OD1 . ASN A 1 195 ? 1.998   5.669   21.408  1.00 89.31 ? 1001 ASN A OD1 1 
ATOM   1470 N ND2 . ASN A 1 195 ? 0.927   4.297   22.834  1.00 98.67 ? 1001 ASN A ND2 1 
ATOM   1471 N N   . GLY A 1 196 ? 4.606   4.072   19.898  1.00 81.00 ? 1002 GLY A N   1 
ATOM   1472 C CA  . GLY A 1 196 ? 4.574   3.151   18.784  1.00 70.46 ? 1002 GLY A CA  1 
ATOM   1473 C C   . GLY A 1 196 ? 3.202   2.710   18.327  1.00 78.97 ? 1002 GLY A C   1 
ATOM   1474 O O   . GLY A 1 196 ? 3.072   2.232   17.190  1.00 67.14 ? 1002 GLY A O   1 
ATOM   1475 N N   . LYS A 1 197 ? 2.175   2.828   19.169  1.00 77.95 ? 1003 LYS A N   1 
ATOM   1476 C CA  . LYS A 1 197 ? 0.819   2.522   18.740  1.00 71.11 ? 1003 LYS A CA  1 
ATOM   1477 C C   . LYS A 1 197 ? 0.244   3.695   17.946  1.00 58.09 ? 1003 LYS A C   1 
ATOM   1478 O O   . LYS A 1 197 ? 0.842   4.775   17.851  1.00 69.17 ? 1003 LYS A O   1 
ATOM   1479 C CB  . LYS A 1 197 ? -0.068  2.183   19.938  1.00 69.50 ? 1003 LYS A CB  1 
ATOM   1480 N N   . ILE A 1 198 ? -0.922  3.463   17.340  1.00 54.57 ? 1004 ILE A N   1 
ATOM   1481 C CA  . ILE A 1 198 ? -1.576  4.514   16.572  1.00 45.87 ? 1004 ILE A CA  1 
ATOM   1482 C C   . ILE A 1 198 ? -1.951  5.653   17.504  1.00 43.51 ? 1004 ILE A C   1 
ATOM   1483 O O   . ILE A 1 198 ? -2.527  5.441   18.577  1.00 47.58 ? 1004 ILE A O   1 
ATOM   1484 C CB  . ILE A 1 198 ? -2.792  3.945   15.830  1.00 42.26 ? 1004 ILE A CB  1 
ATOM   1485 C CG1 . ILE A 1 198 ? -2.308  3.161   14.627  1.00 52.31 ? 1004 ILE A CG1 1 
ATOM   1486 C CG2 . ILE A 1 198 ? -3.712  5.031   15.324  1.00 42.32 ? 1004 ILE A CG2 1 
ATOM   1487 C CD1 . ILE A 1 198 ? -1.628  4.029   13.610  1.00 42.45 ? 1004 ILE A CD1 1 
ATOM   1488 N N   . CYS A 1 199 ? -1.586  6.865   17.121  1.00 40.66 ? 1005 CYS A N   1 
ATOM   1489 C CA  . CYS A 1 199 ? -1.937  8.050   17.888  1.00 40.66 ? 1005 CYS A CA  1 
ATOM   1490 C C   . CYS A 1 199 ? -2.861  8.894   17.029  1.00 35.09 ? 1005 CYS A C   1 
ATOM   1491 O O   . CYS A 1 199 ? -2.476  9.310   15.932  1.00 38.18 ? 1005 CYS A O   1 
ATOM   1492 C CB  . CYS A 1 199 ? -0.683  8.830   18.300  1.00 50.63 ? 1005 CYS A CB  1 
ATOM   1493 S SG  . CYS A 1 199 ? -0.990  10.232  19.438  1.00 55.95 ? 1005 CYS A SG  1 
ATOM   1494 N N   . TRP A 1 200 ? -4.088  9.093   17.496  1.00 33.02 ? 1006 TRP A N   1 
ATOM   1495 C CA  . TRP A 1 200 ? -5.016  10.032  16.865  1.00 43.03 ? 1006 TRP A CA  1 
ATOM   1496 C C   . TRP A 1 200 ? -4.805  11.405  17.498  1.00 51.78 ? 1006 TRP A C   1 
ATOM   1497 O O   . TRP A 1 200 ? -5.446  11.754  18.488  1.00 52.27 ? 1006 TRP A O   1 
ATOM   1498 C CB  . TRP A 1 200 ? -6.456  9.562   17.032  1.00 36.78 ? 1006 TRP A CB  1 
ATOM   1499 C CG  . TRP A 1 200 ? -6.831  8.378   16.179  1.00 46.83 ? 1006 TRP A CG  1 
ATOM   1500 C CD1 . TRP A 1 200 ? -6.466  7.079   16.372  1.00 49.22 ? 1006 TRP A CD1 1 
ATOM   1501 C CD2 . TRP A 1 200 ? -7.642  8.395   14.999  1.00 44.60 ? 1006 TRP A CD2 1 
ATOM   1502 N NE1 . TRP A 1 200 ? -6.995  6.282   15.377  1.00 51.94 ? 1006 TRP A NE1 1 
ATOM   1503 C CE2 . TRP A 1 200 ? -7.727  7.069   14.528  1.00 49.61 ? 1006 TRP A CE2 1 
ATOM   1504 C CE3 . TRP A 1 200 ? -8.306  9.406   14.294  1.00 47.60 ? 1006 TRP A CE3 1 
ATOM   1505 C CZ2 . TRP A 1 200 ? -8.446  6.729   13.387  1.00 49.68 ? 1006 TRP A CZ2 1 
ATOM   1506 C CZ3 . TRP A 1 200 ? -9.027  9.063   13.167  1.00 47.18 ? 1006 TRP A CZ3 1 
ATOM   1507 C CH2 . TRP A 1 200 ? -9.089  7.738   12.723  1.00 45.61 ? 1006 TRP A CH2 1 
ATOM   1508 N N   . VAL A 1 201 ? -3.906  12.204  16.917  1.00 50.81 ? 1007 VAL A N   1 
ATOM   1509 C CA  . VAL A 1 201 ? -3.598  13.546  17.444  1.00 53.49 ? 1007 VAL A CA  1 
ATOM   1510 C C   . VAL A 1 201 ? -4.580  14.605  16.932  1.00 56.03 ? 1007 VAL A C   1 
ATOM   1511 O O   . VAL A 1 201 ? -5.723  14.693  17.392  1.00 67.31 ? 1007 VAL A O   1 
ATOM   1512 C CB  . VAL A 1 201 ? -2.161  13.970  17.091  1.00 53.77 ? 1007 VAL A CB  1 
ATOM   1513 C CG1 . VAL A 1 201 ? -1.172  12.884  17.439  1.00 54.38 ? 1007 VAL A CG1 1 
ATOM   1514 C CG2 . VAL A 1 201 ? -2.060  14.298  15.640  1.00 53.29 ? 1007 VAL A CG2 1 
HETATM 1515 C C1  . GAR B 2 .   ? -4.492  -5.734  -3.541  1.00 45.40 ? 1101 GAR A C1  1 
HETATM 1516 O O6  . GAR B 2 .   ? -5.586  -6.590  -3.176  1.00 40.35 ? 1101 GAR A O6  1 
HETATM 1517 C C2  . GAR B 2 .   ? -3.550  -5.656  -2.361  1.00 41.97 ? 1101 GAR A C2  1 
HETATM 1518 O O8  . GAR B 2 .   ? -4.225  -5.621  -1.089  1.00 40.00 ? 1101 GAR A O8  1 
HETATM 1519 C C3  . GAR B 2 .   ? -2.775  -6.950  -2.531  1.00 36.42 ? 1101 GAR A C3  1 
HETATM 1520 O O4  . GAR B 2 .   ? -2.597  -7.087  -3.934  1.00 43.90 ? 1101 GAR A O4  1 
HETATM 1521 C C5  . GAR B 2 .   ? -3.667  -6.429  -4.615  1.00 42.33 ? 1101 GAR A C5  1 
HETATM 1522 C C10 . GAR B 2 .   ? -3.065  -5.439  -5.597  1.00 33.64 ? 1101 GAR A C10 1 
HETATM 1523 O O12 . GAR B 2 .   ? -4.079  -4.872  -6.423  1.00 42.46 ? 1101 GAR A O12 1 
HETATM 1524 N N19 . GAR B 2 .   ? -1.493  -6.874  -1.883  1.00 45.58 ? 1101 GAR A N19 1 
HETATM 1525 C C21 . GAR B 2 .   ? -1.068  -7.866  -1.111  1.00 49.13 ? 1101 GAR A C21 1 
HETATM 1526 O O22 . GAR B 2 .   ? -1.432  -9.035  -1.243  1.00 43.81 ? 1101 GAR A O22 1 
HETATM 1527 C C23 . GAR B 2 .   ? -0.091  -7.432  -0.038  1.00 43.70 ? 1101 GAR A C23 1 
HETATM 1528 N N24 . GAR B 2 .   ? 0.531   -8.573  0.604   1.00 53.41 ? 1101 GAR A N24 1 
HETATM 1529 P P15 . GAR B 2 .   ? -3.777  -3.547  -7.293  1.00 43.97 ? 1101 GAR A P15 1 
HETATM 1530 O O16 . GAR B 2 .   ? -3.775  -2.404  -6.284  1.00 40.92 ? 1101 GAR A O16 1 
HETATM 1531 O O17 . GAR B 2 .   ? -4.933  -3.515  -8.268  1.00 35.21 ? 1101 GAR A O17 1 
HETATM 1532 O O18 . GAR B 2 .   ? -2.400  -3.763  -7.900  1.00 38.08 ? 1101 GAR A O18 1 
HETATM 1533 O O10 . XRR C 3 .   ? 4.862   -5.075  6.541   1.00 38.21 ? 1102 XRR A O10 1 
HETATM 1534 N N11 . XRR C 3 .   ? 9.665   -5.123  6.494   1.00 47.98 ? 1102 XRR A N11 1 
HETATM 1535 C C14 . XRR C 3 .   ? 5.052   -9.476  0.469   1.00 50.14 ? 1102 XRR A C14 1 
HETATM 1536 C C15 . XRR C 3 .   ? 3.484   -9.986  2.190   1.00 49.81 ? 1102 XRR A C15 1 
HETATM 1537 C C17 . XRR C 3 .   ? 6.127   -11.748 -0.348  1.00 64.21 ? 1102 XRR A C17 1 
HETATM 1538 O O18 . XRR C 3 .   ? 6.095   -12.929 -0.242  1.00 60.07 ? 1102 XRR A O18 1 
HETATM 1539 N N19 . XRR C 3 .   ? 7.070   -11.124 -1.244  1.00 62.41 ? 1102 XRR A N19 1 
HETATM 1540 C C20 . XRR C 3 .   ? 7.987   -11.923 -2.033  1.00 61.16 ? 1102 XRR A C20 1 
HETATM 1541 C C21 . XRR C 3 .   ? 7.747   -11.697 -3.528  1.00 58.50 ? 1102 XRR A C21 1 
HETATM 1542 C C22 . XRR C 3 .   ? 6.470   -12.377 -4.021  1.00 56.24 ? 1102 XRR A C22 1 
HETATM 1543 C C23 . XRR C 3 .   ? 5.846   -11.661 -5.228  1.00 73.06 ? 1102 XRR A C23 1 
HETATM 1544 O O24 . XRR C 3 .   ? 4.598   -11.734 -5.439  1.00 69.21 ? 1102 XRR A O24 1 
HETATM 1545 O O25 . XRR C 3 .   ? 6.575   -10.994 -6.017  1.00 73.80 ? 1102 XRR A O25 1 
HETATM 1546 C C26 . XRR C 3 .   ? 9.403   -11.498 -1.630  1.00 62.26 ? 1102 XRR A C26 1 
HETATM 1547 O O27 . XRR C 3 .   ? 10.343  -12.332 -1.672  1.00 65.78 ? 1102 XRR A O27 1 
HETATM 1548 O O28 . XRR C 3 .   ? 9.631   -10.313 -1.236  1.00 54.90 ? 1102 XRR A O28 1 
HETATM 1549 C C29 . XRR C 3 .   ? 3.948   -5.106  1.083   1.00 41.41 ? 1102 XRR A C29 1 
HETATM 1550 C C30 . XRR C 3 .   ? 4.044   -6.529  0.508   1.00 41.87 ? 1102 XRR A C30 1 
HETATM 1551 C C31 . XRR C 3 .   ? 3.722   -7.510  1.624   1.00 47.24 ? 1102 XRR A C31 1 
HETATM 1552 C C32 . XRR C 3 .   ? 4.089   -8.981  1.412   1.00 57.82 ? 1102 XRR A C32 1 
HETATM 1553 C C02 . XRR C 3 .   ? 8.381   -5.112  5.833   1.00 37.38 ? 1102 XRR A C02 1 
HETATM 1554 C C04 . XRR C 3 .   ? 5.880   -5.093  5.929   1.00 33.37 ? 1102 XRR A C04 1 
HETATM 1555 C C05 . XRR C 3 .   ? 4.652   -5.081  3.623   1.00 37.91 ? 1102 XRR A C05 1 
HETATM 1556 C C06 . XRR C 3 .   ? 4.926   -5.071  2.248   1.00 41.95 ? 1102 XRR A C06 1 
HETATM 1557 C C08 . XRR C 3 .   ? 5.850   -5.089  4.424   1.00 38.75 ? 1102 XRR A C08 1 
HETATM 1558 C C09 . XRR C 3 .   ? 7.047   -5.101  3.707   1.00 33.46 ? 1102 XRR A C09 1 
HETATM 1559 C C12 . XRR C 3 .   ? 5.193   -10.878 0.493   1.00 67.24 ? 1102 XRR A C12 1 
HETATM 1560 N N01 . XRR C 3 .   ? 8.344   -5.115  4.379   1.00 38.50 ? 1102 XRR A N01 1 
HETATM 1561 N N03 . XRR C 3 .   ? 7.143   -5.102  6.599   1.00 43.09 ? 1102 XRR A N03 1 
HETATM 1562 S S07 . XRR C 3 .   ? 6.605   -5.086  2.087   1.00 38.79 ? 1102 XRR A S07 1 
HETATM 1563 S S13 . XRR C 3 .   ? 4.145   -11.459 1.688   1.00 61.15 ? 1102 XRR A S13 1 
HETATM 1564 O O   . HOH D 4 .   ? -7.632  15.057  16.267  1.00 53.00 ? 1201 HOH A O   1 
HETATM 1565 O O   . HOH D 4 .   ? -18.192 -21.206 -0.658  1.00 48.37 ? 1202 HOH A O   1 
HETATM 1566 O O   . HOH D 4 .   ? 10.248  -5.338  -15.090 1.00 56.10 ? 1203 HOH A O   1 
HETATM 1567 O O   . HOH D 4 .   ? 5.890   18.166  2.207   1.00 44.08 ? 1204 HOH A O   1 
HETATM 1568 O O   . HOH D 4 .   ? 17.115  4.685   -7.936  1.00 45.14 ? 1205 HOH A O   1 
HETATM 1569 O O   . HOH D 4 .   ? 0.662   -7.206  2.993   1.00 35.82 ? 1206 HOH A O   1 
HETATM 1570 O O   . HOH D 4 .   ? 17.811  3.261   8.042   1.00 45.65 ? 1207 HOH A O   1 
HETATM 1571 O O   . HOH D 4 .   ? -4.387  0.589   15.562  1.00 38.32 ? 1208 HOH A O   1 
HETATM 1572 O O   . HOH D 4 .   ? -16.802 -4.698  -0.866  1.00 34.01 ? 1209 HOH A O   1 
HETATM 1573 O O   . HOH D 4 .   ? -14.377 0.016   8.475   1.00 43.46 ? 1210 HOH A O   1 
HETATM 1574 O O   . HOH D 4 .   ? -0.764  -4.131  -1.094  1.00 39.50 ? 1211 HOH A O   1 
HETATM 1575 O O   . HOH D 4 .   ? 9.033   16.556  1.492   1.00 40.10 ? 1212 HOH A O   1 
HETATM 1576 O O   . HOH D 4 .   ? -12.448 5.685   -3.000  1.00 46.49 ? 1213 HOH A O   1 
HETATM 1577 O O   . HOH D 4 .   ? -15.076 1.029   -3.559  1.00 38.20 ? 1214 HOH A O   1 
HETATM 1578 O O   . HOH D 4 .   ? -13.235 -4.748  -7.216  1.00 35.92 ? 1215 HOH A O   1 
HETATM 1579 O O   . HOH D 4 .   ? -9.196  -12.068 2.412   1.00 29.44 ? 1216 HOH A O   1 
HETATM 1580 O O   . HOH D 4 .   ? -13.352 0.647   -6.056  1.00 41.86 ? 1217 HOH A O   1 
HETATM 1581 O O   . HOH D 4 .   ? -2.075  -2.061  15.207  1.00 45.45 ? 1218 HOH A O   1 
HETATM 1582 O O   . HOH D 4 .   ? 5.941   1.486   11.466  1.00 42.39 ? 1219 HOH A O   1 
HETATM 1583 O O   . HOH D 4 .   ? 8.032   1.876   7.740   1.00 42.57 ? 1220 HOH A O   1 
HETATM 1584 O O   . HOH D 4 .   ? -1.971  -0.542  -6.653  1.00 32.38 ? 1221 HOH A O   1 
HETATM 1585 O O   . HOH D 4 .   ? -12.534 22.770  -0.244  1.00 33.29 ? 1222 HOH A O   1 
HETATM 1586 O O   . HOH D 4 .   ? -19.718 -17.739 3.351   1.00 34.94 ? 1223 HOH A O   1 
HETATM 1587 O O   . HOH D 4 .   ? -3.740  -19.418 6.913   1.00 46.65 ? 1224 HOH A O   1 
HETATM 1588 O O   . HOH D 4 .   ? -10.738 7.133   -4.846  1.00 44.37 ? 1225 HOH A O   1 
HETATM 1589 O O   . HOH D 4 .   ? -3.164  16.457  -4.192  1.00 34.09 ? 1226 HOH A O   1 
HETATM 1590 O O   . HOH D 4 .   ? -6.722  9.963   0.028   1.00 25.40 ? 1227 HOH A O   1 
HETATM 1591 O O   . HOH D 4 .   ? -17.242 -3.845  3.135   1.00 43.60 ? 1228 HOH A O   1 
HETATM 1592 O O   . HOH D 4 .   ? 1.784   -3.819  -0.993  1.00 35.58 ? 1229 HOH A O   1 
HETATM 1593 O O   . HOH D 4 .   ? -9.604  9.919   6.160   1.00 37.51 ? 1230 HOH A O   1 
HETATM 1594 O O   . HOH D 4 .   ? -21.446 -15.243 8.354   1.00 33.83 ? 1231 HOH A O   1 
HETATM 1595 O O   . HOH D 4 .   ? -9.399  -11.661 6.833   1.00 27.13 ? 1232 HOH A O   1 
HETATM 1596 O O   . HOH D 4 .   ? -2.177  13.446  -6.381  1.00 33.70 ? 1233 HOH A O   1 
HETATM 1597 O O   . HOH D 4 .   ? 2.711   -0.737  -18.497 1.00 54.08 ? 1234 HOH A O   1 
HETATM 1598 O O   . HOH D 4 .   ? -21.377 -14.263 4.190   1.00 46.27 ? 1235 HOH A O   1 
HETATM 1599 O O   . HOH D 4 .   ? 4.419   -4.324  9.186   1.00 37.21 ? 1236 HOH A O   1 
HETATM 1600 O O   . HOH D 4 .   ? -12.482 6.716   1.139   1.00 30.43 ? 1237 HOH A O   1 
HETATM 1601 O O   . HOH D 4 .   ? -23.256 -16.733 0.872   1.00 33.37 ? 1238 HOH A O   1 
HETATM 1602 O O   . HOH D 4 .   ? -17.218 -10.159 -6.411  1.00 30.42 ? 1239 HOH A O   1 
HETATM 1603 O O   . HOH D 4 .   ? -9.992  -12.641 11.254  1.00 29.10 ? 1240 HOH A O   1 
HETATM 1604 O O   . HOH D 4 .   ? 0.277   -3.224  -7.761  1.00 36.59 ? 1241 HOH A O   1 
HETATM 1605 O O   . HOH D 4 .   ? -0.869  -5.319  13.122  1.00 46.50 ? 1242 HOH A O   1 
HETATM 1606 O O   . HOH D 4 .   ? -1.040  -7.642  12.050  1.00 47.04 ? 1243 HOH A O   1 
HETATM 1607 O O   . HOH D 4 .   ? -16.187 -3.056  8.486   1.00 28.68 ? 1244 HOH A O   1 
HETATM 1608 O O   . HOH D 4 .   ? -20.551 -12.940 6.557   1.00 42.05 ? 1245 HOH A O   1 
HETATM 1609 O O   . HOH D 4 .   ? -5.850  -9.294  -3.635  1.00 41.34 ? 1246 HOH A O   1 
HETATM 1610 O O   . HOH D 4 .   ? -1.650  -6.317  -8.645  1.00 36.41 ? 1247 HOH A O   1 
HETATM 1611 O O   . HOH D 4 .   ? -2.203  -11.551 0.543   1.00 42.19 ? 1248 HOH A O   1 
HETATM 1612 O O   . HOH D 4 .   ? -12.555 17.539  -1.519  1.00 40.83 ? 1249 HOH A O   1 
HETATM 1613 O O   . HOH D 4 .   ? 0.972   11.635  10.096  1.00 42.07 ? 1250 HOH A O   1 
HETATM 1614 O O   . HOH D 4 .   ? 6.279   2.727   -18.581 1.00 63.35 ? 1251 HOH A O   1 
HETATM 1615 O O   . HOH D 4 .   ? 0.499   -6.831  -7.162  1.00 43.13 ? 1252 HOH A O   1 
HETATM 1616 O O   . HOH D 4 .   ? 1.948   18.578  -0.020  1.00 40.27 ? 1253 HOH A O   1 
HETATM 1617 O O   . HOH D 4 .   ? -17.178 -18.949 3.980   1.00 34.91 ? 1254 HOH A O   1 
HETATM 1618 O O   . HOH D 4 .   ? -3.906  -16.356 10.088  1.00 30.74 ? 1255 HOH A O   1 
HETATM 1619 O O   . HOH D 4 .   ? 22.896  0.374   -0.552  1.00 59.15 ? 1256 HOH A O   1 
HETATM 1620 O O   . HOH D 4 .   ? -11.112 -12.773 8.655   1.00 33.56 ? 1257 HOH A O   1 
HETATM 1621 O O   . HOH D 4 .   ? 9.584   -1.859  12.675  1.00 50.40 ? 1258 HOH A O   1 
HETATM 1622 O O   . HOH D 4 .   ? -3.623  -22.279 -0.910  1.00 57.59 ? 1259 HOH A O   1 
HETATM 1623 O O   . HOH D 4 .   ? -12.528 -8.105  -10.680 1.00 40.55 ? 1260 HOH A O   1 
HETATM 1624 O O   . HOH D 4 .   ? 4.288   -10.854 11.221  1.00 53.09 ? 1261 HOH A O   1 
HETATM 1625 O O   . HOH D 4 .   ? -0.522  -5.467  -15.008 1.00 49.35 ? 1262 HOH A O   1 
HETATM 1626 O O   . HOH D 4 .   ? 6.747   17.417  -7.663  1.00 56.35 ? 1263 HOH A O   1 
HETATM 1627 O O   . HOH D 4 .   ? -0.780  -8.796  -5.282  1.00 55.44 ? 1264 HOH A O   1 
HETATM 1628 O O   . HOH D 4 .   ? -19.540 -11.203 -5.778  1.00 42.72 ? 1265 HOH A O   1 
HETATM 1629 O O   . HOH D 4 .   ? 5.817   3.215   8.527   1.00 33.65 ? 1266 HOH A O   1 
HETATM 1630 O O   . HOH D 4 .   ? -8.647  -7.950  -2.915  1.00 37.48 ? 1267 HOH A O   1 
HETATM 1631 O O   . HOH D 4 .   ? -1.416  -15.245 9.418   1.00 43.75 ? 1268 HOH A O   1 
HETATM 1632 O O   . HOH D 4 .   ? -6.689  2.480   -2.785  1.00 39.03 ? 1269 HOH A O   1 
HETATM 1633 O O   . HOH D 4 .   ? 6.002   14.887  -9.659  1.00 41.97 ? 1270 HOH A O   1 
HETATM 1634 O O   . HOH D 4 .   ? 4.284   13.042  13.171  1.00 51.13 ? 1271 HOH A O   1 
HETATM 1635 O O   . HOH D 4 .   ? 23.091  -4.310  -6.116  1.00 56.94 ? 1272 HOH A O   1 
HETATM 1636 O O   . HOH D 4 .   ? 4.080   0.152   12.843  1.00 37.71 ? 1273 HOH A O   1 
HETATM 1637 O O   . HOH D 4 .   ? -0.891  18.885  3.019   1.00 39.10 ? 1274 HOH A O   1 
HETATM 1638 O O   . HOH D 4 .   ? -7.412  3.477   14.150  1.00 39.00 ? 1275 HOH A O   1 
HETATM 1639 O O   . HOH D 4 .   ? -3.357  19.215  5.665   1.00 45.75 ? 1276 HOH A O   1 
HETATM 1640 O O   . HOH D 4 .   ? 13.712  11.251  4.378   1.00 52.11 ? 1277 HOH A O   1 
HETATM 1641 O O   . HOH D 4 .   ? 13.418  -7.154  -2.989  1.00 53.09 ? 1278 HOH A O   1 
HETATM 1642 O O   . HOH D 4 .   ? 6.781   -0.013  -18.319 1.00 46.84 ? 1279 HOH A O   1 
HETATM 1643 O O   . HOH D 4 .   ? -3.547  -6.005  -15.140 1.00 44.85 ? 1280 HOH A O   1 
HETATM 1644 O O   . HOH D 4 .   ? 4.495   14.362  -16.136 1.00 56.28 ? 1281 HOH A O   1 
HETATM 1645 O O   . HOH D 4 .   ? 4.726   19.344  -6.700  1.00 48.80 ? 1282 HOH A O   1 
HETATM 1646 O O   . HOH D 4 .   ? -4.971  -15.006 -2.503  1.00 33.77 ? 1283 HOH A O   1 
HETATM 1647 O O   . HOH D 4 .   ? 1.404   -11.453 -6.443  1.00 54.22 ? 1284 HOH A O   1 
HETATM 1648 O O   . HOH D 4 .   ? -26.107 -19.031 2.390   1.00 54.34 ? 1285 HOH A O   1 
HETATM 1649 O O   . HOH D 4 .   ? -14.585 22.389  1.491   1.00 59.34 ? 1286 HOH A O   1 
HETATM 1650 O O   . HOH D 4 .   ? 2.277   13.446  11.519  1.00 51.19 ? 1287 HOH A O   1 
HETATM 1651 O O   . HOH D 4 .   ? -3.123  -9.353  -6.727  1.00 51.99 ? 1288 HOH A O   1 
HETATM 1652 O O   . HOH D 4 .   ? -18.308 -21.216 5.393   1.00 29.88 ? 1289 HOH A O   1 
HETATM 1653 O O   . HOH D 4 .   ? 12.750  9.568   5.531   1.00 51.79 ? 1290 HOH A O   1 
HETATM 1654 O O   . HOH D 4 .   ? -22.263 -16.168 6.095   1.00 43.70 ? 1291 HOH A O   1 
# 
loop_
_pdbx_poly_seq_scheme.asym_id 
_pdbx_poly_seq_scheme.entity_id 
_pdbx_poly_seq_scheme.seq_id 
_pdbx_poly_seq_scheme.mon_id 
_pdbx_poly_seq_scheme.ndb_seq_num 
_pdbx_poly_seq_scheme.pdb_seq_num 
_pdbx_poly_seq_scheme.auth_seq_num 
_pdbx_poly_seq_scheme.pdb_mon_id 
_pdbx_poly_seq_scheme.auth_mon_id 
_pdbx_poly_seq_scheme.pdb_strand_id 
_pdbx_poly_seq_scheme.pdb_ins_code 
_pdbx_poly_seq_scheme.hetero 
A 1 1   MET 1   807  ?    ?   ?   A . n 
A 1 2   ALA 2   808  808  ALA ALA A . n 
A 1 3   ARG 3   809  809  ARG ARG A . n 
A 1 4   VAL 4   810  810  VAL VAL A . n 
A 1 5   ALA 5   811  811  ALA ALA A . n 
A 1 6   VAL 6   812  812  VAL VAL A . n 
A 1 7   LEU 7   813  813  LEU LEU A . n 
A 1 8   ILE 8   814  814  ILE ILE A . n 
A 1 9   SER 9   815  815  SER SER A . n 
A 1 10  GLY 10  816  816  GLY GLY A . n 
A 1 11  THR 11  817  817  THR THR A . n 
A 1 12  GLY 12  818  818  GLY GLY A . n 
A 1 13  SER 13  819  819  SER SER A . n 
A 1 14  ASN 14  820  820  ASN ASN A . n 
A 1 15  LEU 15  821  821  LEU LEU A . n 
A 1 16  GLN 16  822  822  GLN GLN A . n 
A 1 17  ALA 17  823  823  ALA ALA A . n 
A 1 18  LEU 18  824  824  LEU LEU A . n 
A 1 19  ILE 19  825  825  ILE ILE A . n 
A 1 20  ASP 20  826  826  ASP ASP A . n 
A 1 21  SER 21  827  827  SER SER A . n 
A 1 22  THR 22  828  828  THR THR A . n 
A 1 23  ARG 23  829  829  ARG ARG A . n 
A 1 24  GLU 24  830  830  GLU GLU A . n 
A 1 25  PRO 25  831  831  PRO PRO A . n 
A 1 26  ASN 26  832  832  ASN ASN A . n 
A 1 27  SER 27  833  833  SER SER A . n 
A 1 28  SER 28  834  834  SER SER A . n 
A 1 29  ALA 29  835  835  ALA ALA A . n 
A 1 30  GLN 30  836  836  GLN GLN A . n 
A 1 31  ILE 31  837  837  ILE ILE A . n 
A 1 32  ASP 32  838  838  ASP ASP A . n 
A 1 33  ILE 33  839  839  ILE ILE A . n 
A 1 34  VAL 34  840  840  VAL VAL A . n 
A 1 35  ILE 35  841  841  ILE ILE A . n 
A 1 36  SER 36  842  842  SER SER A . n 
A 1 37  ASN 37  843  843  ASN ASN A . n 
A 1 38  LYS 38  844  844  LYS LYS A . n 
A 1 39  ALA 39  845  845  ALA ALA A . n 
A 1 40  ALA 40  846  846  ALA ALA A . n 
A 1 41  VAL 41  847  847  VAL VAL A . n 
A 1 42  ALA 42  848  848  ALA ALA A . n 
A 1 43  GLY 43  849  849  GLY GLY A . n 
A 1 44  LEU 44  850  850  LEU LEU A . n 
A 1 45  ASP 45  851  851  ASP ASP A . n 
A 1 46  LYS 46  852  852  LYS LYS A . n 
A 1 47  ALA 47  853  853  ALA ALA A . n 
A 1 48  GLU 48  854  854  GLU GLU A . n 
A 1 49  ARG 49  855  855  ARG ARG A . n 
A 1 50  ALA 50  856  856  ALA ALA A . n 
A 1 51  GLY 51  857  857  GLY GLY A . n 
A 1 52  ILE 52  858  858  ILE ILE A . n 
A 1 53  PRO 53  859  859  PRO PRO A . n 
A 1 54  THR 54  860  860  THR THR A . n 
A 1 55  ARG 55  861  861  ARG ARG A . n 
A 1 56  VAL 56  862  862  VAL VAL A . n 
A 1 57  ILE 57  863  863  ILE ILE A . n 
A 1 58  ASN 58  864  864  ASN ASN A . n 
A 1 59  HIS 59  865  865  HIS HIS A . n 
A 1 60  LYS 60  866  866  LYS LYS A . n 
A 1 61  LEU 61  867  867  LEU LEU A . n 
A 1 62  TYR 62  868  868  TYR TYR A . n 
A 1 63  LYS 63  869  869  LYS LYS A . n 
A 1 64  ASN 64  870  870  ASN ASN A . n 
A 1 65  ARG 65  871  871  ARG ARG A . n 
A 1 66  VAL 66  872  872  VAL VAL A . n 
A 1 67  GLU 67  873  873  GLU GLU A . n 
A 1 68  PHE 68  874  874  PHE PHE A . n 
A 1 69  ASP 69  875  875  ASP ASP A . n 
A 1 70  SER 70  876  876  SER SER A . n 
A 1 71  ALA 71  877  877  ALA ALA A . n 
A 1 72  ILE 72  878  878  ILE ILE A . n 
A 1 73  ASP 73  879  879  ASP ASP A . n 
A 1 74  LEU 74  880  880  LEU LEU A . n 
A 1 75  VAL 75  881  881  VAL VAL A . n 
A 1 76  LEU 76  882  882  LEU LEU A . n 
A 1 77  GLU 77  883  883  GLU GLU A . n 
A 1 78  GLU 78  884  884  GLU GLU A . n 
A 1 79  PHE 79  885  885  PHE PHE A . n 
A 1 80  SER 80  886  886  SER SER A . n 
A 1 81  ILE 81  887  887  ILE ILE A . n 
A 1 82  ASP 82  888  888  ASP ASP A . n 
A 1 83  ILE 83  889  889  ILE ILE A . n 
A 1 84  VAL 84  890  890  VAL VAL A . n 
A 1 85  CYS 85  891  891  CYS CYS A . n 
A 1 86  LEU 86  892  892  LEU LEU A . n 
A 1 87  ALA 87  893  893  ALA ALA A . n 
A 1 88  GLY 88  894  894  GLY GLY A . n 
A 1 89  PHE 89  895  895  PHE PHE A . n 
A 1 90  MET 90  896  896  MET MET A . n 
A 1 91  ARG 91  897  897  ARG ARG A . n 
A 1 92  ILE 92  898  898  ILE ILE A . n 
A 1 93  LEU 93  899  899  LEU LEU A . n 
A 1 94  SER 94  900  900  SER SER A . n 
A 1 95  GLY 95  901  901  GLY GLY A . n 
A 1 96  PRO 96  902  902  PRO PRO A . n 
A 1 97  PHE 97  903  903  PHE PHE A . n 
A 1 98  VAL 98  904  904  VAL VAL A . n 
A 1 99  GLN 99  905  905  GLN ALA A . n 
A 1 100 LYS 100 906  906  LYS LYS A . n 
A 1 101 TRP 101 907  907  TRP TRP A . n 
A 1 102 ASN 102 908  908  ASN ASN A . n 
A 1 103 GLY 103 909  909  GLY GLY A . n 
A 1 104 LYS 104 910  910  LYS LYS A . n 
A 1 105 MET 105 911  911  MET MET A . n 
A 1 106 LEU 106 912  912  LEU LEU A . n 
A 1 107 ASN 107 913  913  ASN ASN A . n 
A 1 108 ILE 108 914  914  ILE ILE A . n 
A 1 109 HIS 109 915  915  HIS HIS A . n 
A 1 110 PRO 110 916  916  PRO PRO A . n 
A 1 111 SER 111 917  917  SER SER A . n 
A 1 112 LEU 112 918  918  LEU LEU A . n 
A 1 113 LEU 113 919  919  LEU LEU A . n 
A 1 114 PRO 114 920  920  PRO PRO A . n 
A 1 115 SER 115 921  921  SER SER A . n 
A 1 116 PHE 116 922  922  PHE PHE A . n 
A 1 117 LYS 117 923  923  LYS LYS A . n 
A 1 118 GLY 118 924  924  GLY GLY A . n 
A 1 119 SER 119 925  925  SER SER A . n 
A 1 120 ASN 120 926  926  ASN ASN A . n 
A 1 121 ALA 121 927  927  ALA ALA A . n 
A 1 122 HIS 122 928  928  HIS HIS A . n 
A 1 123 GLU 123 929  929  GLU GLU A . n 
A 1 124 GLN 124 930  930  GLN GLN A . n 
A 1 125 ALA 125 931  931  ALA ALA A . n 
A 1 126 LEU 126 932  932  LEU LEU A . n 
A 1 127 GLU 127 933  933  GLU GLU A . n 
A 1 128 THR 128 934  934  THR THR A . n 
A 1 129 GLY 129 935  935  GLY GLY A . n 
A 1 130 VAL 130 936  936  VAL VAL A . n 
A 1 131 THR 131 937  937  THR THR A . n 
A 1 132 VAL 132 938  938  VAL VAL A . n 
A 1 133 THR 133 939  939  THR THR A . n 
A 1 134 GLY 134 940  940  GLY GLY A . n 
A 1 135 CYS 135 941  941  CYS CYS A . n 
A 1 136 THR 136 942  942  THR THR A . n 
A 1 137 VAL 137 943  943  VAL VAL A . n 
A 1 138 HIS 138 944  944  HIS HIS A . n 
A 1 139 PHE 139 945  945  PHE PHE A . n 
A 1 140 VAL 140 946  946  VAL VAL A . n 
A 1 141 ALA 141 947  947  ALA ALA A . n 
A 1 142 GLU 142 948  948  GLU GLU A . n 
A 1 143 ASP 143 949  949  ASP ASP A . n 
A 1 144 VAL 144 950  950  VAL VAL A . n 
A 1 145 ASP 145 951  951  ASP ASP A . n 
A 1 146 ALA 146 952  952  ALA ALA A . n 
A 1 147 GLY 147 953  953  GLY GLY A . n 
A 1 148 GLN 148 954  954  GLN GLN A . n 
A 1 149 ILE 149 955  955  ILE ILE A . n 
A 1 150 ILE 150 956  956  ILE ILE A . n 
A 1 151 LEU 151 957  957  LEU LEU A . n 
A 1 152 GLN 152 958  958  GLN GLN A . n 
A 1 153 GLU 153 959  959  GLU GLU A . n 
A 1 154 ALA 154 960  960  ALA ALA A . n 
A 1 155 VAL 155 961  961  VAL VAL A . n 
A 1 156 PRO 156 962  962  PRO PRO A . n 
A 1 157 VAL 157 963  963  VAL VAL A . n 
A 1 158 LYS 158 964  964  LYS LYS A . n 
A 1 159 ARG 159 965  965  ARG ARG A . n 
A 1 160 GLY 160 966  966  GLY GLY A . n 
A 1 161 ASP 161 967  967  ASP ASP A . n 
A 1 162 THR 162 968  968  THR THR A . n 
A 1 163 VAL 163 969  969  VAL VAL A . n 
A 1 164 ALA 164 970  970  ALA ALA A . n 
A 1 165 THR 165 971  971  THR THR A . n 
A 1 166 LEU 166 972  972  LEU LEU A . n 
A 1 167 SER 167 973  973  SER SER A . n 
A 1 168 GLU 168 974  974  GLU GLU A . n 
A 1 169 ARG 169 975  975  ARG ARG A . n 
A 1 170 VAL 170 976  976  VAL VAL A . n 
A 1 171 LYS 171 977  977  LYS LYS A . n 
A 1 172 LEU 172 978  978  LEU LEU A . n 
A 1 173 ALA 173 979  979  ALA ALA A . n 
A 1 174 GLU 174 980  980  GLU GLU A . n 
A 1 175 HIS 175 981  981  HIS HIS A . n 
A 1 176 LYS 176 982  982  LYS LYS A . n 
A 1 177 ILE 177 983  983  ILE ILE A . n 
A 1 178 PHE 178 984  984  PHE PHE A . n 
A 1 179 PRO 179 985  985  PRO PRO A . n 
A 1 180 ALA 180 986  986  ALA ALA A . n 
A 1 181 ALA 181 987  987  ALA ALA A . n 
A 1 182 LEU 182 988  988  LEU LEU A . n 
A 1 183 GLN 183 989  989  GLN GLN A . n 
A 1 184 LEU 184 990  990  LEU LEU A . n 
A 1 185 VAL 185 991  991  VAL VAL A . n 
A 1 186 ALA 186 992  992  ALA ALA A . n 
A 1 187 SER 187 993  993  SER SER A . n 
A 1 188 GLY 188 994  994  GLY GLY A . n 
A 1 189 THR 189 995  995  THR THR A . n 
A 1 190 VAL 190 996  996  VAL VAL A . n 
A 1 191 GLN 191 997  997  GLN GLN A . n 
A 1 192 LEU 192 998  998  LEU LEU A . n 
A 1 193 GLY 193 999  999  GLY GLY A . n 
A 1 194 GLU 194 1000 1000 GLU ALA A . n 
A 1 195 ASN 195 1001 1001 ASN ASN A . n 
A 1 196 GLY 196 1002 1002 GLY GLY A . n 
A 1 197 LYS 197 1003 1003 LYS ALA A . n 
A 1 198 ILE 198 1004 1004 ILE ILE A . n 
A 1 199 CYS 199 1005 1005 CYS CYS A . n 
A 1 200 TRP 200 1006 1006 TRP TRP A . n 
A 1 201 VAL 201 1007 1007 VAL VAL A . n 
A 1 202 LYS 202 1008 ?    ?   ?   A . n 
A 1 203 GLU 203 1009 ?    ?   ?   A . n 
A 1 204 GLU 204 1010 ?    ?   ?   A . n 
A 1 205 HIS 205 1011 ?    ?   ?   A . n 
A 1 206 HIS 206 1012 ?    ?   ?   A . n 
A 1 207 HIS 207 1013 ?    ?   ?   A . n 
A 1 208 HIS 208 1014 ?    ?   ?   A . n 
A 1 209 HIS 209 1015 ?    ?   ?   A . n 
A 1 210 HIS 210 1016 ?    ?   ?   A . n 
# 
_pdbx_contact_author.id                 1 
_pdbx_contact_author.email              cedann@indiana.edu 
_pdbx_contact_author.name_first         Charles 
_pdbx_contact_author.name_last          'Dann III' 
_pdbx_contact_author.name_mi            E. 
_pdbx_contact_author.role               'principal investigator/group leader' 
_pdbx_contact_author.identifier_ORCID   0000-0002-0117-9474 
# 
loop_
_pdbx_nonpoly_scheme.asym_id 
_pdbx_nonpoly_scheme.entity_id 
_pdbx_nonpoly_scheme.mon_id 
_pdbx_nonpoly_scheme.ndb_seq_num 
_pdbx_nonpoly_scheme.pdb_seq_num 
_pdbx_nonpoly_scheme.auth_seq_num 
_pdbx_nonpoly_scheme.pdb_mon_id 
_pdbx_nonpoly_scheme.auth_mon_id 
_pdbx_nonpoly_scheme.pdb_strand_id 
_pdbx_nonpoly_scheme.pdb_ins_code 
B 2 GAR 1  1101 1101 GAR GAR A . 
C 3 XRR 1  1102 1102 XRR G71 A . 
D 4 HOH 1  1201 32   HOH HOH A . 
D 4 HOH 2  1202 55   HOH HOH A . 
D 4 HOH 3  1203 65   HOH HOH A . 
D 4 HOH 4  1204 57   HOH HOH A . 
D 4 HOH 5  1205 71   HOH HOH A . 
D 4 HOH 6  1206 1    HOH HOH A . 
D 4 HOH 7  1207 82   HOH HOH A . 
D 4 HOH 8  1208 44   HOH HOH A . 
D 4 HOH 9  1209 41   HOH HOH A . 
D 4 HOH 10 1210 61   HOH HOH A . 
D 4 HOH 11 1211 68   HOH HOH A . 
D 4 HOH 12 1212 40   HOH HOH A . 
D 4 HOH 13 1213 64   HOH HOH A . 
D 4 HOH 14 1214 8    HOH HOH A . 
D 4 HOH 15 1215 21   HOH HOH A . 
D 4 HOH 16 1216 12   HOH HOH A . 
D 4 HOH 17 1217 52   HOH HOH A . 
D 4 HOH 18 1218 37   HOH HOH A . 
D 4 HOH 19 1219 28   HOH HOH A . 
D 4 HOH 20 1220 91   HOH HOH A . 
D 4 HOH 21 1221 17   HOH HOH A . 
D 4 HOH 22 1222 15   HOH HOH A . 
D 4 HOH 23 1223 25   HOH HOH A . 
D 4 HOH 24 1224 74   HOH HOH A . 
D 4 HOH 25 1225 47   HOH HOH A . 
D 4 HOH 26 1226 39   HOH HOH A . 
D 4 HOH 27 1227 10   HOH HOH A . 
D 4 HOH 28 1228 75   HOH HOH A . 
D 4 HOH 29 1229 7    HOH HOH A . 
D 4 HOH 30 1230 54   HOH HOH A . 
D 4 HOH 31 1231 38   HOH HOH A . 
D 4 HOH 32 1232 3    HOH HOH A . 
D 4 HOH 33 1233 31   HOH HOH A . 
D 4 HOH 34 1234 78   HOH HOH A . 
D 4 HOH 35 1235 76   HOH HOH A . 
D 4 HOH 36 1236 33   HOH HOH A . 
D 4 HOH 37 1237 11   HOH HOH A . 
D 4 HOH 38 1238 30   HOH HOH A . 
D 4 HOH 39 1239 14   HOH HOH A . 
D 4 HOH 40 1240 5    HOH HOH A . 
D 4 HOH 41 1241 23   HOH HOH A . 
D 4 HOH 42 1242 6    HOH HOH A . 
D 4 HOH 43 1243 46   HOH HOH A . 
D 4 HOH 44 1244 4    HOH HOH A . 
D 4 HOH 45 1245 80   HOH HOH A . 
D 4 HOH 46 1246 43   HOH HOH A . 
D 4 HOH 47 1247 35   HOH HOH A . 
D 4 HOH 48 1248 29   HOH HOH A . 
D 4 HOH 49 1249 24   HOH HOH A . 
D 4 HOH 50 1250 66   HOH HOH A . 
D 4 HOH 51 1251 73   HOH HOH A . 
D 4 HOH 52 1252 19   HOH HOH A . 
D 4 HOH 53 1253 18   HOH HOH A . 
D 4 HOH 54 1254 56   HOH HOH A . 
D 4 HOH 55 1255 27   HOH HOH A . 
D 4 HOH 56 1256 83   HOH HOH A . 
D 4 HOH 57 1257 20   HOH HOH A . 
D 4 HOH 58 1258 53   HOH HOH A . 
D 4 HOH 59 1259 84   HOH HOH A . 
D 4 HOH 60 1260 22   HOH HOH A . 
D 4 HOH 61 1261 77   HOH HOH A . 
D 4 HOH 62 1262 50   HOH HOH A . 
D 4 HOH 63 1263 59   HOH HOH A . 
D 4 HOH 64 1264 79   HOH HOH A . 
D 4 HOH 65 1265 67   HOH HOH A . 
D 4 HOH 66 1266 16   HOH HOH A . 
D 4 HOH 67 1267 13   HOH HOH A . 
D 4 HOH 68 1268 51   HOH HOH A . 
D 4 HOH 69 1269 81   HOH HOH A . 
D 4 HOH 70 1270 26   HOH HOH A . 
D 4 HOH 71 1271 60   HOH HOH A . 
D 4 HOH 72 1272 86   HOH HOH A . 
D 4 HOH 73 1273 9    HOH HOH A . 
D 4 HOH 74 1274 42   HOH HOH A . 
D 4 HOH 75 1275 34   HOH HOH A . 
D 4 HOH 76 1276 49   HOH HOH A . 
D 4 HOH 77 1277 70   HOH HOH A . 
D 4 HOH 78 1278 58   HOH HOH A . 
D 4 HOH 79 1279 69   HOH HOH A . 
D 4 HOH 80 1280 62   HOH HOH A . 
D 4 HOH 81 1281 63   HOH HOH A . 
D 4 HOH 82 1282 36   HOH HOH A . 
D 4 HOH 83 1283 2    HOH HOH A . 
D 4 HOH 84 1284 89   HOH HOH A . 
D 4 HOH 85 1285 48   HOH HOH A . 
D 4 HOH 86 1286 85   HOH HOH A . 
D 4 HOH 87 1287 72   HOH HOH A . 
D 4 HOH 88 1288 88   HOH HOH A . 
D 4 HOH 89 1289 45   HOH HOH A . 
D 4 HOH 90 1290 90   HOH HOH A . 
D 4 HOH 91 1291 87   HOH HOH A . 
# 
_pdbx_struct_assembly.id                   1 
_pdbx_struct_assembly.details              author_and_software_defined_assembly 
_pdbx_struct_assembly.method_details       PISA 
_pdbx_struct_assembly.oligomeric_details   monomeric 
_pdbx_struct_assembly.oligomeric_count     1 
# 
_pdbx_struct_assembly_gen.assembly_id       1 
_pdbx_struct_assembly_gen.oper_expression   1 
_pdbx_struct_assembly_gen.asym_id_list      A,B,C,D 
# 
loop_
_pdbx_struct_assembly_prop.biol_id 
_pdbx_struct_assembly_prop.type 
_pdbx_struct_assembly_prop.value 
_pdbx_struct_assembly_prop.details 
1 'ABSA (A^2)' 600  ? 
1 MORE         -5   ? 
1 'SSA (A^2)'  9110 ? 
# 
_pdbx_struct_oper_list.id                   1 
_pdbx_struct_oper_list.type                 'identity operation' 
_pdbx_struct_oper_list.name                 1_555 
_pdbx_struct_oper_list.symmetry_operation   x,y,z 
_pdbx_struct_oper_list.matrix[1][1]         1.0000000000 
_pdbx_struct_oper_list.matrix[1][2]         0.0000000000 
_pdbx_struct_oper_list.matrix[1][3]         0.0000000000 
_pdbx_struct_oper_list.vector[1]            0.0000000000 
_pdbx_struct_oper_list.matrix[2][1]         0.0000000000 
_pdbx_struct_oper_list.matrix[2][2]         1.0000000000 
_pdbx_struct_oper_list.matrix[2][3]         0.0000000000 
_pdbx_struct_oper_list.vector[2]            0.0000000000 
_pdbx_struct_oper_list.matrix[3][1]         0.0000000000 
_pdbx_struct_oper_list.matrix[3][2]         0.0000000000 
_pdbx_struct_oper_list.matrix[3][3]         1.0000000000 
_pdbx_struct_oper_list.vector[3]            0.0000000000 
# 
loop_
_pdbx_audit_revision_history.ordinal 
_pdbx_audit_revision_history.data_content_type 
_pdbx_audit_revision_history.major_revision 
_pdbx_audit_revision_history.minor_revision 
_pdbx_audit_revision_history.revision_date 
1 'Structure model' 1 0 2023-05-10 
2 'Structure model' 1 1 2023-05-31 
3 'Structure model' 1 2 2023-10-25 
# 
_pdbx_audit_revision_details.ordinal             1 
_pdbx_audit_revision_details.revision_ordinal    1 
_pdbx_audit_revision_details.data_content_type   'Structure model' 
_pdbx_audit_revision_details.provider            repository 
_pdbx_audit_revision_details.type                'Initial release' 
_pdbx_audit_revision_details.description         ? 
_pdbx_audit_revision_details.details             ? 
# 
loop_
_pdbx_audit_revision_group.ordinal 
_pdbx_audit_revision_group.revision_ordinal 
_pdbx_audit_revision_group.data_content_type 
_pdbx_audit_revision_group.group 
1 2 'Structure model' 'Database references'    
2 3 'Structure model' 'Data collection'        
3 3 'Structure model' 'Refinement description' 
# 
loop_
_pdbx_audit_revision_category.ordinal 
_pdbx_audit_revision_category.revision_ordinal 
_pdbx_audit_revision_category.data_content_type 
_pdbx_audit_revision_category.category 
1 2 'Structure model' citation                      
2 2 'Structure model' citation_author               
3 3 'Structure model' chem_comp_atom                
4 3 'Structure model' chem_comp_bond                
5 3 'Structure model' pdbx_initial_refinement_model 
# 
loop_
_pdbx_audit_revision_item.ordinal 
_pdbx_audit_revision_item.revision_ordinal 
_pdbx_audit_revision_item.data_content_type 
_pdbx_audit_revision_item.item 
1 2 'Structure model' '_citation.journal_volume'               
2 2 'Structure model' '_citation.page_first'                   
3 2 'Structure model' '_citation.page_last'                    
4 2 'Structure model' '_citation.pdbx_database_id_PubMed'      
5 2 'Structure model' '_citation.title'                        
6 2 'Structure model' '_citation_author.name'                  
7 3 'Structure model' '_pdbx_initial_refinement_model.details' 
# 
loop_
_software.citation_id 
_software.classification 
_software.compiler_name 
_software.compiler_version 
_software.contact_author 
_software.contact_author_email 
_software.date 
_software.description 
_software.dependencies 
_software.hardware 
_software.language 
_software.location 
_software.mods 
_software.name 
_software.os 
_software.os_version 
_software.type 
_software.version 
_software.pdbx_ordinal 
? refinement       ? ? ? ? ? ? ? ? ? ? ? PHENIX ? ? ? 1.13-2998 1 
? 'data reduction' ? ? ? ? ? ? ? ? ? ? ? XDS    ? ? ? .         2 
? 'data scaling'   ? ? ? ? ? ? ? ? ? ? ? XSCALE ? ? ? .         3 
? phasing          ? ? ? ? ? ? ? ? ? ? ? PHASER ? ? ? .         4 
# 
_pdbx_entry_details.entry_id                 8FDX 
_pdbx_entry_details.has_ligand_of_interest   Y 
_pdbx_entry_details.compound_details         ? 
_pdbx_entry_details.source_details           ? 
_pdbx_entry_details.nonpolymer_details       ? 
_pdbx_entry_details.sequence_details         ? 
# 
loop_
_pdbx_validate_torsion.id 
_pdbx_validate_torsion.PDB_model_num 
_pdbx_validate_torsion.auth_comp_id 
_pdbx_validate_torsion.auth_asym_id 
_pdbx_validate_torsion.auth_seq_id 
_pdbx_validate_torsion.PDB_ins_code 
_pdbx_validate_torsion.label_alt_id 
_pdbx_validate_torsion.phi 
_pdbx_validate_torsion.psi 
1 1 ALA A 846 ? ? 55.28   18.00   
2 1 ASN A 870 ? ? -141.64 -158.97 
3 1 PRO A 916 ? ? -82.51  45.07   
4 1 THR A 939 ? ? -124.36 -151.68 
# 
loop_
_pdbx_unobs_or_zero_occ_atoms.id 
_pdbx_unobs_or_zero_occ_atoms.PDB_model_num 
_pdbx_unobs_or_zero_occ_atoms.polymer_flag 
_pdbx_unobs_or_zero_occ_atoms.occupancy_flag 
_pdbx_unobs_or_zero_occ_atoms.auth_asym_id 
_pdbx_unobs_or_zero_occ_atoms.auth_comp_id 
_pdbx_unobs_or_zero_occ_atoms.auth_seq_id 
_pdbx_unobs_or_zero_occ_atoms.PDB_ins_code 
_pdbx_unobs_or_zero_occ_atoms.auth_atom_id 
_pdbx_unobs_or_zero_occ_atoms.label_alt_id 
_pdbx_unobs_or_zero_occ_atoms.label_asym_id 
_pdbx_unobs_or_zero_occ_atoms.label_comp_id 
_pdbx_unobs_or_zero_occ_atoms.label_seq_id 
_pdbx_unobs_or_zero_occ_atoms.label_atom_id 
1  1 Y 1 A GLN 905  ? CG  ? A GLN 99  CG  
2  1 Y 1 A GLN 905  ? CD  ? A GLN 99  CD  
3  1 Y 1 A GLN 905  ? OE1 ? A GLN 99  OE1 
4  1 Y 1 A GLN 905  ? NE2 ? A GLN 99  NE2 
5  1 Y 1 A GLU 1000 ? CG  ? A GLU 194 CG  
6  1 Y 1 A GLU 1000 ? CD  ? A GLU 194 CD  
7  1 Y 1 A GLU 1000 ? OE1 ? A GLU 194 OE1 
8  1 Y 1 A GLU 1000 ? OE2 ? A GLU 194 OE2 
9  1 Y 1 A LYS 1003 ? CG  ? A LYS 197 CG  
10 1 Y 1 A LYS 1003 ? CD  ? A LYS 197 CD  
11 1 Y 1 A LYS 1003 ? CE  ? A LYS 197 CE  
12 1 Y 1 A LYS 1003 ? NZ  ? A LYS 197 NZ  
# 
loop_
_pdbx_unobs_or_zero_occ_residues.id 
_pdbx_unobs_or_zero_occ_residues.PDB_model_num 
_pdbx_unobs_or_zero_occ_residues.polymer_flag 
_pdbx_unobs_or_zero_occ_residues.occupancy_flag 
_pdbx_unobs_or_zero_occ_residues.auth_asym_id 
_pdbx_unobs_or_zero_occ_residues.auth_comp_id 
_pdbx_unobs_or_zero_occ_residues.auth_seq_id 
_pdbx_unobs_or_zero_occ_residues.PDB_ins_code 
_pdbx_unobs_or_zero_occ_residues.label_asym_id 
_pdbx_unobs_or_zero_occ_residues.label_comp_id 
_pdbx_unobs_or_zero_occ_residues.label_seq_id 
1  1 Y 1 A MET 807  ? A MET 1   
2  1 Y 1 A LYS 1008 ? A LYS 202 
3  1 Y 1 A GLU 1009 ? A GLU 203 
4  1 Y 1 A GLU 1010 ? A GLU 204 
5  1 Y 1 A HIS 1011 ? A HIS 205 
6  1 Y 1 A HIS 1012 ? A HIS 206 
7  1 Y 1 A HIS 1013 ? A HIS 207 
8  1 Y 1 A HIS 1014 ? A HIS 208 
9  1 Y 1 A HIS 1015 ? A HIS 209 
10 1 Y 1 A HIS 1016 ? A HIS 210 
# 
loop_
_chem_comp_atom.comp_id 
_chem_comp_atom.atom_id 
_chem_comp_atom.type_symbol 
_chem_comp_atom.pdbx_aromatic_flag 
_chem_comp_atom.pdbx_stereo_config 
_chem_comp_atom.pdbx_ordinal 
ALA N    N N N 1   
ALA CA   C N S 2   
ALA C    C N N 3   
ALA O    O N N 4   
ALA CB   C N N 5   
ALA OXT  O N N 6   
ALA H    H N N 7   
ALA H2   H N N 8   
ALA HA   H N N 9   
ALA HB1  H N N 10  
ALA HB2  H N N 11  
ALA HB3  H N N 12  
ALA HXT  H N N 13  
ARG N    N N N 14  
ARG CA   C N S 15  
ARG C    C N N 16  
ARG O    O N N 17  
ARG CB   C N N 18  
ARG CG   C N N 19  
ARG CD   C N N 20  
ARG NE   N N N 21  
ARG CZ   C N N 22  
ARG NH1  N N N 23  
ARG NH2  N N N 24  
ARG OXT  O N N 25  
ARG H    H N N 26  
ARG H2   H N N 27  
ARG HA   H N N 28  
ARG HB2  H N N 29  
ARG HB3  H N N 30  
ARG HG2  H N N 31  
ARG HG3  H N N 32  
ARG HD2  H N N 33  
ARG HD3  H N N 34  
ARG HE   H N N 35  
ARG HH11 H N N 36  
ARG HH12 H N N 37  
ARG HH21 H N N 38  
ARG HH22 H N N 39  
ARG HXT  H N N 40  
ASN N    N N N 41  
ASN CA   C N S 42  
ASN C    C N N 43  
ASN O    O N N 44  
ASN CB   C N N 45  
ASN CG   C N N 46  
ASN OD1  O N N 47  
ASN ND2  N N N 48  
ASN OXT  O N N 49  
ASN H    H N N 50  
ASN H2   H N N 51  
ASN HA   H N N 52  
ASN HB2  H N N 53  
ASN HB3  H N N 54  
ASN HD21 H N N 55  
ASN HD22 H N N 56  
ASN HXT  H N N 57  
ASP N    N N N 58  
ASP CA   C N S 59  
ASP C    C N N 60  
ASP O    O N N 61  
ASP CB   C N N 62  
ASP CG   C N N 63  
ASP OD1  O N N 64  
ASP OD2  O N N 65  
ASP OXT  O N N 66  
ASP H    H N N 67  
ASP H2   H N N 68  
ASP HA   H N N 69  
ASP HB2  H N N 70  
ASP HB3  H N N 71  
ASP HD2  H N N 72  
ASP HXT  H N N 73  
CYS N    N N N 74  
CYS CA   C N R 75  
CYS C    C N N 76  
CYS O    O N N 77  
CYS CB   C N N 78  
CYS SG   S N N 79  
CYS OXT  O N N 80  
CYS H    H N N 81  
CYS H2   H N N 82  
CYS HA   H N N 83  
CYS HB2  H N N 84  
CYS HB3  H N N 85  
CYS HG   H N N 86  
CYS HXT  H N N 87  
GAR C1   C N S 88  
GAR O6   O N N 89  
GAR C2   C N R 90  
GAR O8   O N N 91  
GAR C3   C N R 92  
GAR O4   O N N 93  
GAR C5   C N R 94  
GAR C10  C N N 95  
GAR O12  O N N 96  
GAR N19  N N N 97  
GAR C21  C N N 98  
GAR O22  O N N 99  
GAR C23  C N N 100 
GAR N24  N N N 101 
GAR P15  P N N 102 
GAR O16  O N N 103 
GAR O17  O N N 104 
GAR O18  O N N 105 
GAR H1   H N N 106 
GAR HO6  H N N 107 
GAR H2   H N N 108 
GAR HO8  H N N 109 
GAR H3   H N N 110 
GAR H5   H N N 111 
GAR H101 H N N 112 
GAR H102 H N N 113 
GAR H19  H N N 114 
GAR H231 H N N 115 
GAR H232 H N N 116 
GAR H241 H N N 117 
GAR H242 H N N 118 
GLN N    N N N 119 
GLN CA   C N S 120 
GLN C    C N N 121 
GLN O    O N N 122 
GLN CB   C N N 123 
GLN CG   C N N 124 
GLN CD   C N N 125 
GLN OE1  O N N 126 
GLN NE2  N N N 127 
GLN OXT  O N N 128 
GLN H    H N N 129 
GLN H2   H N N 130 
GLN HA   H N N 131 
GLN HB2  H N N 132 
GLN HB3  H N N 133 
GLN HG2  H N N 134 
GLN HG3  H N N 135 
GLN HE21 H N N 136 
GLN HE22 H N N 137 
GLN HXT  H N N 138 
GLU N    N N N 139 
GLU CA   C N S 140 
GLU C    C N N 141 
GLU O    O N N 142 
GLU CB   C N N 143 
GLU CG   C N N 144 
GLU CD   C N N 145 
GLU OE1  O N N 146 
GLU OE2  O N N 147 
GLU OXT  O N N 148 
GLU H    H N N 149 
GLU H2   H N N 150 
GLU HA   H N N 151 
GLU HB2  H N N 152 
GLU HB3  H N N 153 
GLU HG2  H N N 154 
GLU HG3  H N N 155 
GLU HE2  H N N 156 
GLU HXT  H N N 157 
GLY N    N N N 158 
GLY CA   C N N 159 
GLY C    C N N 160 
GLY O    O N N 161 
GLY OXT  O N N 162 
GLY H    H N N 163 
GLY H2   H N N 164 
GLY HA2  H N N 165 
GLY HA3  H N N 166 
GLY HXT  H N N 167 
HIS N    N N N 168 
HIS CA   C N S 169 
HIS C    C N N 170 
HIS O    O N N 171 
HIS CB   C N N 172 
HIS CG   C Y N 173 
HIS ND1  N Y N 174 
HIS CD2  C Y N 175 
HIS CE1  C Y N 176 
HIS NE2  N Y N 177 
HIS OXT  O N N 178 
HIS H    H N N 179 
HIS H2   H N N 180 
HIS HA   H N N 181 
HIS HB2  H N N 182 
HIS HB3  H N N 183 
HIS HD1  H N N 184 
HIS HD2  H N N 185 
HIS HE1  H N N 186 
HIS HE2  H N N 187 
HIS HXT  H N N 188 
HOH O    O N N 189 
HOH H1   H N N 190 
HOH H2   H N N 191 
ILE N    N N N 192 
ILE CA   C N S 193 
ILE C    C N N 194 
ILE O    O N N 195 
ILE CB   C N S 196 
ILE CG1  C N N 197 
ILE CG2  C N N 198 
ILE CD1  C N N 199 
ILE OXT  O N N 200 
ILE H    H N N 201 
ILE H2   H N N 202 
ILE HA   H N N 203 
ILE HB   H N N 204 
ILE HG12 H N N 205 
ILE HG13 H N N 206 
ILE HG21 H N N 207 
ILE HG22 H N N 208 
ILE HG23 H N N 209 
ILE HD11 H N N 210 
ILE HD12 H N N 211 
ILE HD13 H N N 212 
ILE HXT  H N N 213 
LEU N    N N N 214 
LEU CA   C N S 215 
LEU C    C N N 216 
LEU O    O N N 217 
LEU CB   C N N 218 
LEU CG   C N N 219 
LEU CD1  C N N 220 
LEU CD2  C N N 221 
LEU OXT  O N N 222 
LEU H    H N N 223 
LEU H2   H N N 224 
LEU HA   H N N 225 
LEU HB2  H N N 226 
LEU HB3  H N N 227 
LEU HG   H N N 228 
LEU HD11 H N N 229 
LEU HD12 H N N 230 
LEU HD13 H N N 231 
LEU HD21 H N N 232 
LEU HD22 H N N 233 
LEU HD23 H N N 234 
LEU HXT  H N N 235 
LYS N    N N N 236 
LYS CA   C N S 237 
LYS C    C N N 238 
LYS O    O N N 239 
LYS CB   C N N 240 
LYS CG   C N N 241 
LYS CD   C N N 242 
LYS CE   C N N 243 
LYS NZ   N N N 244 
LYS OXT  O N N 245 
LYS H    H N N 246 
LYS H2   H N N 247 
LYS HA   H N N 248 
LYS HB2  H N N 249 
LYS HB3  H N N 250 
LYS HG2  H N N 251 
LYS HG3  H N N 252 
LYS HD2  H N N 253 
LYS HD3  H N N 254 
LYS HE2  H N N 255 
LYS HE3  H N N 256 
LYS HZ1  H N N 257 
LYS HZ2  H N N 258 
LYS HZ3  H N N 259 
LYS HXT  H N N 260 
MET N    N N N 261 
MET CA   C N S 262 
MET C    C N N 263 
MET O    O N N 264 
MET CB   C N N 265 
MET CG   C N N 266 
MET SD   S N N 267 
MET CE   C N N 268 
MET OXT  O N N 269 
MET H    H N N 270 
MET H2   H N N 271 
MET HA   H N N 272 
MET HB2  H N N 273 
MET HB3  H N N 274 
MET HG2  H N N 275 
MET HG3  H N N 276 
MET HE1  H N N 277 
MET HE2  H N N 278 
MET HE3  H N N 279 
MET HXT  H N N 280 
PHE N    N N N 281 
PHE CA   C N S 282 
PHE C    C N N 283 
PHE O    O N N 284 
PHE CB   C N N 285 
PHE CG   C Y N 286 
PHE CD1  C Y N 287 
PHE CD2  C Y N 288 
PHE CE1  C Y N 289 
PHE CE2  C Y N 290 
PHE CZ   C Y N 291 
PHE OXT  O N N 292 
PHE H    H N N 293 
PHE H2   H N N 294 
PHE HA   H N N 295 
PHE HB2  H N N 296 
PHE HB3  H N N 297 
PHE HD1  H N N 298 
PHE HD2  H N N 299 
PHE HE1  H N N 300 
PHE HE2  H N N 301 
PHE HZ   H N N 302 
PHE HXT  H N N 303 
PRO N    N N N 304 
PRO CA   C N S 305 
PRO C    C N N 306 
PRO O    O N N 307 
PRO CB   C N N 308 
PRO CG   C N N 309 
PRO CD   C N N 310 
PRO OXT  O N N 311 
PRO H    H N N 312 
PRO HA   H N N 313 
PRO HB2  H N N 314 
PRO HB3  H N N 315 
PRO HG2  H N N 316 
PRO HG3  H N N 317 
PRO HD2  H N N 318 
PRO HD3  H N N 319 
PRO HXT  H N N 320 
SER N    N N N 321 
SER CA   C N S 322 
SER C    C N N 323 
SER O    O N N 324 
SER CB   C N N 325 
SER OG   O N N 326 
SER OXT  O N N 327 
SER H    H N N 328 
SER H2   H N N 329 
SER HA   H N N 330 
SER HB2  H N N 331 
SER HB3  H N N 332 
SER HG   H N N 333 
SER HXT  H N N 334 
THR N    N N N 335 
THR CA   C N S 336 
THR C    C N N 337 
THR O    O N N 338 
THR CB   C N R 339 
THR OG1  O N N 340 
THR CG2  C N N 341 
THR OXT  O N N 342 
THR H    H N N 343 
THR H2   H N N 344 
THR HA   H N N 345 
THR HB   H N N 346 
THR HG1  H N N 347 
THR HG21 H N N 348 
THR HG22 H N N 349 
THR HG23 H N N 350 
THR HXT  H N N 351 
TRP N    N N N 352 
TRP CA   C N S 353 
TRP C    C N N 354 
TRP O    O N N 355 
TRP CB   C N N 356 
TRP CG   C Y N 357 
TRP CD1  C Y N 358 
TRP CD2  C Y N 359 
TRP NE1  N Y N 360 
TRP CE2  C Y N 361 
TRP CE3  C Y N 362 
TRP CZ2  C Y N 363 
TRP CZ3  C Y N 364 
TRP CH2  C Y N 365 
TRP OXT  O N N 366 
TRP H    H N N 367 
TRP H2   H N N 368 
TRP HA   H N N 369 
TRP HB2  H N N 370 
TRP HB3  H N N 371 
TRP HD1  H N N 372 
TRP HE1  H N N 373 
TRP HE3  H N N 374 
TRP HZ2  H N N 375 
TRP HZ3  H N N 376 
TRP HH2  H N N 377 
TRP HXT  H N N 378 
TYR N    N N N 379 
TYR CA   C N S 380 
TYR C    C N N 381 
TYR O    O N N 382 
TYR CB   C N N 383 
TYR CG   C Y N 384 
TYR CD1  C Y N 385 
TYR CD2  C Y N 386 
TYR CE1  C Y N 387 
TYR CE2  C Y N 388 
TYR CZ   C Y N 389 
TYR OH   O N N 390 
TYR OXT  O N N 391 
TYR H    H N N 392 
TYR H2   H N N 393 
TYR HA   H N N 394 
TYR HB2  H N N 395 
TYR HB3  H N N 396 
TYR HD1  H N N 397 
TYR HD2  H N N 398 
TYR HE1  H N N 399 
TYR HE2  H N N 400 
TYR HH   H N N 401 
TYR HXT  H N N 402 
VAL N    N N N 403 
VAL CA   C N S 404 
VAL C    C N N 405 
VAL O    O N N 406 
VAL CB   C N N 407 
VAL CG1  C N N 408 
VAL CG2  C N N 409 
VAL OXT  O N N 410 
VAL H    H N N 411 
VAL H2   H N N 412 
VAL HA   H N N 413 
VAL HB   H N N 414 
VAL HG11 H N N 415 
VAL HG12 H N N 416 
VAL HG13 H N N 417 
VAL HG21 H N N 418 
VAL HG22 H N N 419 
VAL HG23 H N N 420 
VAL HXT  H N N 421 
XRR O10  O N N 422 
XRR N11  N N N 423 
XRR C14  C Y N 424 
XRR C15  C Y N 425 
XRR C17  C N N 426 
XRR O18  O N N 427 
XRR N19  N N N 428 
XRR C20  C N S 429 
XRR C21  C N N 430 
XRR C22  C N N 431 
XRR C23  C N N 432 
XRR O24  O N N 433 
XRR O25  O N N 434 
XRR C26  C N N 435 
XRR O27  O N N 436 
XRR O28  O N N 437 
XRR C29  C N N 438 
XRR C30  C N N 439 
XRR C31  C N N 440 
XRR C32  C Y N 441 
XRR C02  C N N 442 
XRR C04  C N N 443 
XRR C05  C Y N 444 
XRR C06  C Y N 445 
XRR C08  C Y N 446 
XRR C09  C Y N 447 
XRR C12  C Y N 448 
XRR N01  N N N 449 
XRR N03  N N N 450 
XRR S07  S Y N 451 
XRR S13  S Y N 452 
XRR H1   H N N 453 
XRR H2   H N N 454 
XRR H3   H N N 455 
XRR H4   H N N 456 
XRR H5   H N N 457 
XRR H6   H N N 458 
XRR H7   H N N 459 
XRR H8   H N N 460 
XRR H9   H N N 461 
XRR H10  H N N 462 
XRR H11  H N N 463 
XRR H12  H N N 464 
XRR H13  H N N 465 
XRR H14  H N N 466 
XRR H15  H N N 467 
XRR H16  H N N 468 
XRR H17  H N N 469 
XRR H18  H N N 470 
XRR H19  H N N 471 
XRR H20  H N N 472 
# 
loop_
_chem_comp_bond.comp_id 
_chem_comp_bond.atom_id_1 
_chem_comp_bond.atom_id_2 
_chem_comp_bond.value_order 
_chem_comp_bond.pdbx_aromatic_flag 
_chem_comp_bond.pdbx_stereo_config 
_chem_comp_bond.pdbx_ordinal 
ALA N   CA   sing N N 1   
ALA N   H    sing N N 2   
ALA N   H2   sing N N 3   
ALA CA  C    sing N N 4   
ALA CA  CB   sing N N 5   
ALA CA  HA   sing N N 6   
ALA C   O    doub N N 7   
ALA C   OXT  sing N N 8   
ALA CB  HB1  sing N N 9   
ALA CB  HB2  sing N N 10  
ALA CB  HB3  sing N N 11  
ALA OXT HXT  sing N N 12  
ARG N   CA   sing N N 13  
ARG N   H    sing N N 14  
ARG N   H2   sing N N 15  
ARG CA  C    sing N N 16  
ARG CA  CB   sing N N 17  
ARG CA  HA   sing N N 18  
ARG C   O    doub N N 19  
ARG C   OXT  sing N N 20  
ARG CB  CG   sing N N 21  
ARG CB  HB2  sing N N 22  
ARG CB  HB3  sing N N 23  
ARG CG  CD   sing N N 24  
ARG CG  HG2  sing N N 25  
ARG CG  HG3  sing N N 26  
ARG CD  NE   sing N N 27  
ARG CD  HD2  sing N N 28  
ARG CD  HD3  sing N N 29  
ARG NE  CZ   sing N N 30  
ARG NE  HE   sing N N 31  
ARG CZ  NH1  sing N N 32  
ARG CZ  NH2  doub N N 33  
ARG NH1 HH11 sing N N 34  
ARG NH1 HH12 sing N N 35  
ARG NH2 HH21 sing N N 36  
ARG NH2 HH22 sing N N 37  
ARG OXT HXT  sing N N 38  
ASN N   CA   sing N N 39  
ASN N   H    sing N N 40  
ASN N   H2   sing N N 41  
ASN CA  C    sing N N 42  
ASN CA  CB   sing N N 43  
ASN CA  HA   sing N N 44  
ASN C   O    doub N N 45  
ASN C   OXT  sing N N 46  
ASN CB  CG   sing N N 47  
ASN CB  HB2  sing N N 48  
ASN CB  HB3  sing N N 49  
ASN CG  OD1  doub N N 50  
ASN CG  ND2  sing N N 51  
ASN ND2 HD21 sing N N 52  
ASN ND2 HD22 sing N N 53  
ASN OXT HXT  sing N N 54  
ASP N   CA   sing N N 55  
ASP N   H    sing N N 56  
ASP N   H2   sing N N 57  
ASP CA  C    sing N N 58  
ASP CA  CB   sing N N 59  
ASP CA  HA   sing N N 60  
ASP C   O    doub N N 61  
ASP C   OXT  sing N N 62  
ASP CB  CG   sing N N 63  
ASP CB  HB2  sing N N 64  
ASP CB  HB3  sing N N 65  
ASP CG  OD1  doub N N 66  
ASP CG  OD2  sing N N 67  
ASP OD2 HD2  sing N N 68  
ASP OXT HXT  sing N N 69  
CYS N   CA   sing N N 70  
CYS N   H    sing N N 71  
CYS N   H2   sing N N 72  
CYS CA  C    sing N N 73  
CYS CA  CB   sing N N 74  
CYS CA  HA   sing N N 75  
CYS C   O    doub N N 76  
CYS C   OXT  sing N N 77  
CYS CB  SG   sing N N 78  
CYS CB  HB2  sing N N 79  
CYS CB  HB3  sing N N 80  
CYS SG  HG   sing N N 81  
CYS OXT HXT  sing N N 82  
GAR C1  O6   sing N N 83  
GAR C1  C2   sing N N 84  
GAR C1  C5   sing N N 85  
GAR C1  H1   sing N N 86  
GAR O6  HO6  sing N N 87  
GAR C2  O8   sing N N 88  
GAR C2  C3   sing N N 89  
GAR C2  H2   sing N N 90  
GAR O8  HO8  sing N N 91  
GAR C3  O4   sing N N 92  
GAR C3  N19  sing N N 93  
GAR C3  H3   sing N N 94  
GAR O4  C5   sing N N 95  
GAR C5  C10  sing N N 96  
GAR C5  H5   sing N N 97  
GAR C10 O12  sing N N 98  
GAR C10 H101 sing N N 99  
GAR C10 H102 sing N N 100 
GAR O12 P15  sing N N 101 
GAR N19 C21  sing N N 102 
GAR N19 H19  sing N N 103 
GAR C21 O22  doub N N 104 
GAR C21 C23  sing N N 105 
GAR C23 N24  sing N N 106 
GAR C23 H231 sing N N 107 
GAR C23 H232 sing N N 108 
GAR N24 H241 sing N N 109 
GAR N24 H242 sing N N 110 
GAR P15 O16  doub N N 111 
GAR P15 O17  sing N N 112 
GAR P15 O18  sing N N 113 
GLN N   CA   sing N N 114 
GLN N   H    sing N N 115 
GLN N   H2   sing N N 116 
GLN CA  C    sing N N 117 
GLN CA  CB   sing N N 118 
GLN CA  HA   sing N N 119 
GLN C   O    doub N N 120 
GLN C   OXT  sing N N 121 
GLN CB  CG   sing N N 122 
GLN CB  HB2  sing N N 123 
GLN CB  HB3  sing N N 124 
GLN CG  CD   sing N N 125 
GLN CG  HG2  sing N N 126 
GLN CG  HG3  sing N N 127 
GLN CD  OE1  doub N N 128 
GLN CD  NE2  sing N N 129 
GLN NE2 HE21 sing N N 130 
GLN NE2 HE22 sing N N 131 
GLN OXT HXT  sing N N 132 
GLU N   CA   sing N N 133 
GLU N   H    sing N N 134 
GLU N   H2   sing N N 135 
GLU CA  C    sing N N 136 
GLU CA  CB   sing N N 137 
GLU CA  HA   sing N N 138 
GLU C   O    doub N N 139 
GLU C   OXT  sing N N 140 
GLU CB  CG   sing N N 141 
GLU CB  HB2  sing N N 142 
GLU CB  HB3  sing N N 143 
GLU CG  CD   sing N N 144 
GLU CG  HG2  sing N N 145 
GLU CG  HG3  sing N N 146 
GLU CD  OE1  doub N N 147 
GLU CD  OE2  sing N N 148 
GLU OE2 HE2  sing N N 149 
GLU OXT HXT  sing N N 150 
GLY N   CA   sing N N 151 
GLY N   H    sing N N 152 
GLY N   H2   sing N N 153 
GLY CA  C    sing N N 154 
GLY CA  HA2  sing N N 155 
GLY CA  HA3  sing N N 156 
GLY C   O    doub N N 157 
GLY C   OXT  sing N N 158 
GLY OXT HXT  sing N N 159 
HIS N   CA   sing N N 160 
HIS N   H    sing N N 161 
HIS N   H2   sing N N 162 
HIS CA  C    sing N N 163 
HIS CA  CB   sing N N 164 
HIS CA  HA   sing N N 165 
HIS C   O    doub N N 166 
HIS C   OXT  sing N N 167 
HIS CB  CG   sing N N 168 
HIS CB  HB2  sing N N 169 
HIS CB  HB3  sing N N 170 
HIS CG  ND1  sing Y N 171 
HIS CG  CD2  doub Y N 172 
HIS ND1 CE1  doub Y N 173 
HIS ND1 HD1  sing N N 174 
HIS CD2 NE2  sing Y N 175 
HIS CD2 HD2  sing N N 176 
HIS CE1 NE2  sing Y N 177 
HIS CE1 HE1  sing N N 178 
HIS NE2 HE2  sing N N 179 
HIS OXT HXT  sing N N 180 
HOH O   H1   sing N N 181 
HOH O   H2   sing N N 182 
ILE N   CA   sing N N 183 
ILE N   H    sing N N 184 
ILE N   H2   sing N N 185 
ILE CA  C    sing N N 186 
ILE CA  CB   sing N N 187 
ILE CA  HA   sing N N 188 
ILE C   O    doub N N 189 
ILE C   OXT  sing N N 190 
ILE CB  CG1  sing N N 191 
ILE CB  CG2  sing N N 192 
ILE CB  HB   sing N N 193 
ILE CG1 CD1  sing N N 194 
ILE CG1 HG12 sing N N 195 
ILE CG1 HG13 sing N N 196 
ILE CG2 HG21 sing N N 197 
ILE CG2 HG22 sing N N 198 
ILE CG2 HG23 sing N N 199 
ILE CD1 HD11 sing N N 200 
ILE CD1 HD12 sing N N 201 
ILE CD1 HD13 sing N N 202 
ILE OXT HXT  sing N N 203 
LEU N   CA   sing N N 204 
LEU N   H    sing N N 205 
LEU N   H2   sing N N 206 
LEU CA  C    sing N N 207 
LEU CA  CB   sing N N 208 
LEU CA  HA   sing N N 209 
LEU C   O    doub N N 210 
LEU C   OXT  sing N N 211 
LEU CB  CG   sing N N 212 
LEU CB  HB2  sing N N 213 
LEU CB  HB3  sing N N 214 
LEU CG  CD1  sing N N 215 
LEU CG  CD2  sing N N 216 
LEU CG  HG   sing N N 217 
LEU CD1 HD11 sing N N 218 
LEU CD1 HD12 sing N N 219 
LEU CD1 HD13 sing N N 220 
LEU CD2 HD21 sing N N 221 
LEU CD2 HD22 sing N N 222 
LEU CD2 HD23 sing N N 223 
LEU OXT HXT  sing N N 224 
LYS N   CA   sing N N 225 
LYS N   H    sing N N 226 
LYS N   H2   sing N N 227 
LYS CA  C    sing N N 228 
LYS CA  CB   sing N N 229 
LYS CA  HA   sing N N 230 
LYS C   O    doub N N 231 
LYS C   OXT  sing N N 232 
LYS CB  CG   sing N N 233 
LYS CB  HB2  sing N N 234 
LYS CB  HB3  sing N N 235 
LYS CG  CD   sing N N 236 
LYS CG  HG2  sing N N 237 
LYS CG  HG3  sing N N 238 
LYS CD  CE   sing N N 239 
LYS CD  HD2  sing N N 240 
LYS CD  HD3  sing N N 241 
LYS CE  NZ   sing N N 242 
LYS CE  HE2  sing N N 243 
LYS CE  HE3  sing N N 244 
LYS NZ  HZ1  sing N N 245 
LYS NZ  HZ2  sing N N 246 
LYS NZ  HZ3  sing N N 247 
LYS OXT HXT  sing N N 248 
MET N   CA   sing N N 249 
MET N   H    sing N N 250 
MET N   H2   sing N N 251 
MET CA  C    sing N N 252 
MET CA  CB   sing N N 253 
MET CA  HA   sing N N 254 
MET C   O    doub N N 255 
MET C   OXT  sing N N 256 
MET CB  CG   sing N N 257 
MET CB  HB2  sing N N 258 
MET CB  HB3  sing N N 259 
MET CG  SD   sing N N 260 
MET CG  HG2  sing N N 261 
MET CG  HG3  sing N N 262 
MET SD  CE   sing N N 263 
MET CE  HE1  sing N N 264 
MET CE  HE2  sing N N 265 
MET CE  HE3  sing N N 266 
MET OXT HXT  sing N N 267 
PHE N   CA   sing N N 268 
PHE N   H    sing N N 269 
PHE N   H2   sing N N 270 
PHE CA  C    sing N N 271 
PHE CA  CB   sing N N 272 
PHE CA  HA   sing N N 273 
PHE C   O    doub N N 274 
PHE C   OXT  sing N N 275 
PHE CB  CG   sing N N 276 
PHE CB  HB2  sing N N 277 
PHE CB  HB3  sing N N 278 
PHE CG  CD1  doub Y N 279 
PHE CG  CD2  sing Y N 280 
PHE CD1 CE1  sing Y N 281 
PHE CD1 HD1  sing N N 282 
PHE CD2 CE2  doub Y N 283 
PHE CD2 HD2  sing N N 284 
PHE CE1 CZ   doub Y N 285 
PHE CE1 HE1  sing N N 286 
PHE CE2 CZ   sing Y N 287 
PHE CE2 HE2  sing N N 288 
PHE CZ  HZ   sing N N 289 
PHE OXT HXT  sing N N 290 
PRO N   CA   sing N N 291 
PRO N   CD   sing N N 292 
PRO N   H    sing N N 293 
PRO CA  C    sing N N 294 
PRO CA  CB   sing N N 295 
PRO CA  HA   sing N N 296 
PRO C   O    doub N N 297 
PRO C   OXT  sing N N 298 
PRO CB  CG   sing N N 299 
PRO CB  HB2  sing N N 300 
PRO CB  HB3  sing N N 301 
PRO CG  CD   sing N N 302 
PRO CG  HG2  sing N N 303 
PRO CG  HG3  sing N N 304 
PRO CD  HD2  sing N N 305 
PRO CD  HD3  sing N N 306 
PRO OXT HXT  sing N N 307 
SER N   CA   sing N N 308 
SER N   H    sing N N 309 
SER N   H2   sing N N 310 
SER CA  C    sing N N 311 
SER CA  CB   sing N N 312 
SER CA  HA   sing N N 313 
SER C   O    doub N N 314 
SER C   OXT  sing N N 315 
SER CB  OG   sing N N 316 
SER CB  HB2  sing N N 317 
SER CB  HB3  sing N N 318 
SER OG  HG   sing N N 319 
SER OXT HXT  sing N N 320 
THR N   CA   sing N N 321 
THR N   H    sing N N 322 
THR N   H2   sing N N 323 
THR CA  C    sing N N 324 
THR CA  CB   sing N N 325 
THR CA  HA   sing N N 326 
THR C   O    doub N N 327 
THR C   OXT  sing N N 328 
THR CB  OG1  sing N N 329 
THR CB  CG2  sing N N 330 
THR CB  HB   sing N N 331 
THR OG1 HG1  sing N N 332 
THR CG2 HG21 sing N N 333 
THR CG2 HG22 sing N N 334 
THR CG2 HG23 sing N N 335 
THR OXT HXT  sing N N 336 
TRP N   CA   sing N N 337 
TRP N   H    sing N N 338 
TRP N   H2   sing N N 339 
TRP CA  C    sing N N 340 
TRP CA  CB   sing N N 341 
TRP CA  HA   sing N N 342 
TRP C   O    doub N N 343 
TRP C   OXT  sing N N 344 
TRP CB  CG   sing N N 345 
TRP CB  HB2  sing N N 346 
TRP CB  HB3  sing N N 347 
TRP CG  CD1  doub Y N 348 
TRP CG  CD2  sing Y N 349 
TRP CD1 NE1  sing Y N 350 
TRP CD1 HD1  sing N N 351 
TRP CD2 CE2  doub Y N 352 
TRP CD2 CE3  sing Y N 353 
TRP NE1 CE2  sing Y N 354 
TRP NE1 HE1  sing N N 355 
TRP CE2 CZ2  sing Y N 356 
TRP CE3 CZ3  doub Y N 357 
TRP CE3 HE3  sing N N 358 
TRP CZ2 CH2  doub Y N 359 
TRP CZ2 HZ2  sing N N 360 
TRP CZ3 CH2  sing Y N 361 
TRP CZ3 HZ3  sing N N 362 
TRP CH2 HH2  sing N N 363 
TRP OXT HXT  sing N N 364 
TYR N   CA   sing N N 365 
TYR N   H    sing N N 366 
TYR N   H2   sing N N 367 
TYR CA  C    sing N N 368 
TYR CA  CB   sing N N 369 
TYR CA  HA   sing N N 370 
TYR C   O    doub N N 371 
TYR C   OXT  sing N N 372 
TYR CB  CG   sing N N 373 
TYR CB  HB2  sing N N 374 
TYR CB  HB3  sing N N 375 
TYR CG  CD1  doub Y N 376 
TYR CG  CD2  sing Y N 377 
TYR CD1 CE1  sing Y N 378 
TYR CD1 HD1  sing N N 379 
TYR CD2 CE2  doub Y N 380 
TYR CD2 HD2  sing N N 381 
TYR CE1 CZ   doub Y N 382 
TYR CE1 HE1  sing N N 383 
TYR CE2 CZ   sing Y N 384 
TYR CE2 HE2  sing N N 385 
TYR CZ  OH   sing N N 386 
TYR OH  HH   sing N N 387 
TYR OXT HXT  sing N N 388 
VAL N   CA   sing N N 389 
VAL N   H    sing N N 390 
VAL N   H2   sing N N 391 
VAL CA  C    sing N N 392 
VAL CA  CB   sing N N 393 
VAL CA  HA   sing N N 394 
VAL C   O    doub N N 395 
VAL C   OXT  sing N N 396 
VAL CB  CG1  sing N N 397 
VAL CB  CG2  sing N N 398 
VAL CB  HB   sing N N 399 
VAL CG1 HG11 sing N N 400 
VAL CG1 HG12 sing N N 401 
VAL CG1 HG13 sing N N 402 
VAL CG2 HG21 sing N N 403 
VAL CG2 HG22 sing N N 404 
VAL CG2 HG23 sing N N 405 
VAL OXT HXT  sing N N 406 
XRR N11 C02  sing N N 407 
XRR C02 N03  sing N N 408 
XRR C02 N01  doub N N 409 
XRR N03 C04  sing N N 410 
XRR C04 O10  doub N N 411 
XRR C04 C08  sing N N 412 
XRR N01 C09  sing N N 413 
XRR C09 C08  doub Y N 414 
XRR C09 S07  sing Y N 415 
XRR C08 C05  sing Y N 416 
XRR C05 C06  doub Y N 417 
XRR S07 C06  sing Y N 418 
XRR C06 C29  sing N N 419 
XRR C29 C30  sing N N 420 
XRR C30 C31  sing N N 421 
XRR C31 C32  sing N N 422 
XRR C32 C14  sing Y N 423 
XRR C32 C15  doub Y N 424 
XRR C14 C12  doub Y N 425 
XRR C15 S13  sing Y N 426 
XRR O28 C26  doub N N 427 
XRR C12 S13  sing Y N 428 
XRR C12 C17  sing N N 429 
XRR C26 O27  sing N N 430 
XRR C26 C20  sing N N 431 
XRR N19 C17  sing N N 432 
XRR N19 C20  sing N N 433 
XRR C17 O18  doub N N 434 
XRR C20 C21  sing N N 435 
XRR C21 C22  sing N N 436 
XRR O25 C23  doub N N 437 
XRR C22 C23  sing N N 438 
XRR C23 O24  sing N N 439 
XRR N11 H1   sing N N 440 
XRR N11 H2   sing N N 441 
XRR C14 H3   sing N N 442 
XRR C15 H4   sing N N 443 
XRR N19 H5   sing N N 444 
XRR C20 H6   sing N N 445 
XRR C21 H7   sing N N 446 
XRR C21 H8   sing N N 447 
XRR C22 H9   sing N N 448 
XRR C22 H10  sing N N 449 
XRR O24 H11  sing N N 450 
XRR O27 H12  sing N N 451 
XRR C29 H13  sing N N 452 
XRR C29 H14  sing N N 453 
XRR C30 H15  sing N N 454 
XRR C30 H16  sing N N 455 
XRR C31 H17  sing N N 456 
XRR C31 H18  sing N N 457 
XRR C05 H19  sing N N 458 
XRR N03 H20  sing N N 459 
# 
loop_
_pdbx_audit_support.funding_organization 
_pdbx_audit_support.country 
_pdbx_audit_support.grant_number 
_pdbx_audit_support.ordinal 
'National Institutes of Health/National Cancer Institute (NIH/NCI)' 'United States' CA166711 1 
'National Institutes of Health/National Cancer Institute (NIH/NCI)' 'United States' CA250469 2 
# 
_pdbx_entity_instance_feature.ordinal        1 
_pdbx_entity_instance_feature.comp_id        XRR 
_pdbx_entity_instance_feature.asym_id        ? 
_pdbx_entity_instance_feature.seq_num        ? 
_pdbx_entity_instance_feature.auth_comp_id   XRR 
_pdbx_entity_instance_feature.auth_asym_id   ? 
_pdbx_entity_instance_feature.auth_seq_num   ? 
_pdbx_entity_instance_feature.feature_type   'SUBJECT OF INVESTIGATION' 
_pdbx_entity_instance_feature.details        ? 
# 
loop_
_pdbx_entity_nonpoly.entity_id 
_pdbx_entity_nonpoly.name 
_pdbx_entity_nonpoly.comp_id 
2 'GLYCINAMIDE RIBONUCLEOTIDE'                                                                                 GAR 
3 'N-{4-[3-(2-amino-4-oxo-3,4-dihydrothieno[2,3-d]pyrimidin-6-yl)propyl]thiophene-2-carbonyl}-L-glutamic acid' XRR 
4 water                                                                                                        HOH 
# 
_pdbx_initial_refinement_model.id               1 
_pdbx_initial_refinement_model.entity_id_list   ? 
_pdbx_initial_refinement_model.type             'experimental model' 
_pdbx_initial_refinement_model.source_name      PDB 
_pdbx_initial_refinement_model.accession_code   5J9F 
_pdbx_initial_refinement_model.details          'PDB entry 5J9F' 
# 
_pdbx_struct_assembly_auth_evidence.id                     1 
_pdbx_struct_assembly_auth_evidence.assembly_id            1 
_pdbx_struct_assembly_auth_evidence.experimental_support   homology 
_pdbx_struct_assembly_auth_evidence.details                ? 
# 
